data_2NZT
#
_entry.id   2NZT
#
_cell.length_a   94.890
_cell.length_b   129.338
_cell.length_c   187.232
_cell.angle_alpha   90.00
_cell.angle_beta   90.00
_cell.angle_gamma   90.00
#
_symmetry.space_group_name_H-M   'P 21 21 21'
#
loop_
_entity.id
_entity.type
_entity.pdbx_description
1 polymer Hexokinase-2
2 non-polymer alpha-D-glucopyranose
3 non-polymer 6-O-phosphono-beta-D-glucopyranose
4 non-polymer 'UNKNOWN ATOM OR ION'
5 water water
#
_entity_poly.entity_id   1
_entity_poly.type   'polypeptide(L)'
_entity_poly.pdbx_seq_one_letter_code
;GSDQVQKVDQYLYHMRLSDETLLEISKRFRKEMEKGLGATTHPTAAVKMLPTFVRSTPDGTEHGEFLALDLGGTNFRVLW
VKVTDNGLQKVEMENQIYAIPEDIMRGSGTQLFDHIAECLANFMDKLQIKDKKLPLGFTFSFPCHQTKLDESFLVSWTKG
FKSSGVEGRDVVALIRKAIQRRGDFDIDIVAVVNDTVGTMMTCGYDDHNCEIGLIVGTGSNACYMEEMRHIDMVEGDEGR
MCINMEWGAFGDDGSLNDIRTEFDQEIDMGSLNPGKQLFEKMISGMYMGELVRLILVKMAKEELLFGGKLSPELLNTGRF
ETKDISDIEGEKDGIRKAREVLMRLGLDPTQEDCVATHRICQIVSTRSASLCAATLAAVLQRIKENKGEERLRSTIGVDG
SVYKKHPHFAKRLHKTVRRLVPGCDVRFLRSEDGSGKGAAMVTAVAYRLADQHRARQKTLEHLQLSHDQLLEVKRRMKVE
MERGLSKETHASAPVKMLPTYVCATPDGTEKGDFLALDLGGTNFRVLLVRVRNGKWGGVEMHNKIYAIPQEVMHGTGDEL
FDHIVQCIADFLEYMGMKGVSLPLGFTFSFPCQQNSLDESILLKWTKGFKASGCEGEDVVTLLKEAIHRREEFDLDVVAV
VNDTVGTMMTCGFEDPHCEVGLIVGTGSNACYMEEMRNVELVEGEEGRMCVNMEWGAFGDNGCLDDFRTEFDVAVDELSL
NPGKQRFEKMISGMYLGEIVRNILIDFTKRGLLFRGRISERLKTRGIFETKFLSQIESDCLALLQVRAILQHLGLESTCD
DSIIVKEVCTVVARRAAQLCGAGMAAVVDRIRENRGLDALKVTVGVDGTLYKLHPHFAKVMHETVKDLAPKCDVSFLQSE
DGSGKGAALITAVACRIREAGQ
;
_entity_poly.pdbx_strand_id   A,B
#
loop_
_chem_comp.id
_chem_comp.type
_chem_comp.name
_chem_comp.formula
BG6 D-saccharide, beta linking 6-O-phosphono-beta-D-glucopyranose 'C6 H13 O9 P'
GLC D-saccharide, alpha linking alpha-D-glucopyranose 'C6 H12 O6'
UNX non-polymer 'UNKNOWN ATOM OR ION' ?
#
# COMPACT_ATOMS: atom_id res chain seq x y z
N ASP A 3 -33.89 -34.50 41.84
CA ASP A 3 -33.53 -34.17 43.26
C ASP A 3 -32.25 -33.29 43.35
N GLN A 4 -31.08 -33.93 43.36
CA GLN A 4 -29.78 -33.25 43.24
C GLN A 4 -29.65 -32.70 41.85
N VAL A 5 -29.99 -33.54 40.86
CA VAL A 5 -29.93 -33.12 39.47
C VAL A 5 -30.62 -31.77 39.27
N GLN A 6 -31.88 -31.66 39.70
CA GLN A 6 -32.67 -30.46 39.39
C GLN A 6 -32.31 -29.25 40.24
N LYS A 7 -31.41 -29.38 41.20
CA LYS A 7 -30.95 -28.19 41.93
C LYS A 7 -29.60 -27.66 41.41
N VAL A 8 -28.75 -28.58 40.95
CA VAL A 8 -27.53 -28.25 40.16
C VAL A 8 -27.89 -27.43 38.91
N ASP A 9 -28.86 -27.90 38.15
CA ASP A 9 -29.43 -27.15 37.02
C ASP A 9 -29.92 -25.71 37.35
N GLN A 10 -30.39 -25.49 38.57
CA GLN A 10 -30.85 -24.15 39.01
C GLN A 10 -29.67 -23.35 39.50
N TYR A 11 -28.68 -24.05 40.04
CA TYR A 11 -27.44 -23.44 40.45
C TYR A 11 -26.62 -22.98 39.24
N LEU A 12 -26.45 -23.89 38.26
CA LEU A 12 -25.68 -23.65 37.04
C LEU A 12 -26.62 -23.32 35.87
N TYR A 13 -27.61 -22.48 36.12
CA TYR A 13 -28.62 -22.15 35.11
C TYR A 13 -28.05 -21.44 33.90
N HIS A 14 -27.03 -20.62 34.19
CA HIS A 14 -26.37 -19.78 33.20
C HIS A 14 -25.25 -20.52 32.40
N MET A 15 -24.98 -21.77 32.76
CA MET A 15 -24.12 -22.65 31.95
C MET A 15 -24.94 -23.63 31.15
N ARG A 16 -26.24 -23.43 31.14
CA ARG A 16 -27.17 -24.27 30.41
C ARG A 16 -27.89 -23.37 29.40
N LEU A 17 -27.51 -23.54 28.13
CA LEU A 17 -27.71 -22.53 27.13
C LEU A 17 -28.76 -22.92 26.14
N SER A 18 -29.77 -22.07 26.02
CA SER A 18 -30.89 -22.33 25.14
C SER A 18 -30.46 -22.24 23.72
N ASP A 19 -31.22 -22.83 22.82
CA ASP A 19 -31.08 -22.53 21.41
C ASP A 19 -31.14 -21.04 21.13
N GLU A 20 -31.97 -20.31 21.87
CA GLU A 20 -32.10 -18.86 21.66
C GLU A 20 -30.81 -18.09 21.90
N THR A 21 -30.14 -18.39 23.00
CA THR A 21 -28.86 -17.78 23.27
C THR A 21 -27.75 -18.39 22.39
N LEU A 22 -27.88 -19.67 22.02
CA LEU A 22 -26.90 -20.25 21.11
C LEU A 22 -26.95 -19.54 19.75
N LEU A 23 -28.16 -19.33 19.20
CA LEU A 23 -28.33 -18.59 17.92
C LEU A 23 -27.88 -17.13 17.99
N GLU A 24 -27.98 -16.53 19.15
CA GLU A 24 -27.48 -15.18 19.35
C GLU A 24 -25.96 -15.17 19.28
N ILE A 25 -25.34 -16.11 19.99
CA ILE A 25 -23.87 -16.30 19.97
C ILE A 25 -23.32 -16.47 18.55
N SER A 26 -23.99 -17.26 17.73
CA SER A 26 -23.54 -17.45 16.35
C SER A 26 -23.77 -16.21 15.43
N LYS A 27 -24.79 -15.41 15.70
CA LYS A 27 -24.92 -14.12 15.01
C LYS A 27 -23.75 -13.19 15.36
N ARG A 28 -23.32 -13.18 16.61
CA ARG A 28 -22.20 -12.34 17.02
C ARG A 28 -20.94 -12.79 16.37
N PHE A 29 -20.77 -14.10 16.30
CA PHE A 29 -19.55 -14.69 15.75
C PHE A 29 -19.39 -14.32 14.30
N ARG A 30 -20.46 -14.48 13.54
CA ARG A 30 -20.54 -14.00 12.20
C ARG A 30 -20.08 -12.58 12.04
N LYS A 31 -20.53 -11.70 12.92
CA LYS A 31 -20.10 -10.35 12.86
C LYS A 31 -18.61 -10.25 13.12
N GLU A 32 -18.07 -11.14 13.95
CA GLU A 32 -16.62 -11.19 14.24
C GLU A 32 -15.80 -11.75 13.08
N MET A 33 -16.35 -12.70 12.37
CA MET A 33 -15.74 -13.18 11.13
C MET A 33 -15.53 -12.06 10.10
N GLU A 34 -16.56 -11.28 9.85
CA GLU A 34 -16.45 -10.19 8.89
C GLU A 34 -15.48 -9.13 9.32
N LYS A 35 -15.59 -8.71 10.56
CA LYS A 35 -14.62 -7.80 11.17
C LYS A 35 -13.17 -8.29 11.03
N GLY A 36 -12.91 -9.58 11.19
CA GLY A 36 -11.58 -10.14 11.07
C GLY A 36 -11.04 -10.19 9.66
N LEU A 37 -11.93 -10.35 8.71
CA LEU A 37 -11.57 -10.44 7.29
C LEU A 37 -11.42 -9.08 6.58
N GLY A 38 -12.10 -8.06 7.10
CA GLY A 38 -12.02 -6.70 6.54
C GLY A 38 -10.64 -6.07 6.66
N ALA A 39 -10.17 -5.40 5.61
CA ALA A 39 -8.84 -4.80 5.67
C ALA A 39 -8.72 -3.85 6.84
N THR A 40 -9.74 -3.02 7.03
CA THR A 40 -9.62 -1.86 7.90
C THR A 40 -9.99 -2.14 9.36
N THR A 41 -10.89 -3.09 9.56
CA THR A 41 -11.28 -3.54 10.90
C THR A 41 -10.43 -4.71 11.46
N HIS A 42 -9.78 -5.49 10.61
CA HIS A 42 -8.97 -6.65 11.04
C HIS A 42 -8.03 -6.43 12.26
N PRO A 43 -7.23 -5.34 12.28
CA PRO A 43 -6.36 -5.10 13.46
C PRO A 43 -7.09 -4.96 14.83
N THR A 44 -8.37 -4.60 14.80
CA THR A 44 -9.20 -4.47 16.02
C THR A 44 -10.03 -5.74 16.31
N ALA A 45 -9.90 -6.76 15.47
CA ALA A 45 -10.73 -7.98 15.52
C ALA A 45 -10.21 -8.98 16.52
N ALA A 46 -11.09 -9.46 17.40
CA ALA A 46 -10.73 -10.54 18.38
C ALA A 46 -10.54 -11.85 17.66
N VAL A 47 -11.45 -12.14 16.72
CA VAL A 47 -11.35 -13.30 15.82
C VAL A 47 -10.59 -12.85 14.57
N LYS A 48 -9.39 -13.40 14.40
CA LYS A 48 -8.38 -12.86 13.49
C LYS A 48 -8.49 -13.32 12.06
N MET A 49 -9.17 -14.43 11.83
CA MET A 49 -9.46 -14.88 10.48
C MET A 49 -8.21 -14.87 9.65
N LEU A 50 -7.25 -15.69 10.05
CA LEU A 50 -5.90 -15.62 9.53
C LEU A 50 -5.82 -16.41 8.24
N PRO A 51 -5.37 -15.78 7.14
CA PRO A 51 -5.03 -16.52 5.92
C PRO A 51 -3.98 -17.62 6.12
N THR A 52 -4.12 -18.69 5.35
CA THR A 52 -3.28 -19.87 5.50
C THR A 52 -2.59 -20.24 4.18
N PHE A 53 -3.07 -19.64 3.09
CA PHE A 53 -2.58 -19.91 1.72
C PHE A 53 -2.74 -21.34 1.28
N VAL A 54 -3.67 -22.06 1.91
CA VAL A 54 -4.09 -23.35 1.44
C VAL A 54 -5.36 -23.05 0.69
N ARG A 55 -5.36 -23.38 -0.58
CA ARG A 55 -6.39 -22.97 -1.49
C ARG A 55 -7.28 -24.10 -1.89
N SER A 56 -6.89 -25.31 -1.56
CA SER A 56 -7.70 -26.42 -1.93
C SER A 56 -7.36 -27.65 -1.17
N THR A 57 -8.34 -28.55 -1.09
CA THR A 57 -8.09 -29.91 -0.61
C THR A 57 -7.28 -30.63 -1.66
N PRO A 58 -6.68 -31.79 -1.30
CA PRO A 58 -5.88 -32.51 -2.27
C PRO A 58 -6.57 -32.79 -3.61
N ASP A 59 -5.75 -32.72 -4.66
CA ASP A 59 -6.05 -33.07 -6.06
C ASP A 59 -6.15 -34.57 -6.23
N GLY A 60 -5.17 -35.25 -5.61
CA GLY A 60 -4.83 -36.62 -5.90
C GLY A 60 -3.49 -36.71 -6.62
N THR A 61 -2.96 -35.56 -7.06
CA THR A 61 -1.69 -35.47 -7.83
C THR A 61 -0.47 -35.35 -6.94
N GLU A 62 -0.73 -35.22 -5.64
CA GLU A 62 0.34 -35.07 -4.66
C GLU A 62 1.10 -36.38 -4.60
N HIS A 63 2.42 -36.29 -4.71
CA HIS A 63 3.32 -37.43 -4.47
C HIS A 63 4.55 -36.90 -3.78
N GLY A 64 5.32 -37.79 -3.14
CA GLY A 64 6.63 -37.42 -2.52
C GLY A 64 6.92 -38.01 -1.15
N GLU A 65 8.12 -37.81 -0.66
CA GLU A 65 8.50 -38.31 0.66
C GLU A 65 8.74 -37.11 1.57
N PHE A 66 8.17 -37.15 2.77
CA PHE A 66 8.13 -35.97 3.64
C PHE A 66 8.40 -36.28 5.08
N LEU A 67 9.04 -35.32 5.75
CA LEU A 67 9.10 -35.26 7.16
C LEU A 67 7.90 -34.42 7.62
N ALA A 68 7.47 -34.60 8.87
CA ALA A 68 6.50 -33.69 9.45
C ALA A 68 6.76 -33.49 10.91
N LEU A 69 6.22 -32.41 11.46
CA LEU A 69 6.22 -32.17 12.89
C LEU A 69 4.80 -31.83 13.25
N ASP A 70 4.39 -32.22 14.45
CA ASP A 70 3.01 -31.96 14.92
C ASP A 70 3.15 -31.38 16.29
N LEU A 71 3.00 -30.06 16.42
CA LEU A 71 3.31 -29.38 17.67
C LEU A 71 2.16 -28.46 18.14
N GLY A 72 1.77 -28.65 19.38
CA GLY A 72 0.82 -27.78 20.04
C GLY A 72 -0.32 -28.49 20.74
N GLY A 73 -0.54 -29.75 20.39
CA GLY A 73 -1.54 -30.56 21.02
C GLY A 73 -0.92 -31.35 22.16
N THR A 74 -1.61 -32.42 22.59
CA THR A 74 -1.19 -33.14 23.80
C THR A 74 0.08 -33.91 23.52
N ASN A 75 0.28 -34.32 22.27
CA ASN A 75 1.51 -35.05 21.88
C ASN A 75 2.29 -34.42 20.68
N PHE A 76 3.52 -33.99 20.99
CA PHE A 76 4.50 -33.61 20.00
C PHE A 76 4.93 -34.84 19.29
N ARG A 77 4.90 -34.78 17.97
CA ARG A 77 5.12 -35.94 17.14
C ARG A 77 5.97 -35.56 15.93
N VAL A 78 6.93 -36.44 15.61
CA VAL A 78 7.71 -36.32 14.41
C VAL A 78 7.22 -37.44 13.56
N LEU A 79 6.91 -37.15 12.28
CA LEU A 79 6.37 -38.14 11.35
C LEU A 79 7.17 -38.24 10.06
N TRP A 80 6.88 -39.29 9.30
CA TRP A 80 7.43 -39.53 7.96
C TRP A 80 6.30 -40.03 7.12
N VAL A 81 6.18 -39.51 5.91
CA VAL A 81 4.98 -39.69 5.09
C VAL A 81 5.40 -39.86 3.65
N LYS A 82 4.77 -40.80 2.96
CA LYS A 82 5.03 -41.05 1.56
C LYS A 82 3.71 -41.12 0.79
N VAL A 83 3.65 -40.48 -0.36
CA VAL A 83 2.41 -40.33 -1.10
C VAL A 83 2.55 -40.79 -2.59
N VAL A 91 -1.22 -43.81 1.16
CA VAL A 91 -0.20 -43.06 1.94
C VAL A 91 0.48 -43.93 3.04
N GLU A 92 1.81 -44.02 2.99
CA GLU A 92 2.56 -44.70 4.06
C GLU A 92 3.00 -43.65 5.09
N MET A 93 2.74 -43.92 6.36
CA MET A 93 3.14 -43.02 7.44
C MET A 93 3.88 -43.77 8.54
N GLU A 94 4.80 -43.07 9.19
CA GLU A 94 5.39 -43.54 10.43
C GLU A 94 5.56 -42.38 11.39
N ASN A 95 5.51 -42.66 12.66
CA ASN A 95 5.55 -41.60 13.64
C ASN A 95 6.20 -42.02 14.95
N GLN A 96 6.63 -41.03 15.71
CA GLN A 96 6.97 -41.25 17.10
C GLN A 96 6.63 -40.03 17.96
N ILE A 97 6.01 -40.27 19.11
CA ILE A 97 5.69 -39.20 20.06
C ILE A 97 6.91 -38.85 20.92
N TYR A 98 7.16 -37.57 21.12
CA TYR A 98 8.28 -37.11 21.97
C TYR A 98 7.78 -36.20 23.08
N ALA A 99 8.40 -36.30 24.23
CA ALA A 99 7.99 -35.53 25.37
C ALA A 99 8.65 -34.17 25.30
N ILE A 100 7.90 -33.15 25.69
CA ILE A 100 8.45 -31.81 25.92
C ILE A 100 8.17 -31.49 27.38
N PRO A 101 9.25 -31.46 28.21
CA PRO A 101 9.23 -31.01 29.57
C PRO A 101 8.63 -29.62 29.71
N GLU A 102 7.71 -29.47 30.66
CA GLU A 102 7.11 -28.19 30.96
C GLU A 102 8.11 -27.02 31.02
N ASP A 103 9.31 -27.26 31.55
CA ASP A 103 10.38 -26.20 31.62
C ASP A 103 10.95 -25.77 30.25
N ILE A 104 10.80 -26.64 29.26
CA ILE A 104 11.18 -26.35 27.89
C ILE A 104 10.01 -25.66 27.19
N MET A 105 8.79 -26.18 27.42
CA MET A 105 7.54 -25.53 27.01
C MET A 105 7.43 -24.07 27.46
N ARG A 106 8.08 -23.74 28.57
CA ARG A 106 8.09 -22.37 29.10
C ARG A 106 9.52 -21.87 29.32
N GLY A 107 10.46 -22.42 28.55
CA GLY A 107 11.85 -21.97 28.55
C GLY A 107 12.08 -21.00 27.39
N SER A 108 13.28 -20.98 26.86
CA SER A 108 13.63 -20.08 25.79
C SER A 108 13.29 -20.72 24.49
N GLY A 109 12.96 -19.90 23.50
CA GLY A 109 12.76 -20.40 22.14
C GLY A 109 13.93 -21.25 21.70
N THR A 110 15.13 -20.75 21.94
CA THR A 110 16.34 -21.46 21.52
C THR A 110 16.26 -22.88 22.02
N GLN A 111 15.96 -23.02 23.31
CA GLN A 111 15.80 -24.33 23.95
C GLN A 111 14.74 -25.19 23.30
N LEU A 112 13.60 -24.56 23.09
CA LEU A 112 12.45 -25.24 22.47
C LEU A 112 12.79 -25.82 21.12
N PHE A 113 13.32 -25.00 20.24
CA PHE A 113 13.59 -25.47 18.90
C PHE A 113 14.81 -26.38 18.87
N ASP A 114 15.78 -26.13 19.76
CA ASP A 114 16.88 -27.09 20.01
C ASP A 114 16.36 -28.50 20.26
N HIS A 115 15.33 -28.58 21.09
CA HIS A 115 14.71 -29.83 21.45
C HIS A 115 14.03 -30.47 20.24
N ILE A 116 13.22 -29.69 19.54
CA ILE A 116 12.50 -30.17 18.39
C ILE A 116 13.49 -30.74 17.39
N ALA A 117 14.55 -29.98 17.12
CA ALA A 117 15.58 -30.41 16.17
C ALA A 117 16.30 -31.69 16.64
N GLU A 118 16.57 -31.82 17.94
CA GLU A 118 17.19 -33.06 18.47
C GLU A 118 16.27 -34.27 18.31
N CYS A 119 15.00 -34.11 18.68
CA CYS A 119 13.96 -35.11 18.42
C CYS A 119 13.88 -35.49 16.96
N LEU A 120 13.83 -34.48 16.08
CA LEU A 120 13.75 -34.74 14.65
C LEU A 120 14.95 -35.62 14.22
N ALA A 121 16.17 -35.16 14.52
CA ALA A 121 17.39 -35.95 14.28
C ALA A 121 17.22 -37.35 14.81
N ASN A 122 16.78 -37.48 16.06
CA ASN A 122 16.56 -38.80 16.67
C ASN A 122 15.77 -39.70 15.74
N PHE A 123 14.67 -39.16 15.24
CA PHE A 123 13.73 -39.90 14.44
C PHE A 123 14.30 -40.31 13.09
N MET A 124 15.14 -39.45 12.52
CA MET A 124 15.72 -39.70 11.21
C MET A 124 16.72 -40.86 11.30
N ASP A 125 17.56 -40.84 12.33
CA ASP A 125 18.44 -41.96 12.69
C ASP A 125 17.66 -43.28 12.80
N LYS A 126 16.66 -43.26 13.67
CA LYS A 126 15.76 -44.39 13.90
C LYS A 126 15.26 -44.96 12.54
N LEU A 127 14.77 -44.09 11.65
CA LEU A 127 14.26 -44.57 10.36
C LEU A 127 15.36 -44.75 9.31
N GLN A 128 16.57 -44.25 9.63
CA GLN A 128 17.76 -44.34 8.75
C GLN A 128 17.57 -43.50 7.49
N ILE A 129 17.27 -42.23 7.70
CA ILE A 129 17.12 -41.29 6.62
C ILE A 129 17.85 -40.00 6.93
N LYS A 130 18.77 -40.07 7.88
CA LYS A 130 19.41 -38.89 8.41
C LYS A 130 20.13 -38.10 7.34
N ASP A 131 20.42 -38.77 6.22
CA ASP A 131 21.22 -38.19 5.15
C ASP A 131 20.37 -37.73 3.98
N LYS A 132 19.07 -38.08 4.01
CA LYS A 132 18.13 -37.55 3.05
C LYS A 132 17.79 -36.13 3.46
N LYS A 133 17.54 -35.31 2.44
CA LYS A 133 17.16 -33.92 2.61
C LYS A 133 15.74 -33.83 2.11
N LEU A 134 14.80 -33.92 3.03
CA LEU A 134 13.40 -34.01 2.67
C LEU A 134 12.72 -32.68 2.95
N PRO A 135 11.62 -32.42 2.25
CA PRO A 135 10.75 -31.31 2.62
C PRO A 135 9.99 -31.66 3.88
N LEU A 136 9.43 -30.65 4.56
CA LEU A 136 8.86 -30.87 5.89
C LEU A 136 7.54 -30.17 6.09
N GLY A 137 6.51 -30.92 6.45
CA GLY A 137 5.22 -30.38 6.74
C GLY A 137 5.01 -30.18 8.22
N PHE A 138 5.03 -28.90 8.62
CA PHE A 138 5.12 -28.51 10.01
C PHE A 138 3.78 -28.00 10.48
N THR A 139 3.11 -28.81 11.32
CA THR A 139 1.82 -28.43 11.92
C THR A 139 2.15 -27.70 13.21
N PHE A 140 1.79 -26.44 13.24
CA PHE A 140 2.09 -25.57 14.34
C PHE A 140 0.80 -24.97 14.84
N SER A 141 0.31 -25.49 15.96
CA SER A 141 -1.05 -25.25 16.37
C SER A 141 -1.23 -23.98 17.16
N PHE A 142 -0.76 -22.87 16.58
CA PHE A 142 -0.86 -21.50 17.21
C PHE A 142 -1.12 -20.47 16.15
N PRO A 143 -1.64 -19.30 16.54
CA PRO A 143 -1.94 -18.30 15.54
C PRO A 143 -0.70 -17.76 14.88
N CYS A 144 -0.63 -17.83 13.54
CA CYS A 144 0.54 -17.43 12.78
C CYS A 144 0.19 -16.44 11.68
N HIS A 145 1.08 -15.47 11.44
CA HIS A 145 1.00 -14.58 10.28
C HIS A 145 1.83 -15.18 9.16
N GLN A 146 1.20 -15.51 8.04
CA GLN A 146 1.95 -15.97 6.91
C GLN A 146 1.38 -15.40 5.62
N THR A 147 2.29 -15.05 4.70
CA THR A 147 1.96 -14.55 3.38
C THR A 147 2.25 -15.62 2.31
N LYS A 148 2.67 -16.80 2.77
CA LYS A 148 2.89 -17.98 1.94
C LYS A 148 2.96 -19.27 2.79
N LEU A 149 2.89 -20.42 2.15
CA LEU A 149 3.01 -21.70 2.87
C LEU A 149 4.31 -21.88 3.67
N ASP A 150 5.44 -21.43 3.12
CA ASP A 150 6.78 -21.69 3.71
C ASP A 150 7.33 -20.63 4.70
N GLU A 151 6.41 -20.03 5.45
CA GLU A 151 6.75 -19.13 6.53
C GLU A 151 5.58 -19.14 7.47
N SER A 152 5.85 -18.86 8.75
CA SER A 152 4.77 -18.53 9.67
C SER A 152 5.32 -17.78 10.87
N PHE A 153 4.84 -16.58 11.10
CA PHE A 153 5.25 -15.80 12.23
C PHE A 153 4.27 -15.95 13.38
N LEU A 154 4.70 -16.61 14.45
CA LEU A 154 3.85 -16.80 15.61
C LEU A 154 3.31 -15.47 16.04
N VAL A 155 1.99 -15.37 16.12
CA VAL A 155 1.35 -14.17 16.64
C VAL A 155 1.38 -14.19 18.18
N SER A 156 0.98 -15.33 18.75
CA SER A 156 0.78 -15.44 20.17
C SER A 156 0.75 -16.90 20.50
N TRP A 157 1.36 -17.27 21.63
CA TRP A 157 1.21 -18.59 22.17
C TRP A 157 -0.15 -18.66 22.86
N THR A 158 -0.68 -19.85 22.92
CA THR A 158 -1.93 -20.10 23.57
C THR A 158 -1.68 -21.38 24.34
N LYS A 159 -2.71 -21.87 25.04
CA LYS A 159 -2.65 -23.13 25.79
C LYS A 159 -1.48 -23.10 26.80
N GLY A 160 -0.61 -24.10 26.80
CA GLY A 160 0.41 -24.22 27.85
C GLY A 160 1.82 -23.93 27.38
N PHE A 161 1.94 -23.21 26.26
CA PHE A 161 3.25 -22.82 25.77
C PHE A 161 3.53 -21.34 26.10
N LYS A 162 4.80 -21.05 26.39
CA LYS A 162 5.21 -19.69 26.70
C LYS A 162 6.73 -19.53 26.61
N SER A 163 7.28 -19.76 25.43
CA SER A 163 8.72 -19.53 25.16
C SER A 163 9.02 -18.10 24.76
N SER A 164 9.94 -17.49 25.50
CA SER A 164 10.48 -16.20 25.17
C SER A 164 11.02 -16.21 23.76
N GLY A 165 10.91 -15.07 23.09
CA GLY A 165 11.52 -14.84 21.79
C GLY A 165 11.08 -15.70 20.60
N VAL A 166 9.89 -16.28 20.62
CA VAL A 166 9.34 -16.85 19.37
C VAL A 166 8.31 -15.91 18.80
N GLU A 167 7.44 -15.40 19.65
CA GLU A 167 6.40 -14.51 19.20
C GLU A 167 7.01 -13.39 18.35
N GLY A 168 6.45 -13.19 17.15
CA GLY A 168 6.94 -12.20 16.17
C GLY A 168 8.02 -12.69 15.22
N ARG A 169 8.48 -13.91 15.44
CA ARG A 169 9.45 -14.54 14.61
C ARG A 169 8.90 -15.69 13.75
N ASP A 170 9.65 -16.01 12.72
CA ASP A 170 9.28 -17.02 11.76
C ASP A 170 9.71 -18.38 12.25
N VAL A 171 8.75 -19.23 12.56
CA VAL A 171 9.07 -20.54 13.06
C VAL A 171 9.87 -21.38 12.05
N VAL A 172 9.73 -21.14 10.75
CA VAL A 172 10.57 -21.88 9.77
C VAL A 172 12.05 -21.50 9.93
N ALA A 173 12.32 -20.24 10.24
CA ALA A 173 13.66 -19.76 10.36
C ALA A 173 14.25 -20.24 11.66
N LEU A 174 13.48 -20.22 12.74
CA LEU A 174 13.95 -20.69 14.04
C LEU A 174 14.26 -22.17 13.99
N ILE A 175 13.46 -22.95 13.28
CA ILE A 175 13.74 -24.38 13.21
C ILE A 175 14.95 -24.62 12.34
N ARG A 176 15.06 -23.95 11.20
CA ARG A 176 16.27 -24.07 10.41
C ARG A 176 17.50 -23.73 11.21
N LYS A 177 17.45 -22.61 11.93
CA LYS A 177 18.58 -22.13 12.70
C LYS A 177 18.95 -23.16 13.77
N ALA A 178 17.94 -23.77 14.39
CA ALA A 178 18.17 -24.88 15.34
C ALA A 178 18.91 -26.07 14.66
N ILE A 179 18.42 -26.48 13.49
CA ILE A 179 19.03 -27.59 12.74
C ILE A 179 20.48 -27.29 12.38
N GLN A 180 20.74 -26.06 11.95
CA GLN A 180 22.07 -25.68 11.51
C GLN A 180 23.01 -25.38 12.67
N ARG A 181 22.50 -25.32 13.90
CA ARG A 181 23.35 -25.33 15.13
C ARG A 181 23.89 -26.73 15.38
N ARG A 182 23.35 -27.70 14.67
CA ARG A 182 23.77 -29.08 14.82
C ARG A 182 24.71 -29.50 13.70
N GLY A 183 24.23 -29.44 12.46
CA GLY A 183 25.01 -29.96 11.31
C GLY A 183 24.69 -31.43 11.02
N ASP A 184 24.26 -32.16 12.03
CA ASP A 184 23.64 -33.51 11.89
C ASP A 184 22.96 -33.79 10.53
N PHE A 185 22.18 -32.85 10.05
CA PHE A 185 21.27 -33.11 8.92
C PHE A 185 20.71 -31.83 8.34
N ASP A 186 19.88 -31.98 7.32
CA ASP A 186 19.27 -30.84 6.63
C ASP A 186 17.87 -31.17 6.10
N ILE A 187 17.10 -30.13 5.81
CA ILE A 187 15.76 -30.26 5.25
C ILE A 187 15.57 -29.29 4.11
N ASP A 188 14.61 -29.62 3.25
CA ASP A 188 14.28 -28.84 2.07
C ASP A 188 13.22 -27.79 2.49
N ILE A 189 12.22 -27.56 1.65
CA ILE A 189 11.24 -26.53 1.90
C ILE A 189 10.46 -26.94 3.14
N VAL A 190 10.08 -25.95 3.98
CA VAL A 190 9.13 -26.19 5.07
C VAL A 190 7.82 -25.44 4.82
N ALA A 191 6.71 -26.19 4.78
CA ALA A 191 5.33 -25.68 4.74
C ALA A 191 4.77 -25.73 6.16
N VAL A 192 4.08 -24.68 6.60
CA VAL A 192 3.59 -24.60 7.96
C VAL A 192 2.10 -24.47 7.85
N VAL A 193 1.36 -25.34 8.56
CA VAL A 193 -0.09 -25.22 8.65
C VAL A 193 -0.52 -25.22 10.11
N ASN A 194 -1.63 -24.58 10.42
CA ASN A 194 -2.26 -24.75 11.72
C ASN A 194 -2.85 -26.16 11.82
N ASP A 195 -3.16 -26.61 13.03
CA ASP A 195 -3.65 -27.96 13.17
C ASP A 195 -5.05 -28.12 12.57
N THR A 196 -5.85 -27.04 12.62
CA THR A 196 -7.18 -27.05 12.04
C THR A 196 -7.09 -27.27 10.52
N VAL A 197 -6.11 -26.60 9.91
CA VAL A 197 -5.86 -26.68 8.49
C VAL A 197 -5.37 -28.04 8.14
N GLY A 198 -4.30 -28.49 8.82
CA GLY A 198 -3.79 -29.88 8.65
C GLY A 198 -4.87 -30.96 8.74
N THR A 199 -5.70 -30.86 9.77
CA THR A 199 -6.85 -31.76 9.94
C THR A 199 -7.88 -31.66 8.80
N MET A 200 -8.14 -30.46 8.28
CA MET A 200 -9.00 -30.33 7.11
C MET A 200 -8.41 -31.07 5.95
N MET A 201 -7.09 -31.00 5.84
CA MET A 201 -6.39 -31.56 4.70
C MET A 201 -6.20 -33.07 4.79
N THR A 202 -6.04 -33.58 6.01
CA THR A 202 -6.02 -35.02 6.22
C THR A 202 -7.37 -35.61 5.81
N CYS A 203 -8.45 -34.95 6.20
CA CYS A 203 -9.81 -35.45 5.95
C CYS A 203 -10.28 -35.23 4.54
N GLY A 204 -9.97 -34.07 3.97
CA GLY A 204 -10.26 -33.79 2.57
C GLY A 204 -9.45 -34.65 1.61
N TYR A 205 -8.41 -35.29 2.12
CA TYR A 205 -7.73 -36.29 1.34
C TYR A 205 -8.65 -37.46 1.03
N ASP A 206 -9.56 -37.79 1.95
CA ASP A 206 -10.52 -38.88 1.80
C ASP A 206 -11.87 -38.41 1.21
N ASP A 207 -12.26 -37.18 1.53
CA ASP A 207 -13.50 -36.58 1.01
C ASP A 207 -13.17 -35.16 0.58
N HIS A 208 -12.93 -34.98 -0.71
CA HIS A 208 -12.48 -33.68 -1.22
C HIS A 208 -13.50 -32.50 -0.94
N ASN A 209 -14.71 -32.81 -0.46
CA ASN A 209 -15.70 -31.77 -0.08
C ASN A 209 -15.51 -31.21 1.33
N CYS A 210 -14.44 -31.63 2.00
CA CYS A 210 -14.14 -31.15 3.35
C CYS A 210 -13.68 -29.67 3.32
N GLU A 211 -14.49 -28.80 3.88
CA GLU A 211 -14.27 -27.36 3.85
C GLU A 211 -14.10 -26.73 5.20
N ILE A 212 -14.26 -27.51 6.26
CA ILE A 212 -14.03 -26.99 7.59
C ILE A 212 -13.08 -27.90 8.35
N GLY A 213 -12.24 -27.31 9.18
CA GLY A 213 -11.33 -28.04 10.02
C GLY A 213 -11.66 -27.67 11.44
N LEU A 214 -11.87 -28.67 12.29
CA LEU A 214 -12.32 -28.43 13.65
C LEU A 214 -11.45 -29.19 14.61
N ILE A 215 -11.00 -28.51 15.65
CA ILE A 215 -10.21 -29.13 16.70
C ILE A 215 -10.93 -28.85 18.02
N VAL A 216 -11.25 -29.91 18.76
CA VAL A 216 -11.59 -29.81 20.17
C VAL A 216 -10.68 -30.72 20.92
N GLY A 217 -9.61 -30.14 21.45
CA GLY A 217 -8.59 -30.90 22.16
C GLY A 217 -8.08 -30.09 23.31
N THR A 218 -6.76 -29.91 23.40
CA THR A 218 -6.14 -29.09 24.45
C THR A 218 -6.69 -27.71 24.33
N GLY A 219 -6.77 -27.21 23.11
CA GLY A 219 -7.51 -25.94 22.82
C GLY A 219 -8.65 -26.21 21.83
N SER A 220 -9.31 -25.15 21.38
CA SER A 220 -10.29 -25.26 20.33
C SER A 220 -10.24 -24.14 19.33
N ASN A 221 -10.46 -24.51 18.07
CA ASN A 221 -10.30 -23.61 16.94
C ASN A 221 -10.90 -24.30 15.75
N ALA A 222 -11.05 -23.55 14.68
CA ALA A 222 -11.53 -24.10 13.44
C ALA A 222 -11.11 -23.16 12.31
N CYS A 223 -10.83 -23.76 11.16
CA CYS A 223 -10.62 -23.07 9.91
C CYS A 223 -11.77 -23.37 8.96
N TYR A 224 -11.90 -22.61 7.89
CA TYR A 224 -12.84 -22.93 6.86
C TYR A 224 -12.38 -22.32 5.54
N MET A 225 -12.89 -22.85 4.43
CA MET A 225 -12.58 -22.32 3.09
C MET A 225 -13.48 -21.14 2.76
N GLU A 226 -12.89 -19.95 2.63
CA GLU A 226 -13.62 -18.69 2.40
C GLU A 226 -13.35 -18.20 0.98
N GLU A 227 -14.26 -17.42 0.43
CA GLU A 227 -14.11 -16.94 -0.96
C GLU A 227 -13.04 -15.91 -0.96
N MET A 228 -12.09 -15.96 -1.92
CA MET A 228 -11.01 -14.98 -1.96
C MET A 228 -11.50 -13.53 -2.04
N ARG A 229 -12.74 -13.30 -2.52
CA ARG A 229 -13.27 -11.94 -2.67
C ARG A 229 -13.67 -11.35 -1.35
N HIS A 230 -13.79 -12.21 -0.33
CA HIS A 230 -14.10 -11.80 1.03
C HIS A 230 -12.87 -11.72 1.87
N ILE A 231 -11.75 -12.21 1.38
CA ILE A 231 -10.50 -12.17 2.12
C ILE A 231 -9.78 -10.90 1.66
N ASP A 232 -10.04 -9.79 2.36
CA ASP A 232 -9.42 -8.50 2.01
C ASP A 232 -7.92 -8.49 2.15
N MET A 233 -7.38 -9.31 3.04
CA MET A 233 -5.96 -9.23 3.39
C MET A 233 -5.05 -10.01 2.48
N VAL A 234 -5.65 -10.63 1.44
CA VAL A 234 -4.89 -11.34 0.38
C VAL A 234 -5.44 -10.90 -0.96
N GLU A 235 -4.59 -10.24 -1.76
CA GLU A 235 -4.93 -9.70 -3.07
C GLU A 235 -5.39 -10.86 -3.90
N GLY A 236 -6.58 -10.74 -4.46
CA GLY A 236 -7.16 -11.81 -5.25
C GLY A 236 -8.62 -11.96 -4.96
N ASP A 237 -9.36 -12.38 -5.96
CA ASP A 237 -10.79 -12.53 -5.85
C ASP A 237 -11.27 -13.86 -6.43
N GLU A 238 -10.33 -14.72 -6.81
CA GLU A 238 -10.65 -15.93 -7.58
C GLU A 238 -10.48 -17.20 -6.74
N GLY A 239 -11.56 -17.97 -6.67
CA GLY A 239 -11.57 -19.15 -5.85
C GLY A 239 -11.67 -18.89 -4.35
N ARG A 240 -11.06 -19.80 -3.58
CA ARG A 240 -11.22 -19.89 -2.12
C ARG A 240 -9.89 -20.01 -1.43
N MET A 241 -9.88 -19.79 -0.14
CA MET A 241 -8.68 -20.03 0.61
C MET A 241 -9.03 -20.33 2.05
N CYS A 242 -8.28 -21.23 2.64
CA CYS A 242 -8.52 -21.62 4.02
C CYS A 242 -8.18 -20.49 4.99
N ILE A 243 -9.14 -20.12 5.83
CA ILE A 243 -8.95 -19.14 6.88
C ILE A 243 -8.94 -19.83 8.23
N ASN A 244 -7.81 -19.77 8.91
CA ASN A 244 -7.71 -20.17 10.33
C ASN A 244 -8.35 -19.07 11.19
N MET A 245 -9.57 -19.30 11.69
CA MET A 245 -10.32 -18.24 12.36
C MET A 245 -9.74 -17.82 13.71
N GLU A 246 -9.05 -18.74 14.38
CA GLU A 246 -8.57 -18.54 15.75
C GLU A 246 -9.70 -18.08 16.61
N TRP A 247 -10.73 -18.91 16.65
CA TRP A 247 -11.99 -18.56 17.31
C TRP A 247 -11.94 -18.67 18.83
N GLY A 248 -10.86 -19.29 19.34
CA GLY A 248 -10.62 -19.38 20.76
C GLY A 248 -10.55 -18.05 21.45
N ALA A 249 -10.29 -16.97 20.68
CA ALA A 249 -10.11 -15.59 21.21
C ALA A 249 -11.34 -14.78 21.01
N PHE A 250 -12.40 -15.40 20.57
CA PHE A 250 -13.72 -14.80 20.51
C PHE A 250 -14.05 -14.35 21.93
N GLY A 251 -14.60 -13.15 22.06
CA GLY A 251 -14.91 -12.65 23.37
C GLY A 251 -13.76 -12.07 24.13
N ASP A 252 -12.53 -12.18 23.63
CA ASP A 252 -11.43 -11.51 24.30
C ASP A 252 -11.65 -10.00 24.41
N ASP A 253 -12.55 -9.42 23.62
CA ASP A 253 -12.88 -7.99 23.74
C ASP A 253 -14.09 -7.70 24.65
N GLY A 254 -14.61 -8.70 25.35
CA GLY A 254 -15.79 -8.53 26.20
C GLY A 254 -17.11 -8.93 25.56
N SER A 255 -17.05 -9.45 24.33
CA SER A 255 -18.29 -9.69 23.54
C SER A 255 -19.17 -10.82 24.07
N LEU A 256 -18.65 -11.56 25.02
CA LEU A 256 -19.34 -12.73 25.58
C LEU A 256 -19.40 -12.68 27.11
N ASN A 257 -19.22 -11.50 27.68
CA ASN A 257 -19.26 -11.34 29.12
C ASN A 257 -20.63 -11.60 29.77
N ASP A 258 -21.69 -11.47 28.98
CA ASP A 258 -23.00 -11.84 29.48
C ASP A 258 -23.18 -13.37 29.46
N ILE A 259 -22.36 -14.06 28.66
CA ILE A 259 -22.32 -15.55 28.61
C ILE A 259 -21.36 -16.13 29.66
N ARG A 260 -20.22 -15.48 29.86
CA ARG A 260 -19.24 -16.00 30.81
C ARG A 260 -19.73 -15.86 32.24
N THR A 261 -19.31 -16.82 33.06
CA THR A 261 -19.68 -16.86 34.45
C THR A 261 -18.47 -16.52 35.34
N GLU A 262 -18.70 -16.50 36.64
CA GLU A 262 -17.62 -16.30 37.59
C GLU A 262 -16.58 -17.42 37.54
N PHE A 263 -16.99 -18.61 37.11
CA PHE A 263 -16.07 -19.74 37.06
C PHE A 263 -15.11 -19.62 35.92
N ASP A 264 -15.57 -18.99 34.83
CA ASP A 264 -14.73 -18.78 33.65
C ASP A 264 -13.75 -17.68 33.97
N GLN A 265 -14.27 -16.65 34.60
CA GLN A 265 -13.47 -15.55 35.09
C GLN A 265 -12.33 -16.05 35.95
N GLU A 266 -12.55 -17.09 36.75
CA GLU A 266 -11.52 -17.59 37.67
C GLU A 266 -10.52 -18.50 36.99
N ILE A 267 -11.00 -19.34 36.08
CA ILE A 267 -10.12 -20.10 35.19
C ILE A 267 -9.17 -19.14 34.52
N ASP A 268 -9.70 -18.00 34.10
CA ASP A 268 -8.88 -16.97 33.48
C ASP A 268 -7.85 -16.42 34.45
N MET A 269 -8.25 -16.07 35.67
CA MET A 269 -7.30 -15.52 36.64
C MET A 269 -6.16 -16.50 36.94
N GLY A 270 -6.45 -17.78 36.89
CA GLY A 270 -5.43 -18.80 37.09
C GLY A 270 -4.62 -19.21 35.88
N SER A 271 -4.89 -18.62 34.70
CA SER A 271 -4.29 -19.10 33.44
C SER A 271 -2.92 -18.52 33.11
N LEU A 272 -2.22 -19.22 32.25
CA LEU A 272 -0.91 -18.80 31.82
C LEU A 272 -1.00 -17.60 30.84
N ASN A 273 -2.17 -17.46 30.18
CA ASN A 273 -2.41 -16.41 29.19
C ASN A 273 -3.67 -15.66 29.55
N PRO A 274 -3.63 -14.88 30.64
CA PRO A 274 -4.83 -14.21 31.15
C PRO A 274 -5.33 -13.11 30.25
N GLY A 275 -6.63 -13.02 30.12
CA GLY A 275 -7.27 -12.04 29.22
C GLY A 275 -7.54 -12.59 27.84
N LYS A 276 -6.81 -13.67 27.50
CA LYS A 276 -6.73 -14.20 26.17
C LYS A 276 -7.39 -15.58 26.06
N GLN A 277 -7.95 -15.86 24.88
CA GLN A 277 -8.48 -17.18 24.53
C GLN A 277 -9.66 -17.54 25.42
N LEU A 278 -10.54 -16.59 25.63
CA LEU A 278 -11.65 -16.75 26.59
C LEU A 278 -12.77 -17.72 26.18
N PHE A 279 -13.06 -17.80 24.89
CA PHE A 279 -14.07 -18.75 24.30
C PHE A 279 -13.54 -20.18 24.47
N GLU A 280 -12.30 -20.36 24.07
CA GLU A 280 -11.53 -21.59 24.28
C GLU A 280 -11.57 -22.02 25.72
N LYS A 281 -11.37 -21.08 26.62
CA LYS A 281 -11.32 -21.41 28.04
C LYS A 281 -12.65 -22.00 28.57
N MET A 282 -13.74 -21.71 27.85
CA MET A 282 -15.08 -22.30 28.09
C MET A 282 -15.33 -23.70 27.51
N ILE A 283 -14.41 -24.21 26.68
CA ILE A 283 -14.67 -25.35 25.77
C ILE A 283 -13.63 -26.42 25.87
N SER A 284 -12.36 -26.03 25.83
CA SER A 284 -11.32 -27.01 25.52
C SER A 284 -10.94 -27.89 26.69
N GLY A 285 -10.28 -28.97 26.36
CA GLY A 285 -9.89 -29.96 27.33
C GLY A 285 -8.84 -29.54 28.35
N MET A 286 -8.09 -28.49 28.08
CA MET A 286 -7.11 -28.03 29.05
C MET A 286 -7.81 -27.37 30.23
N TYR A 287 -9.06 -26.99 30.05
CA TYR A 287 -9.73 -26.13 30.99
C TYR A 287 -10.93 -26.75 31.65
N MET A 288 -11.55 -27.72 30.98
CA MET A 288 -12.82 -28.28 31.39
C MET A 288 -12.80 -28.90 32.81
N GLY A 289 -11.82 -29.74 33.06
CA GLY A 289 -11.68 -30.39 34.35
C GLY A 289 -11.60 -29.41 35.50
N GLU A 290 -10.71 -28.45 35.39
CA GLU A 290 -10.61 -27.35 36.37
C GLU A 290 -11.92 -26.55 36.50
N LEU A 291 -12.64 -26.35 35.42
CA LEU A 291 -13.89 -25.62 35.48
C LEU A 291 -14.78 -26.38 36.46
N VAL A 292 -14.78 -27.71 36.35
CA VAL A 292 -15.59 -28.58 37.22
C VAL A 292 -15.02 -28.67 38.66
N ARG A 293 -13.70 -28.68 38.80
CA ARG A 293 -13.11 -28.54 40.15
C ARG A 293 -13.58 -27.26 40.82
N LEU A 294 -13.58 -26.15 40.10
CA LEU A 294 -14.00 -24.84 40.69
C LEU A 294 -15.50 -24.76 41.02
N ILE A 295 -16.33 -25.49 40.31
CA ILE A 295 -17.76 -25.52 40.57
C ILE A 295 -18.03 -26.36 41.82
N LEU A 296 -17.33 -27.48 41.92
CA LEU A 296 -17.34 -28.28 43.12
C LEU A 296 -16.81 -27.48 44.30
N VAL A 297 -15.64 -26.89 44.19
CA VAL A 297 -15.09 -26.18 45.36
C VAL A 297 -16.11 -25.17 45.86
N LYS A 298 -16.72 -24.39 44.99
CA LYS A 298 -17.64 -23.33 45.43
C LYS A 298 -18.85 -23.90 46.13
N MET A 299 -19.40 -24.97 45.57
CA MET A 299 -20.62 -25.58 46.13
C MET A 299 -20.36 -26.14 47.54
N ALA A 300 -19.17 -26.70 47.73
CA ALA A 300 -18.70 -27.24 49.00
C ALA A 300 -18.43 -26.13 50.06
N LYS A 301 -17.92 -24.97 49.65
CA LYS A 301 -17.75 -23.82 50.56
C LYS A 301 -19.12 -23.29 51.00
N GLU A 302 -20.10 -23.42 50.12
CA GLU A 302 -21.45 -22.98 50.42
C GLU A 302 -22.28 -24.01 51.20
N GLU A 303 -21.69 -25.19 51.48
CA GLU A 303 -22.35 -26.33 52.21
C GLU A 303 -23.47 -27.03 51.41
N LEU A 304 -23.28 -27.16 50.10
CA LEU A 304 -24.27 -27.81 49.21
C LEU A 304 -23.79 -29.20 48.73
N LEU A 305 -22.51 -29.48 48.93
CA LEU A 305 -21.92 -30.78 48.64
C LEU A 305 -20.99 -31.14 49.79
N PHE A 306 -20.78 -32.44 49.96
CA PHE A 306 -19.83 -32.99 50.96
C PHE A 306 -20.12 -32.49 52.38
N GLY A 307 -21.38 -32.08 52.60
CA GLY A 307 -21.77 -31.41 53.83
C GLY A 307 -20.73 -30.38 54.24
N GLY A 308 -20.45 -29.45 53.31
CA GLY A 308 -19.56 -28.30 53.57
C GLY A 308 -18.11 -28.59 53.90
N LYS A 309 -17.67 -29.81 53.63
CA LYS A 309 -16.30 -30.17 53.88
C LYS A 309 -15.50 -30.13 52.56
N LEU A 310 -14.20 -29.86 52.65
CA LEU A 310 -13.36 -29.73 51.48
C LEU A 310 -11.98 -30.25 51.82
N SER A 311 -11.55 -31.30 51.10
CA SER A 311 -10.17 -31.83 51.19
C SER A 311 -9.24 -30.84 50.53
N PRO A 312 -7.92 -30.94 50.80
CA PRO A 312 -6.99 -30.01 50.16
C PRO A 312 -6.68 -30.37 48.69
N GLU A 313 -7.00 -31.61 48.32
CA GLU A 313 -6.83 -32.06 46.96
C GLU A 313 -7.93 -31.46 46.13
N LEU A 314 -9.12 -31.33 46.70
CA LEU A 314 -10.22 -30.65 46.01
C LEU A 314 -9.91 -29.19 45.81
N LEU A 315 -9.11 -28.59 46.67
CA LEU A 315 -8.79 -27.19 46.57
C LEU A 315 -7.57 -26.93 45.69
N ASN A 316 -6.78 -27.98 45.48
CA ASN A 316 -5.52 -27.92 44.73
C ASN A 316 -5.80 -27.91 43.24
N THR A 317 -5.28 -26.89 42.55
CA THR A 317 -5.52 -26.65 41.11
C THR A 317 -5.10 -27.84 40.26
N GLY A 318 -5.93 -28.17 39.26
CA GLY A 318 -5.56 -29.18 38.25
C GLY A 318 -5.74 -30.61 38.66
N ARG A 319 -6.37 -30.81 39.79
CA ARG A 319 -6.52 -32.11 40.37
C ARG A 319 -7.68 -32.91 39.76
N PHE A 320 -8.72 -32.19 39.29
CA PHE A 320 -9.84 -32.80 38.58
C PHE A 320 -9.55 -32.64 37.11
N GLU A 321 -9.35 -33.78 36.42
CA GLU A 321 -8.92 -33.81 35.03
C GLU A 321 -10.12 -33.88 34.09
N THR A 322 -9.91 -33.59 32.81
CA THR A 322 -10.98 -33.68 31.80
C THR A 322 -11.18 -35.14 31.44
N LYS A 323 -10.10 -35.92 31.54
CA LYS A 323 -10.20 -37.37 31.47
C LYS A 323 -11.25 -37.89 32.43
N ASP A 324 -11.31 -37.26 33.61
CA ASP A 324 -12.27 -37.62 34.65
C ASP A 324 -13.67 -37.22 34.27
N ILE A 325 -13.84 -36.13 33.52
CA ILE A 325 -15.16 -35.76 33.01
C ILE A 325 -15.62 -36.84 32.03
N SER A 326 -14.69 -37.25 31.17
CA SER A 326 -14.98 -38.22 30.13
C SER A 326 -15.43 -39.52 30.77
N ASP A 327 -14.55 -40.05 31.63
CA ASP A 327 -14.74 -41.31 32.41
C ASP A 327 -16.03 -41.32 33.22
N ILE A 328 -16.23 -40.27 34.02
CA ILE A 328 -17.45 -40.14 34.81
C ILE A 328 -18.74 -40.22 33.95
N GLU A 329 -18.70 -39.65 32.74
CA GLU A 329 -19.89 -39.54 31.87
C GLU A 329 -20.09 -40.74 31.00
N GLY A 330 -19.06 -41.59 30.97
CA GLY A 330 -18.99 -42.71 30.04
C GLY A 330 -19.02 -44.10 30.66
N GLU A 331 -18.42 -44.26 31.84
CA GLU A 331 -18.47 -45.57 32.52
C GLU A 331 -19.94 -45.93 32.71
N LYS A 332 -20.20 -47.24 32.73
CA LYS A 332 -21.56 -47.77 32.87
C LYS A 332 -22.05 -47.52 34.31
N ASP A 333 -21.15 -47.76 35.27
CA ASP A 333 -21.32 -47.30 36.67
C ASP A 333 -20.75 -45.89 36.77
N GLY A 334 -21.54 -44.92 36.30
CA GLY A 334 -21.13 -43.51 36.22
C GLY A 334 -21.08 -42.85 37.59
N ILE A 335 -22.08 -43.17 38.42
CA ILE A 335 -22.09 -42.79 39.85
C ILE A 335 -20.90 -43.35 40.63
N ARG A 336 -20.51 -44.59 40.33
CA ARG A 336 -19.38 -45.24 41.00
C ARG A 336 -18.08 -44.65 40.52
N LYS A 337 -18.01 -44.29 39.25
CA LYS A 337 -16.81 -43.66 38.72
C LYS A 337 -16.64 -42.24 39.30
N ALA A 338 -17.73 -41.48 39.41
CA ALA A 338 -17.69 -40.19 40.10
C ALA A 338 -17.10 -40.35 41.48
N ARG A 339 -17.59 -41.35 42.20
CA ARG A 339 -17.11 -41.64 43.55
C ARG A 339 -15.60 -41.96 43.56
N GLU A 340 -15.16 -42.77 42.62
CA GLU A 340 -13.75 -43.13 42.50
C GLU A 340 -12.80 -41.91 42.36
N VAL A 341 -13.28 -40.88 41.68
CA VAL A 341 -12.50 -39.68 41.40
C VAL A 341 -12.42 -38.85 42.65
N LEU A 342 -13.59 -38.57 43.22
CA LEU A 342 -13.70 -37.77 44.43
C LEU A 342 -12.88 -38.35 45.60
N MET A 343 -12.75 -39.67 45.65
CA MET A 343 -11.92 -40.34 46.65
C MET A 343 -10.43 -40.24 46.38
N ARG A 344 -10.04 -40.18 45.12
CA ARG A 344 -8.67 -39.83 44.79
C ARG A 344 -8.39 -38.38 45.22
N LEU A 345 -9.45 -37.55 45.20
CA LEU A 345 -9.39 -36.18 45.76
C LEU A 345 -9.55 -36.11 47.29
N GLY A 346 -9.60 -37.27 47.95
CA GLY A 346 -9.55 -37.34 49.43
C GLY A 346 -10.88 -36.98 50.07
N LEU A 347 -11.95 -37.43 49.43
CA LEU A 347 -13.29 -37.24 49.92
C LEU A 347 -13.96 -38.61 50.23
N ASP A 348 -15.03 -38.58 51.00
CA ASP A 348 -15.99 -39.69 51.08
C ASP A 348 -17.37 -39.11 50.76
N PRO A 349 -17.72 -39.12 49.49
CA PRO A 349 -19.00 -38.67 49.03
C PRO A 349 -20.17 -39.66 49.14
N THR A 350 -21.36 -39.08 49.13
CA THR A 350 -22.62 -39.78 49.28
C THR A 350 -23.24 -39.94 47.91
N GLN A 351 -23.94 -41.05 47.70
CA GLN A 351 -24.65 -41.24 46.45
C GLN A 351 -25.22 -39.89 45.92
N GLU A 352 -25.72 -39.03 46.82
CA GLU A 352 -26.28 -37.72 46.40
C GLU A 352 -25.19 -36.81 45.78
N ASP A 353 -24.13 -36.55 46.57
CA ASP A 353 -22.93 -35.86 46.11
C ASP A 353 -22.48 -36.37 44.75
N CYS A 354 -22.45 -37.70 44.60
CA CYS A 354 -21.95 -38.34 43.35
C CYS A 354 -22.86 -38.11 42.12
N VAL A 355 -24.13 -37.81 42.37
CA VAL A 355 -25.07 -37.54 41.30
C VAL A 355 -24.91 -36.10 40.89
N ALA A 356 -24.53 -35.25 41.83
CA ALA A 356 -24.32 -33.83 41.55
C ALA A 356 -23.07 -33.67 40.69
N THR A 357 -22.03 -34.41 41.07
CA THR A 357 -20.74 -34.38 40.41
C THR A 357 -20.82 -34.87 39.00
N HIS A 358 -21.51 -35.97 38.80
CA HIS A 358 -21.79 -36.48 37.46
C HIS A 358 -22.53 -35.42 36.64
N ARG A 359 -23.48 -34.74 37.28
CA ARG A 359 -24.34 -33.79 36.61
C ARG A 359 -23.63 -32.51 36.21
N ILE A 360 -22.60 -32.14 36.97
CA ILE A 360 -21.76 -30.95 36.66
C ILE A 360 -20.91 -31.25 35.43
N CYS A 361 -20.27 -32.40 35.43
CA CYS A 361 -19.60 -32.94 34.26
C CYS A 361 -20.43 -32.84 33.00
N GLN A 362 -21.71 -33.15 33.10
CA GLN A 362 -22.56 -33.09 31.95
C GLN A 362 -22.78 -31.66 31.57
N ILE A 363 -23.08 -30.85 32.55
CA ILE A 363 -23.36 -29.44 32.31
C ILE A 363 -22.16 -28.74 31.65
N VAL A 364 -20.96 -28.97 32.19
CA VAL A 364 -19.73 -28.36 31.70
C VAL A 364 -19.47 -28.76 30.22
N SER A 365 -19.50 -30.05 29.96
CA SER A 365 -19.19 -30.59 28.64
C SER A 365 -20.29 -30.48 27.65
N THR A 366 -21.51 -30.23 28.09
CA THR A 366 -22.62 -30.02 27.15
C THR A 366 -22.57 -28.61 26.63
N ARG A 367 -21.96 -27.70 27.39
CA ARG A 367 -21.83 -26.27 27.02
C ARG A 367 -20.68 -26.06 26.06
N SER A 368 -19.62 -26.81 26.31
CA SER A 368 -18.49 -26.88 25.44
C SER A 368 -18.97 -27.28 24.07
N ALA A 369 -19.70 -28.40 23.96
CA ALA A 369 -20.32 -28.84 22.66
C ALA A 369 -21.28 -27.84 22.03
N SER A 370 -22.00 -27.10 22.84
CA SER A 370 -23.03 -26.16 22.36
C SER A 370 -22.48 -24.84 21.93
N LEU A 371 -21.38 -24.41 22.58
CA LEU A 371 -20.64 -23.21 22.16
C LEU A 371 -20.02 -23.43 20.75
N CYS A 372 -19.28 -24.53 20.60
CA CYS A 372 -18.79 -24.95 19.27
C CYS A 372 -19.92 -25.01 18.23
N ALA A 373 -21.03 -25.62 18.60
CA ALA A 373 -22.21 -25.66 17.73
C ALA A 373 -22.60 -24.26 17.31
N ALA A 374 -22.55 -23.30 18.23
CA ALA A 374 -22.97 -21.92 17.92
C ALA A 374 -22.14 -21.36 16.78
N THR A 375 -20.82 -21.42 16.94
CA THR A 375 -19.88 -20.79 16.02
C THR A 375 -19.78 -21.60 14.73
N LEU A 376 -19.86 -22.92 14.86
CA LEU A 376 -19.90 -23.82 13.67
C LEU A 376 -21.10 -23.52 12.80
N ALA A 377 -22.20 -23.17 13.46
CA ALA A 377 -23.45 -22.84 12.80
C ALA A 377 -23.33 -21.54 12.02
N ALA A 378 -22.46 -20.63 12.47
CA ALA A 378 -22.23 -19.34 11.77
C ALA A 378 -21.39 -19.54 10.53
N VAL A 379 -20.45 -20.49 10.61
CA VAL A 379 -19.54 -20.80 9.52
C VAL A 379 -20.27 -21.56 8.41
N LEU A 380 -21.17 -22.45 8.79
CA LEU A 380 -21.97 -23.20 7.81
C LEU A 380 -22.97 -22.29 7.11
N GLN A 381 -23.51 -21.33 7.82
CA GLN A 381 -24.42 -20.37 7.24
C GLN A 381 -23.69 -19.52 6.20
N ARG A 382 -22.50 -19.06 6.55
CA ARG A 382 -21.64 -18.31 5.64
C ARG A 382 -21.36 -19.11 4.40
N ILE A 383 -20.88 -20.33 4.56
CA ILE A 383 -20.61 -21.23 3.43
C ILE A 383 -21.86 -21.51 2.59
N LYS A 384 -23.03 -21.53 3.21
CA LYS A 384 -24.30 -21.70 2.44
C LYS A 384 -24.55 -20.50 1.55
N GLU A 385 -24.33 -19.31 2.10
CA GLU A 385 -24.49 -18.08 1.33
C GLU A 385 -23.47 -17.95 0.24
N ASN A 386 -22.27 -18.49 0.44
CA ASN A 386 -21.21 -18.42 -0.57
C ASN A 386 -21.48 -19.28 -1.80
N LYS A 387 -22.00 -20.47 -1.56
CA LYS A 387 -22.38 -21.39 -2.63
C LYS A 387 -23.72 -21.01 -3.31
N GLY A 388 -24.50 -20.15 -2.66
CA GLY A 388 -25.73 -19.62 -3.23
C GLY A 388 -26.94 -20.53 -3.03
N GLU A 389 -26.70 -21.72 -2.46
CA GLU A 389 -27.62 -22.87 -2.59
C GLU A 389 -28.71 -22.97 -1.49
N GLU A 390 -29.92 -23.39 -1.88
CA GLU A 390 -31.17 -23.25 -1.05
C GLU A 390 -31.09 -23.96 0.35
N ARG A 391 -30.58 -25.19 0.36
CA ARG A 391 -30.03 -25.88 1.57
C ARG A 391 -28.56 -26.27 1.22
N LEU A 392 -27.67 -26.46 2.21
CA LEU A 392 -26.22 -26.66 1.88
C LEU A 392 -25.70 -28.07 2.20
N ARG A 393 -24.65 -28.49 1.47
CA ARG A 393 -23.89 -29.74 1.77
C ARG A 393 -22.42 -29.44 2.06
N SER A 394 -21.94 -29.91 3.23
CA SER A 394 -20.60 -29.56 3.75
C SER A 394 -20.00 -30.65 4.65
N THR A 395 -18.69 -30.80 4.57
CA THR A 395 -18.00 -31.78 5.37
C THR A 395 -17.02 -31.07 6.30
N ILE A 396 -17.11 -31.39 7.58
CA ILE A 396 -16.26 -30.84 8.60
C ILE A 396 -15.34 -31.93 9.00
N GLY A 397 -14.04 -31.64 9.05
CA GLY A 397 -13.04 -32.61 9.48
C GLY A 397 -12.55 -32.28 10.87
N VAL A 398 -12.55 -33.28 11.77
CA VAL A 398 -12.37 -33.06 13.18
C VAL A 398 -11.24 -33.89 13.78
N ASP A 399 -10.53 -33.33 14.76
CA ASP A 399 -9.59 -34.10 15.60
C ASP A 399 -9.69 -33.53 17.01
N GLY A 400 -8.84 -33.99 17.93
CA GLY A 400 -8.81 -33.50 19.30
C GLY A 400 -9.24 -34.53 20.34
N SER A 401 -8.61 -34.49 21.49
CA SER A 401 -8.94 -35.42 22.58
C SER A 401 -10.38 -35.38 23.08
N VAL A 402 -10.99 -34.19 23.15
CA VAL A 402 -12.35 -34.09 23.65
C VAL A 402 -13.30 -34.71 22.67
N TYR A 403 -13.25 -34.31 21.42
CA TYR A 403 -14.19 -34.84 20.42
C TYR A 403 -14.00 -36.34 20.25
N LYS A 404 -12.75 -36.78 20.15
CA LYS A 404 -12.44 -38.20 19.98
C LYS A 404 -12.71 -39.10 21.20
N LYS A 405 -12.44 -38.58 22.41
CA LYS A 405 -12.45 -39.43 23.62
C LYS A 405 -13.62 -39.19 24.60
N HIS A 406 -14.15 -37.99 24.69
CA HIS A 406 -15.35 -37.80 25.48
C HIS A 406 -16.41 -38.65 24.87
N PRO A 407 -17.15 -39.40 25.68
CA PRO A 407 -18.13 -40.32 25.12
C PRO A 407 -19.33 -39.68 24.41
N HIS A 408 -19.75 -38.49 24.81
CA HIS A 408 -20.97 -37.87 24.25
C HIS A 408 -20.80 -36.56 23.45
N PHE A 409 -19.73 -35.81 23.72
CA PHE A 409 -19.47 -34.51 23.08
C PHE A 409 -19.85 -34.48 21.59
N ALA A 410 -19.26 -35.39 20.83
CA ALA A 410 -19.50 -35.46 19.39
C ALA A 410 -20.99 -35.50 19.09
N LYS A 411 -21.68 -36.41 19.75
CA LYS A 411 -23.10 -36.59 19.50
C LYS A 411 -23.87 -35.31 19.76
N ARG A 412 -23.65 -34.72 20.93
CA ARG A 412 -24.33 -33.48 21.30
C ARG A 412 -24.01 -32.38 20.29
N LEU A 413 -22.75 -32.31 19.86
CA LEU A 413 -22.34 -31.32 18.90
C LEU A 413 -23.05 -31.55 17.57
N HIS A 414 -23.07 -32.80 17.11
CA HIS A 414 -23.68 -33.11 15.83
C HIS A 414 -25.12 -32.72 15.81
N LYS A 415 -25.78 -32.93 16.95
CA LYS A 415 -27.22 -32.75 17.11
C LYS A 415 -27.56 -31.27 17.24
N THR A 416 -26.81 -30.57 18.09
CA THR A 416 -27.08 -29.19 18.34
C THR A 416 -26.93 -28.41 17.06
N VAL A 417 -25.82 -28.63 16.35
CA VAL A 417 -25.56 -27.94 15.06
C VAL A 417 -26.66 -28.16 14.04
N ARG A 418 -26.94 -29.41 13.72
CA ARG A 418 -27.97 -29.77 12.73
C ARG A 418 -29.36 -29.17 13.01
N ARG A 419 -29.62 -28.79 14.27
CA ARG A 419 -30.84 -28.15 14.69
C ARG A 419 -30.76 -26.63 14.56
N LEU A 420 -29.60 -26.09 14.92
CA LEU A 420 -29.37 -24.67 14.78
C LEU A 420 -29.33 -24.24 13.32
N VAL A 421 -28.92 -25.14 12.42
CA VAL A 421 -28.92 -24.86 10.97
C VAL A 421 -29.64 -25.99 10.20
N PRO A 422 -30.99 -26.00 10.19
CA PRO A 422 -31.72 -27.17 9.67
C PRO A 422 -31.75 -27.20 8.14
N GLY A 423 -31.51 -26.05 7.51
CA GLY A 423 -31.28 -26.00 6.07
C GLY A 423 -29.86 -26.41 5.68
N CYS A 424 -29.16 -27.17 6.54
CA CYS A 424 -27.85 -27.72 6.19
C CYS A 424 -27.80 -29.26 6.24
N ASP A 425 -27.12 -29.83 5.23
CA ASP A 425 -26.72 -31.26 5.21
C ASP A 425 -25.26 -31.17 5.53
N VAL A 426 -24.79 -31.97 6.49
CA VAL A 426 -23.42 -31.80 6.99
C VAL A 426 -22.89 -33.10 7.52
N ARG A 427 -21.72 -33.50 7.04
CA ARG A 427 -21.09 -34.75 7.47
C ARG A 427 -19.88 -34.44 8.32
N PHE A 428 -19.80 -35.03 9.51
CA PHE A 428 -18.60 -34.89 10.32
C PHE A 428 -17.66 -36.08 10.08
N LEU A 429 -16.47 -35.81 9.57
CA LEU A 429 -15.45 -36.83 9.40
C LEU A 429 -14.44 -36.75 10.54
N ARG A 430 -14.16 -37.89 11.13
CA ARG A 430 -13.16 -38.02 12.17
C ARG A 430 -11.81 -38.32 11.56
N SER A 431 -10.81 -37.54 11.92
CA SER A 431 -9.45 -37.74 11.40
C SER A 431 -8.84 -38.94 12.11
N GLU A 432 -8.37 -39.94 11.36
CA GLU A 432 -7.75 -41.10 12.02
C GLU A 432 -6.23 -40.98 12.08
N ASP A 433 -5.63 -40.27 11.13
CA ASP A 433 -4.15 -40.23 11.02
C ASP A 433 -3.47 -38.98 11.55
N GLY A 434 -4.24 -37.99 11.93
CA GLY A 434 -3.66 -36.79 12.47
C GLY A 434 -3.27 -35.82 11.38
N SER A 435 -2.77 -34.66 11.82
CA SER A 435 -2.59 -33.49 10.95
C SER A 435 -1.46 -33.68 9.98
N GLY A 436 -0.48 -34.48 10.38
CA GLY A 436 0.76 -34.70 9.59
C GLY A 436 0.57 -35.12 8.15
N LYS A 437 -0.54 -35.76 7.87
CA LYS A 437 -0.89 -36.23 6.55
C LYS A 437 -1.35 -35.06 5.72
N GLY A 438 -2.29 -34.30 6.22
CA GLY A 438 -2.72 -33.11 5.52
C GLY A 438 -1.61 -32.08 5.41
N ALA A 439 -0.68 -32.10 6.34
CA ALA A 439 0.48 -31.20 6.28
C ALA A 439 1.47 -31.65 5.23
N ALA A 440 1.58 -32.97 4.99
CA ALA A 440 2.34 -33.48 3.87
C ALA A 440 1.68 -33.11 2.55
N MET A 441 0.37 -33.04 2.52
CA MET A 441 -0.35 -32.72 1.28
C MET A 441 -0.10 -31.31 0.91
N VAL A 442 -0.08 -30.43 1.90
CA VAL A 442 0.18 -28.99 1.69
C VAL A 442 1.62 -28.75 1.24
N THR A 443 2.57 -29.51 1.78
CA THR A 443 3.99 -29.39 1.42
C THR A 443 4.25 -29.98 0.01
N ALA A 444 3.45 -30.96 -0.40
CA ALA A 444 3.42 -31.43 -1.82
C ALA A 444 3.35 -30.24 -2.74
N VAL A 445 2.40 -29.35 -2.44
CA VAL A 445 2.14 -28.15 -3.23
C VAL A 445 3.22 -27.08 -3.04
N ALA A 446 3.60 -26.79 -1.80
CA ALA A 446 4.67 -25.81 -1.57
C ALA A 446 5.90 -26.18 -2.38
N TYR A 447 6.23 -27.47 -2.35
CA TYR A 447 7.38 -27.97 -3.09
C TYR A 447 7.23 -27.77 -4.59
N ARG A 448 6.11 -28.27 -5.14
CA ARG A 448 5.73 -28.06 -6.52
C ARG A 448 5.88 -26.60 -6.89
N LEU A 449 5.17 -25.72 -6.20
CA LEU A 449 5.26 -24.27 -6.50
C LEU A 449 6.72 -23.80 -6.46
N ALA A 450 7.47 -24.24 -5.45
CA ALA A 450 8.87 -23.85 -5.29
C ALA A 450 9.70 -24.25 -6.51
N ASP A 451 9.34 -25.40 -7.05
CA ASP A 451 10.04 -26.03 -8.14
C ASP A 451 9.73 -25.38 -9.48
N GLN A 452 8.43 -25.12 -9.72
CA GLN A 452 7.99 -24.43 -10.92
C GLN A 452 8.60 -23.04 -10.98
N HIS A 453 8.53 -22.30 -9.88
CA HIS A 453 9.20 -21.01 -9.83
C HIS A 453 10.63 -21.12 -10.28
N ARG A 454 11.41 -21.98 -9.64
CA ARG A 454 12.83 -22.20 -9.95
C ARG A 454 13.03 -22.49 -11.44
N ALA A 455 12.11 -23.27 -12.02
CA ALA A 455 12.12 -23.60 -13.46
C ALA A 455 11.83 -22.38 -14.33
N ARG A 456 11.00 -21.49 -13.86
CA ARG A 456 10.70 -20.28 -14.62
C ARG A 456 11.87 -19.36 -14.60
N GLN A 457 12.48 -19.14 -13.44
CA GLN A 457 13.63 -18.26 -13.42
C GLN A 457 14.90 -18.88 -14.05
N LYS A 458 14.95 -20.21 -14.19
CA LYS A 458 16.07 -20.83 -14.89
C LYS A 458 16.01 -20.44 -16.36
N THR A 459 14.80 -20.45 -16.96
CA THR A 459 14.56 -19.94 -18.33
C THR A 459 14.88 -18.42 -18.45
N LEU A 460 14.30 -17.60 -17.58
CA LEU A 460 14.53 -16.16 -17.63
C LEU A 460 15.98 -15.74 -17.35
N GLU A 461 16.78 -16.61 -16.73
CA GLU A 461 18.22 -16.37 -16.51
C GLU A 461 19.00 -16.29 -17.82
N HIS A 462 18.52 -16.96 -18.85
CA HIS A 462 19.13 -16.89 -20.17
C HIS A 462 18.99 -15.52 -20.86
N LEU A 463 18.09 -14.68 -20.34
CA LEU A 463 17.77 -13.38 -20.89
C LEU A 463 18.30 -12.27 -19.96
N GLN A 464 19.14 -12.65 -19.02
CA GLN A 464 19.76 -11.71 -18.07
C GLN A 464 21.24 -11.74 -18.34
N LEU A 465 21.80 -10.56 -18.58
CA LEU A 465 23.15 -10.37 -19.01
C LEU A 465 23.91 -9.64 -17.94
N SER A 466 25.14 -10.06 -17.72
CA SER A 466 25.97 -9.49 -16.68
C SER A 466 26.83 -8.40 -17.23
N HIS A 467 27.40 -7.63 -16.32
CA HIS A 467 28.26 -6.50 -16.71
C HIS A 467 29.27 -6.90 -17.78
N ASP A 468 29.84 -8.07 -17.59
CA ASP A 468 30.83 -8.58 -18.46
C ASP A 468 30.29 -9.02 -19.79
N GLN A 469 29.07 -9.58 -19.82
CA GLN A 469 28.42 -9.90 -21.09
C GLN A 469 28.14 -8.62 -21.87
N LEU A 470 27.81 -7.57 -21.15
CA LEU A 470 27.54 -6.28 -21.76
C LEU A 470 28.78 -5.49 -22.21
N LEU A 471 29.90 -5.67 -21.51
CA LEU A 471 31.18 -5.19 -22.04
C LEU A 471 31.53 -5.92 -23.35
N GLU A 472 31.13 -7.19 -23.43
CA GLU A 472 31.44 -8.06 -24.59
C GLU A 472 30.53 -7.72 -25.75
N VAL A 473 29.23 -7.58 -25.49
CA VAL A 473 28.33 -7.01 -26.49
C VAL A 473 28.81 -5.65 -27.02
N LYS A 474 29.37 -4.82 -26.15
CA LYS A 474 29.88 -3.52 -26.57
C LYS A 474 31.11 -3.66 -27.46
N ARG A 475 31.96 -4.63 -27.14
CA ARG A 475 33.16 -4.88 -27.88
C ARG A 475 32.82 -5.40 -29.25
N ARG A 476 31.92 -6.37 -29.31
CA ARG A 476 31.51 -6.91 -30.57
C ARG A 476 30.93 -5.82 -31.40
N MET A 477 30.09 -4.97 -30.85
CA MET A 477 29.52 -3.89 -31.66
C MET A 477 30.63 -3.11 -32.28
N LYS A 478 31.70 -2.95 -31.53
CA LYS A 478 32.79 -2.08 -31.93
C LYS A 478 33.55 -2.65 -33.10
N VAL A 479 33.85 -3.95 -33.07
CA VAL A 479 34.50 -4.57 -34.23
C VAL A 479 33.54 -4.66 -35.47
N GLU A 480 32.23 -4.77 -35.25
CA GLU A 480 31.30 -4.68 -36.37
C GLU A 480 31.22 -3.29 -36.97
N MET A 481 31.45 -2.26 -36.17
CA MET A 481 31.46 -0.88 -36.66
C MET A 481 32.65 -0.63 -37.56
N GLU A 482 33.76 -1.29 -37.26
CA GLU A 482 34.97 -1.15 -38.03
C GLU A 482 34.81 -1.89 -39.30
N ARG A 483 34.18 -3.05 -39.23
CA ARG A 483 34.00 -3.90 -40.37
C ARG A 483 33.22 -3.22 -41.48
N GLY A 484 32.13 -2.53 -41.14
CA GLY A 484 31.30 -1.87 -42.14
C GLY A 484 31.85 -0.54 -42.62
N LEU A 485 32.68 0.09 -41.80
CA LEU A 485 33.36 1.34 -42.20
C LEU A 485 34.53 1.10 -43.17
N SER A 486 35.31 0.02 -42.95
CA SER A 486 36.36 -0.38 -43.87
C SER A 486 35.82 -0.87 -45.22
N LYS A 487 36.24 -0.23 -46.31
CA LYS A 487 35.71 -0.60 -47.63
C LYS A 487 36.15 -1.99 -48.04
N GLU A 488 37.33 -2.36 -47.55
CA GLU A 488 37.83 -3.72 -47.73
C GLU A 488 36.84 -4.77 -47.25
N THR A 489 36.13 -4.51 -46.15
CA THR A 489 35.20 -5.50 -45.57
C THR A 489 33.70 -5.11 -45.59
N HIS A 490 33.37 -3.92 -46.07
CA HIS A 490 31.99 -3.42 -46.05
C HIS A 490 30.94 -4.33 -46.69
N ALA A 491 31.24 -4.92 -47.84
CA ALA A 491 30.23 -5.70 -48.56
C ALA A 491 29.76 -6.89 -47.71
N SER A 492 30.69 -7.46 -46.95
CA SER A 492 30.44 -8.60 -46.10
C SER A 492 30.03 -8.23 -44.65
N ALA A 493 29.96 -6.94 -44.31
CA ALA A 493 29.64 -6.52 -42.93
C ALA A 493 28.12 -6.51 -42.64
N PRO A 494 27.70 -7.02 -41.47
CA PRO A 494 26.29 -6.87 -41.04
C PRO A 494 25.88 -5.44 -40.65
N VAL A 495 26.74 -4.75 -39.92
CA VAL A 495 26.45 -3.38 -39.51
C VAL A 495 27.06 -2.52 -40.61
N LYS A 496 26.21 -1.95 -41.46
CA LYS A 496 26.68 -1.32 -42.71
C LYS A 496 27.38 0.04 -42.57
N MET A 497 26.99 0.83 -41.58
CA MET A 497 27.67 2.09 -41.30
C MET A 497 27.60 2.95 -42.53
N LEU A 498 26.37 3.25 -42.96
CA LEU A 498 26.12 3.89 -44.27
C LEU A 498 26.35 5.39 -44.28
N PRO A 499 27.27 5.88 -45.15
CA PRO A 499 27.42 7.29 -45.39
C PRO A 499 26.13 7.93 -45.77
N THR A 500 25.81 9.01 -45.09
CA THR A 500 24.54 9.70 -45.23
C THR A 500 24.64 10.94 -46.12
N TYR A 501 25.88 11.42 -46.29
CA TYR A 501 26.18 12.73 -46.87
C TYR A 501 25.60 13.88 -46.05
N VAL A 502 25.64 13.75 -44.73
CA VAL A 502 25.29 14.83 -43.85
C VAL A 502 26.61 15.18 -43.23
N CYS A 503 27.03 16.42 -43.47
CA CYS A 503 28.38 16.95 -43.16
C CYS A 503 28.31 18.30 -42.48
N GLY A 512 13.91 29.50 -44.65
CA GLY A 512 12.74 29.47 -45.56
C GLY A 512 11.59 28.52 -45.18
N ASP A 513 10.69 28.25 -46.13
CA ASP A 513 9.58 27.29 -45.93
C ASP A 513 9.91 25.93 -46.58
N PHE A 514 9.54 24.83 -45.91
CA PHE A 514 9.94 23.48 -46.36
C PHE A 514 8.90 22.45 -46.14
N LEU A 515 8.97 21.42 -46.95
CA LEU A 515 8.12 20.26 -46.80
C LEU A 515 8.95 19.14 -46.17
N ALA A 516 8.27 18.26 -45.49
CA ALA A 516 8.90 17.10 -44.91
C ALA A 516 7.96 15.91 -45.00
N LEU A 517 8.57 14.75 -45.15
CA LEU A 517 7.90 13.49 -45.02
C LEU A 517 8.59 12.69 -43.90
N ASP A 518 7.78 11.97 -43.16
CA ASP A 518 8.26 11.09 -42.12
C ASP A 518 7.61 9.74 -42.42
N LEU A 519 8.38 8.82 -43.02
CA LEU A 519 7.87 7.48 -43.42
C LEU A 519 8.66 6.35 -42.79
N GLY A 520 7.95 5.45 -42.12
CA GLY A 520 8.56 4.21 -41.63
C GLY A 520 8.47 3.87 -40.15
N GLY A 521 7.84 4.78 -39.38
CA GLY A 521 7.53 4.56 -37.95
C GLY A 521 6.04 4.36 -37.81
N THR A 522 5.46 4.72 -36.68
CA THR A 522 4.06 4.34 -36.43
C THR A 522 3.14 5.12 -37.32
N ASN A 523 3.49 6.38 -37.52
CA ASN A 523 2.73 7.30 -38.38
C ASN A 523 3.51 7.87 -39.56
N PHE A 524 2.83 7.94 -40.72
CA PHE A 524 3.33 8.61 -41.88
C PHE A 524 2.79 10.03 -41.77
N ARG A 525 3.67 11.03 -41.77
CA ARG A 525 3.25 12.40 -41.72
C ARG A 525 3.79 13.16 -42.92
N VAL A 526 3.01 14.10 -43.45
CA VAL A 526 3.61 15.17 -44.26
C VAL A 526 3.64 16.45 -43.44
N LEU A 527 4.70 17.24 -43.61
CA LEU A 527 4.88 18.42 -42.76
C LEU A 527 5.29 19.69 -43.50
N LEU A 528 4.84 20.83 -42.98
CA LEU A 528 5.34 22.15 -43.40
C LEU A 528 6.25 22.67 -42.29
N VAL A 529 7.50 22.93 -42.62
CA VAL A 529 8.43 23.42 -41.64
C VAL A 529 8.91 24.81 -42.02
N ARG A 530 8.21 25.85 -41.52
CA ARG A 530 8.63 27.26 -41.67
C ARG A 530 9.81 27.61 -40.74
N VAL A 531 11.00 27.77 -41.32
CA VAL A 531 12.19 28.25 -40.56
C VAL A 531 12.33 29.81 -40.67
N ARG A 532 12.62 30.45 -39.52
CA ARG A 532 12.86 31.91 -39.48
C ARG A 532 13.79 32.24 -38.32
N GLY A 538 12.56 31.49 -35.20
CA GLY A 538 12.64 30.04 -34.94
C GLY A 538 11.75 29.17 -35.84
N VAL A 539 11.59 27.89 -35.46
CA VAL A 539 10.98 26.86 -36.31
C VAL A 539 9.49 26.64 -36.03
N GLU A 540 8.67 26.86 -37.04
CA GLU A 540 7.21 26.69 -36.93
C GLU A 540 6.85 25.50 -37.75
N MET A 541 6.11 24.58 -37.14
CA MET A 541 5.85 23.27 -37.75
C MET A 541 4.39 22.89 -37.74
N HIS A 542 3.97 22.36 -38.89
CA HIS A 542 2.64 21.82 -39.05
C HIS A 542 2.79 20.47 -39.68
N ASN A 543 1.74 19.68 -39.55
CA ASN A 543 1.67 18.35 -40.09
C ASN A 543 0.24 17.76 -40.09
N LYS A 544 0.11 16.68 -40.86
CA LYS A 544 -1.06 15.84 -40.84
C LYS A 544 -0.56 14.42 -40.93
N ILE A 545 -1.20 13.52 -40.19
CA ILE A 545 -0.92 12.10 -40.30
C ILE A 545 -1.77 11.57 -41.44
N TYR A 546 -1.18 10.72 -42.26
CA TYR A 546 -1.92 10.06 -43.34
C TYR A 546 -1.80 8.55 -43.18
N ALA A 547 -2.92 7.87 -43.01
CA ALA A 547 -2.93 6.41 -42.93
C ALA A 547 -2.47 5.81 -44.25
N ILE A 548 -1.79 4.68 -44.18
CA ILE A 548 -1.44 3.91 -45.38
C ILE A 548 -2.09 2.54 -45.21
N PRO A 549 -3.15 2.28 -46.02
CA PRO A 549 -3.94 1.03 -45.95
C PRO A 549 -3.10 -0.23 -46.14
N GLN A 550 -3.51 -1.32 -45.48
CA GLN A 550 -2.80 -2.60 -45.58
C GLN A 550 -2.54 -2.93 -47.04
N GLU A 551 -3.57 -2.71 -47.88
CA GLU A 551 -3.50 -2.88 -49.35
C GLU A 551 -2.25 -2.19 -49.95
N VAL A 552 -2.32 -0.86 -50.13
CA VAL A 552 -1.14 -0.03 -50.53
C VAL A 552 0.21 -0.43 -49.88
N MET A 553 0.17 -0.72 -48.59
CA MET A 553 1.40 -1.10 -47.84
C MET A 553 2.02 -2.45 -48.30
N HIS A 554 1.13 -3.38 -48.67
CA HIS A 554 1.53 -4.70 -49.20
C HIS A 554 1.79 -4.68 -50.70
N GLY A 555 1.33 -3.64 -51.39
CA GLY A 555 1.31 -3.60 -52.86
C GLY A 555 2.61 -3.27 -53.57
N THR A 556 2.49 -2.46 -54.62
CA THR A 556 3.62 -2.11 -55.47
C THR A 556 4.22 -0.74 -55.08
N GLY A 557 5.50 -0.54 -55.37
CA GLY A 557 6.13 0.78 -55.25
C GLY A 557 5.30 1.89 -55.85
N ASP A 558 4.69 1.63 -56.99
CA ASP A 558 3.92 2.64 -57.70
C ASP A 558 2.73 3.09 -56.85
N GLU A 559 1.97 2.13 -56.33
CA GLU A 559 0.82 2.41 -55.48
C GLU A 559 1.20 3.17 -54.20
N LEU A 560 2.24 2.70 -53.50
CA LEU A 560 2.80 3.40 -52.30
C LEU A 560 3.17 4.87 -52.62
N PHE A 561 4.04 5.06 -53.60
CA PHE A 561 4.46 6.41 -53.92
C PHE A 561 3.39 7.26 -54.55
N ASP A 562 2.52 6.66 -55.36
CA ASP A 562 1.28 7.33 -55.80
C ASP A 562 0.56 7.94 -54.61
N HIS A 563 0.39 7.11 -53.58
CA HIS A 563 -0.32 7.48 -52.36
C HIS A 563 0.45 8.57 -51.61
N ILE A 564 1.77 8.41 -51.47
CA ILE A 564 2.58 9.41 -50.84
C ILE A 564 2.35 10.76 -51.48
N VAL A 565 2.40 10.79 -52.80
CA VAL A 565 2.18 12.04 -53.54
C VAL A 565 0.77 12.59 -53.38
N GLN A 566 -0.22 11.73 -53.47
CA GLN A 566 -1.59 12.12 -53.16
C GLN A 566 -1.74 12.79 -51.78
N CYS A 567 -0.91 12.34 -50.85
CA CYS A 567 -0.87 12.90 -49.51
C CYS A 567 -0.24 14.26 -49.50
N ILE A 568 0.89 14.40 -50.19
CA ILE A 568 1.52 15.69 -50.28
C ILE A 568 0.51 16.70 -50.89
N ALA A 569 -0.10 16.33 -52.02
CA ALA A 569 -1.06 17.21 -52.67
C ALA A 569 -2.16 17.66 -51.69
N ASP A 570 -2.83 16.72 -51.03
CA ASP A 570 -3.84 17.05 -49.99
C ASP A 570 -3.30 18.02 -48.92
N PHE A 571 -2.04 17.89 -48.55
CA PHE A 571 -1.51 18.65 -47.41
C PHE A 571 -1.33 20.07 -47.82
N LEU A 572 -0.82 20.26 -49.03
CA LEU A 572 -0.68 21.60 -49.60
C LEU A 572 -2.03 22.31 -49.69
N GLU A 573 -3.09 21.61 -50.05
CA GLU A 573 -4.42 22.21 -50.04
C GLU A 573 -4.85 22.57 -48.60
N TYR A 574 -4.74 21.57 -47.72
CA TYR A 574 -4.96 21.71 -46.27
C TYR A 574 -4.21 22.96 -45.79
N MET A 575 -2.94 23.08 -46.16
CA MET A 575 -2.14 24.18 -45.71
C MET A 575 -2.41 25.49 -46.45
N GLY A 576 -3.27 25.46 -47.46
CA GLY A 576 -3.59 26.68 -48.24
C GLY A 576 -2.38 27.12 -49.05
N MET A 577 -1.79 26.13 -49.73
CA MET A 577 -0.67 26.35 -50.62
C MET A 577 -0.84 25.48 -51.86
N SER A 581 4.82 24.81 -54.57
CA SER A 581 6.00 23.91 -54.70
C SER A 581 7.22 24.28 -53.81
N LEU A 582 7.58 23.37 -52.91
CA LEU A 582 8.59 23.65 -51.88
C LEU A 582 9.65 22.59 -51.89
N PRO A 583 10.84 22.93 -51.39
CA PRO A 583 11.91 21.97 -51.23
C PRO A 583 11.56 20.93 -50.16
N LEU A 584 12.03 19.69 -50.35
CA LEU A 584 11.58 18.56 -49.51
C LEU A 584 12.71 17.73 -48.85
N GLY A 585 12.57 17.57 -47.54
CA GLY A 585 13.35 16.61 -46.75
C GLY A 585 12.48 15.38 -46.49
N PHE A 586 12.97 14.25 -46.96
CA PHE A 586 12.26 13.01 -46.91
C PHE A 586 12.89 12.19 -45.79
N THR A 587 12.17 11.98 -44.70
CA THR A 587 12.59 11.02 -43.72
C THR A 587 12.01 9.63 -44.07
N PHE A 588 12.95 8.74 -44.39
CA PHE A 588 12.67 7.41 -44.87
C PHE A 588 13.48 6.48 -44.02
N SER A 589 12.81 5.80 -43.09
CA SER A 589 13.51 5.13 -42.01
C SER A 589 13.78 3.65 -42.31
N PHE A 590 14.56 3.43 -43.39
CA PHE A 590 15.04 2.11 -43.85
C PHE A 590 16.52 2.18 -44.32
N PRO A 591 17.24 1.04 -44.42
CA PRO A 591 18.60 1.06 -44.90
C PRO A 591 18.67 1.43 -46.38
N CYS A 592 19.35 2.53 -46.68
CA CYS A 592 19.44 3.05 -48.04
C CYS A 592 20.87 3.29 -48.31
N GLN A 593 21.30 3.00 -49.53
CA GLN A 593 22.59 3.47 -50.02
C GLN A 593 22.39 4.87 -50.62
N GLN A 594 23.08 5.83 -50.02
CA GLN A 594 23.07 7.21 -50.44
C GLN A 594 24.33 7.40 -51.19
N ASN A 595 24.21 7.73 -52.47
CA ASN A 595 25.38 8.11 -53.25
C ASN A 595 25.64 9.64 -53.18
N SER A 596 24.58 10.38 -52.88
CA SER A 596 24.61 11.78 -52.48
C SER A 596 23.37 12.03 -51.60
N LEU A 597 23.19 13.23 -51.12
CA LEU A 597 22.02 13.53 -50.29
C LEU A 597 20.68 13.28 -50.99
N ASP A 598 20.63 13.39 -52.32
CA ASP A 598 19.38 13.25 -53.08
C ASP A 598 19.28 12.01 -54.00
N GLU A 599 20.29 11.15 -53.96
CA GLU A 599 20.17 9.82 -54.56
C GLU A 599 20.28 8.75 -53.46
N SER A 600 19.14 8.18 -53.05
CA SER A 600 19.15 7.09 -52.06
C SER A 600 18.51 5.82 -52.57
N ILE A 601 19.31 4.76 -52.62
CA ILE A 601 18.92 3.42 -53.09
C ILE A 601 18.51 2.51 -51.91
N LEU A 602 17.28 1.97 -51.92
CA LEU A 602 16.78 1.13 -50.82
C LEU A 602 17.49 -0.21 -50.89
N LEU A 603 18.29 -0.57 -49.88
CA LEU A 603 18.99 -1.88 -49.83
C LEU A 603 18.02 -3.02 -49.53
N LYS A 604 17.29 -2.92 -48.41
CA LYS A 604 16.18 -3.83 -48.10
C LYS A 604 15.16 -3.11 -47.24
N TRP A 605 13.87 -3.45 -47.38
CA TRP A 605 12.87 -3.04 -46.39
C TRP A 605 13.13 -3.70 -45.03
N THR A 606 12.71 -3.04 -43.95
CA THR A 606 12.77 -3.60 -42.63
C THR A 606 11.44 -3.35 -41.93
N LYS A 607 11.34 -3.82 -40.68
CA LYS A 607 10.15 -3.65 -39.90
C LYS A 607 9.03 -4.35 -40.67
N GLY A 608 7.91 -3.68 -40.92
CA GLY A 608 6.78 -4.36 -41.54
C GLY A 608 6.51 -4.00 -42.99
N PHE A 609 7.46 -3.32 -43.64
CA PHE A 609 7.23 -2.83 -45.00
C PHE A 609 7.61 -3.93 -46.02
N LYS A 610 6.74 -4.15 -47.01
CA LYS A 610 6.94 -5.24 -47.98
C LYS A 610 6.26 -4.88 -49.25
N ALA A 611 6.72 -3.80 -49.88
CA ALA A 611 6.16 -3.34 -51.15
C ALA A 611 7.14 -3.67 -52.27
N SER A 612 6.59 -4.05 -53.42
CA SER A 612 7.40 -4.61 -54.50
C SER A 612 7.87 -3.52 -55.44
N GLY A 613 8.96 -3.81 -56.15
CA GLY A 613 9.56 -2.85 -57.08
C GLY A 613 10.19 -1.63 -56.44
N CYS A 614 10.55 -1.75 -55.15
CA CYS A 614 11.21 -0.69 -54.40
C CYS A 614 12.63 -1.03 -54.01
N GLU A 615 12.91 -2.23 -53.57
CA GLU A 615 14.28 -2.57 -53.13
C GLU A 615 15.24 -2.57 -54.31
N GLY A 616 16.45 -2.08 -54.09
CA GLY A 616 17.43 -1.93 -55.16
C GLY A 616 17.20 -0.71 -56.08
N GLU A 617 16.07 -0.01 -55.88
CA GLU A 617 15.73 1.22 -56.62
C GLU A 617 16.02 2.44 -55.77
N ASP A 618 16.14 3.58 -56.44
CA ASP A 618 16.45 4.83 -55.81
C ASP A 618 15.12 5.47 -55.51
N VAL A 619 14.84 5.70 -54.22
CA VAL A 619 13.51 6.15 -53.82
C VAL A 619 13.17 7.56 -54.28
N VAL A 620 14.18 8.37 -54.59
CA VAL A 620 13.92 9.74 -55.11
C VAL A 620 13.34 9.69 -56.52
N THR A 621 13.83 8.72 -57.29
CA THR A 621 13.35 8.48 -58.63
C THR A 621 11.92 8.06 -58.55
N LEU A 622 11.68 7.05 -57.73
CA LEU A 622 10.34 6.53 -57.52
C LEU A 622 9.41 7.64 -57.08
N LEU A 623 9.90 8.53 -56.23
CA LEU A 623 9.07 9.62 -55.78
C LEU A 623 8.82 10.56 -56.94
N LYS A 624 9.90 10.92 -57.67
CA LYS A 624 9.80 11.86 -58.79
C LYS A 624 8.91 11.30 -59.89
N GLU A 625 9.16 10.08 -60.31
CA GLU A 625 8.27 9.41 -61.26
C GLU A 625 6.81 9.57 -60.86
N ALA A 626 6.51 9.27 -59.60
CA ALA A 626 5.15 9.32 -59.06
C ALA A 626 4.54 10.73 -58.96
N ILE A 627 5.41 11.74 -58.83
CA ILE A 627 4.99 13.15 -58.86
C ILE A 627 4.68 13.58 -60.29
N HIS A 628 5.50 13.15 -61.24
CA HIS A 628 5.22 13.39 -62.67
C HIS A 628 3.83 12.87 -63.03
N ARG A 629 3.53 11.63 -62.69
CA ARG A 629 2.21 11.09 -63.00
C ARG A 629 1.08 12.09 -62.69
N ARG A 630 1.28 13.03 -61.77
CA ARG A 630 0.17 13.86 -61.29
C ARG A 630 -0.11 15.21 -62.04
N ASP A 634 4.67 19.75 -59.46
CA ASP A 634 5.91 19.06 -59.11
C ASP A 634 6.54 19.65 -57.84
N LEU A 635 7.64 19.04 -57.38
CA LEU A 635 8.32 19.45 -56.14
C LEU A 635 9.83 19.28 -56.23
N ASP A 636 10.50 19.81 -55.20
CA ASP A 636 11.95 19.99 -55.17
C ASP A 636 12.56 19.05 -54.09
N VAL A 637 12.61 17.75 -54.40
CA VAL A 637 13.21 16.72 -53.49
C VAL A 637 14.73 16.92 -53.31
N VAL A 638 15.10 17.69 -52.30
CA VAL A 638 16.48 18.01 -52.11
C VAL A 638 17.24 16.92 -51.33
N ALA A 639 16.63 16.36 -50.28
CA ALA A 639 17.40 15.44 -49.40
C ALA A 639 16.58 14.28 -48.87
N VAL A 640 17.27 13.15 -48.72
CA VAL A 640 16.71 11.97 -48.10
C VAL A 640 17.60 11.61 -46.90
N VAL A 641 16.94 11.42 -45.74
CA VAL A 641 17.62 11.06 -44.48
C VAL A 641 16.86 9.93 -43.73
N ASN A 642 17.60 9.17 -42.91
CA ASN A 642 17.05 8.14 -41.99
C ASN A 642 16.41 8.82 -40.80
N ASP A 643 15.52 8.16 -40.08
CA ASP A 643 14.96 8.81 -38.91
C ASP A 643 16.04 9.14 -37.86
N THR A 644 17.07 8.31 -37.75
CA THR A 644 18.09 8.56 -36.76
C THR A 644 18.75 9.91 -37.05
N VAL A 645 19.05 10.14 -38.33
CA VAL A 645 19.72 11.35 -38.78
C VAL A 645 18.81 12.59 -38.62
N GLY A 646 17.55 12.46 -38.97
CA GLY A 646 16.56 13.51 -38.79
C GLY A 646 16.42 13.84 -37.33
N THR A 647 16.20 12.83 -36.51
CA THR A 647 16.10 13.00 -35.05
C THR A 647 17.37 13.63 -34.41
N MET A 648 18.56 13.20 -34.82
CA MET A 648 19.79 13.87 -34.41
C MET A 648 19.81 15.37 -34.74
N MET A 649 19.27 15.75 -35.90
CA MET A 649 19.24 17.16 -36.32
C MET A 649 18.15 17.98 -35.62
N THR A 650 16.99 17.40 -35.40
CA THR A 650 15.95 18.01 -34.59
C THR A 650 16.50 18.39 -33.23
N CYS A 651 17.27 17.46 -32.66
CA CYS A 651 17.77 17.58 -31.30
C CYS A 651 18.99 18.48 -31.23
N GLY A 652 19.87 18.38 -32.22
CA GLY A 652 21.05 19.22 -32.27
C GLY A 652 20.76 20.69 -32.54
N PHE A 653 19.52 20.99 -32.87
CA PHE A 653 19.10 22.37 -33.07
C PHE A 653 18.95 23.07 -31.74
N GLU A 654 18.52 22.30 -30.75
CA GLU A 654 18.46 22.74 -29.36
C GLU A 654 19.85 22.70 -28.69
N ASP A 655 20.81 21.95 -29.22
CA ASP A 655 22.01 21.58 -28.43
C ASP A 655 23.26 21.30 -29.29
N PRO A 656 24.19 22.27 -29.37
CA PRO A 656 25.52 22.10 -29.96
C PRO A 656 26.16 20.75 -29.85
N HIS A 657 25.94 20.05 -28.75
CA HIS A 657 26.67 18.81 -28.47
C HIS A 657 26.04 17.55 -29.07
N CYS A 658 24.83 17.65 -29.64
CA CYS A 658 24.13 16.46 -30.14
C CYS A 658 24.78 15.97 -31.40
N GLU A 659 25.49 14.85 -31.26
CA GLU A 659 26.26 14.21 -32.33
C GLU A 659 25.76 12.80 -32.67
N VAL A 660 24.72 12.33 -31.98
CA VAL A 660 24.28 10.96 -32.17
C VAL A 660 22.77 10.91 -32.25
N GLY A 661 22.27 10.01 -33.10
CA GLY A 661 20.84 9.75 -33.21
C GLY A 661 20.58 8.37 -32.70
N LEU A 662 19.47 8.18 -32.00
CA LEU A 662 19.05 6.86 -31.55
C LEU A 662 17.55 6.72 -31.75
N ILE A 663 17.13 5.57 -32.28
CA ILE A 663 15.71 5.31 -32.36
C ILE A 663 15.46 4.03 -31.63
N VAL A 664 14.44 4.06 -30.77
CA VAL A 664 13.91 2.85 -30.15
C VAL A 664 12.39 2.92 -30.19
N GLY A 665 11.83 2.47 -31.30
CA GLY A 665 10.41 2.57 -31.49
C GLY A 665 9.98 1.28 -32.09
N THR A 666 9.46 1.35 -33.31
CA THR A 666 9.07 0.16 -34.07
C THR A 666 10.30 -0.69 -34.38
N GLY A 667 11.35 -0.03 -34.85
CA GLY A 667 12.66 -0.66 -35.05
C GLY A 667 13.63 0.07 -34.17
N SER A 668 14.90 -0.30 -34.20
CA SER A 668 15.88 0.45 -33.45
C SER A 668 17.12 0.61 -34.28
N ASN A 669 17.84 1.71 -34.10
CA ASN A 669 18.98 2.03 -34.97
C ASN A 669 19.64 3.27 -34.42
N ALA A 670 20.85 3.55 -34.86
CA ALA A 670 21.57 4.72 -34.43
C ALA A 670 22.47 5.24 -35.55
N CYS A 671 22.58 6.58 -35.62
CA CYS A 671 23.61 7.27 -36.40
C CYS A 671 24.51 8.15 -35.53
N TYR A 672 25.70 8.45 -36.03
CA TYR A 672 26.61 9.38 -35.35
C TYR A 672 27.58 10.02 -36.34
N MET A 673 28.23 11.12 -35.91
CA MET A 673 29.26 11.81 -36.71
C MET A 673 30.62 11.10 -36.68
N GLU A 674 30.92 10.42 -37.77
CA GLU A 674 32.19 9.74 -37.96
C GLU A 674 33.17 10.72 -38.61
N GLU A 675 34.45 10.35 -38.56
CA GLU A 675 35.55 11.09 -39.18
C GLU A 675 35.66 10.64 -40.63
N MET A 676 35.91 11.57 -41.54
CA MET A 676 36.01 11.22 -42.98
C MET A 676 37.17 10.28 -43.30
N ARG A 677 38.23 10.33 -42.47
CA ARG A 677 39.38 9.39 -42.58
C ARG A 677 38.95 7.93 -42.45
N ASN A 678 37.98 7.71 -41.54
CA ASN A 678 37.40 6.38 -41.24
C ASN A 678 36.27 5.99 -42.22
N VAL A 679 35.49 6.96 -42.70
CA VAL A 679 34.49 6.70 -43.73
C VAL A 679 35.21 6.43 -45.03
N GLU A 680 35.71 5.22 -45.19
CA GLU A 680 36.47 4.87 -46.36
C GLU A 680 35.64 4.84 -47.64
N LEU A 681 34.34 4.58 -47.53
CA LEU A 681 33.51 4.54 -48.74
C LEU A 681 33.27 5.92 -49.40
N VAL A 682 33.77 6.99 -48.76
CA VAL A 682 33.71 8.37 -49.31
C VAL A 682 35.09 9.06 -49.30
N GLU A 683 35.56 9.40 -50.51
CA GLU A 683 36.84 10.07 -50.74
C GLU A 683 36.89 11.43 -50.03
N GLY A 684 37.98 11.64 -49.29
CA GLY A 684 38.11 12.79 -48.39
C GLY A 684 38.55 12.28 -47.03
N GLU A 685 39.61 12.86 -46.48
CA GLU A 685 40.08 12.45 -45.17
C GLU A 685 40.00 13.60 -44.17
N GLU A 686 39.27 14.64 -44.54
CA GLU A 686 39.13 15.81 -43.68
C GLU A 686 37.65 16.17 -43.52
N GLY A 687 37.32 16.74 -42.36
CA GLY A 687 35.93 17.00 -42.00
C GLY A 687 35.21 15.78 -41.43
N ARG A 688 33.89 15.90 -41.30
CA ARG A 688 33.08 14.83 -40.72
C ARG A 688 31.85 14.51 -41.58
N MET A 689 31.33 13.29 -41.39
CA MET A 689 30.05 12.86 -41.96
C MET A 689 29.26 11.97 -41.01
N CYS A 690 27.94 12.15 -40.99
CA CYS A 690 27.04 11.32 -40.22
C CYS A 690 26.92 9.97 -40.87
N VAL A 691 26.96 8.95 -40.05
CA VAL A 691 26.95 7.56 -40.50
C VAL A 691 25.69 6.89 -39.91
N ASN A 692 24.87 6.33 -40.77
CA ASN A 692 23.70 5.58 -40.36
C ASN A 692 24.10 4.12 -40.16
N MET A 693 24.19 3.67 -38.91
CA MET A 693 24.79 2.37 -38.61
C MET A 693 23.94 1.22 -39.10
N GLU A 694 22.63 1.39 -39.06
CA GLU A 694 21.72 0.27 -39.31
C GLU A 694 22.15 -0.89 -38.39
N TRP A 695 22.07 -0.64 -37.09
CA TRP A 695 22.59 -1.56 -36.13
C TRP A 695 21.64 -2.70 -35.83
N GLY A 696 20.41 -2.60 -36.36
CA GLY A 696 19.43 -3.67 -36.13
C GLY A 696 19.97 -5.00 -36.61
N ALA A 697 20.80 -4.95 -37.64
CA ALA A 697 21.34 -6.14 -38.25
C ALA A 697 22.54 -6.65 -37.50
N PHE A 698 22.97 -5.95 -36.45
CA PHE A 698 24.03 -6.47 -35.59
C PHE A 698 23.62 -7.89 -35.24
N GLY A 699 24.53 -8.83 -35.36
CA GLY A 699 24.22 -10.21 -35.09
C GLY A 699 23.69 -11.01 -36.27
N ASP A 700 23.55 -10.41 -37.44
CA ASP A 700 23.03 -11.17 -38.59
C ASP A 700 24.09 -12.11 -39.13
N ASN A 701 25.35 -11.84 -38.80
CA ASN A 701 26.47 -12.72 -39.16
C ASN A 701 26.70 -13.91 -38.22
N GLY A 702 25.96 -13.95 -37.10
CA GLY A 702 26.15 -14.96 -36.05
C GLY A 702 26.83 -14.40 -34.81
N CYS A 703 27.27 -13.17 -34.86
CA CYS A 703 28.13 -12.64 -33.81
C CYS A 703 27.47 -12.40 -32.46
N LEU A 704 26.22 -12.87 -32.28
CA LEU A 704 25.49 -12.78 -31.02
C LEU A 704 24.75 -14.07 -30.65
N ASP A 705 25.04 -15.17 -31.35
CA ASP A 705 24.26 -16.38 -31.20
C ASP A 705 24.36 -17.04 -29.86
N ASP A 706 25.44 -16.77 -29.12
CA ASP A 706 25.58 -17.23 -27.74
C ASP A 706 24.74 -16.45 -26.76
N PHE A 707 24.26 -15.27 -27.16
CA PHE A 707 23.38 -14.45 -26.33
C PHE A 707 21.92 -14.59 -26.73
N ARG A 708 21.67 -15.24 -27.84
CA ARG A 708 20.33 -15.42 -28.34
C ARG A 708 19.73 -16.72 -27.83
N THR A 709 18.42 -16.65 -27.55
CA THR A 709 17.67 -17.76 -26.97
C THR A 709 16.77 -18.39 -28.02
N GLU A 710 16.13 -19.49 -27.62
CA GLU A 710 15.22 -20.23 -28.50
C GLU A 710 13.99 -19.39 -28.86
N PHE A 711 13.75 -18.35 -28.05
CA PHE A 711 12.63 -17.42 -28.22
C PHE A 711 12.97 -16.34 -29.18
N ASP A 712 14.24 -15.94 -29.17
CA ASP A 712 14.74 -14.98 -30.13
C ASP A 712 14.76 -15.65 -31.52
N VAL A 713 15.18 -16.90 -31.58
CA VAL A 713 15.16 -17.68 -32.82
C VAL A 713 13.74 -17.79 -33.38
N ALA A 714 12.78 -18.06 -32.50
CA ALA A 714 11.37 -18.21 -32.89
C ALA A 714 10.79 -16.91 -33.43
N VAL A 715 11.09 -15.80 -32.77
CA VAL A 715 10.67 -14.47 -33.26
C VAL A 715 11.29 -14.20 -34.66
N ASP A 716 12.55 -14.59 -34.82
CA ASP A 716 13.24 -14.34 -36.07
C ASP A 716 12.69 -15.20 -37.19
N GLU A 717 12.69 -16.50 -36.97
CA GLU A 717 12.25 -17.45 -37.99
C GLU A 717 10.81 -17.30 -38.46
N LEU A 718 9.96 -16.73 -37.60
CA LEU A 718 8.57 -16.56 -37.93
C LEU A 718 8.29 -15.17 -38.45
N SER A 719 9.34 -14.36 -38.63
CA SER A 719 9.22 -12.99 -39.15
C SER A 719 9.23 -12.89 -40.69
N LEU A 720 8.91 -11.68 -41.18
CA LEU A 720 8.99 -11.31 -42.61
C LEU A 720 10.41 -11.32 -43.18
N ASN A 721 11.39 -10.97 -42.34
CA ASN A 721 12.78 -10.88 -42.73
C ASN A 721 13.62 -11.77 -41.82
N PRO A 722 13.43 -13.12 -41.93
CA PRO A 722 14.16 -14.12 -41.18
C PRO A 722 15.63 -14.09 -41.45
N GLY A 723 16.40 -14.11 -40.37
CA GLY A 723 17.85 -14.06 -40.41
C GLY A 723 18.39 -12.65 -40.50
N LYS A 724 17.48 -11.68 -40.41
CA LYS A 724 17.79 -10.27 -40.57
C LYS A 724 17.23 -9.44 -39.43
N GLN A 725 17.98 -8.41 -39.07
CA GLN A 725 17.63 -7.43 -38.05
C GLN A 725 17.58 -8.06 -36.67
N ARG A 726 18.59 -8.81 -36.38
CA ARG A 726 18.58 -9.66 -35.23
C ARG A 726 18.78 -8.86 -33.97
N PHE A 727 19.65 -7.87 -34.01
CA PHE A 727 19.82 -7.02 -32.84
C PHE A 727 18.53 -6.33 -32.51
N GLU A 728 17.96 -5.69 -33.52
CA GLU A 728 16.74 -4.90 -33.33
C GLU A 728 15.61 -5.76 -32.84
N LYS A 729 15.64 -7.02 -33.25
CA LYS A 729 14.60 -7.95 -32.86
C LYS A 729 14.67 -8.31 -31.39
N MET A 730 15.77 -7.96 -30.72
CA MET A 730 15.93 -8.12 -29.28
C MET A 730 15.67 -6.84 -28.52
N ILE A 731 15.33 -5.75 -29.22
CA ILE A 731 15.31 -4.39 -28.63
C ILE A 731 14.00 -3.61 -28.85
N SER A 732 13.43 -3.73 -30.04
CA SER A 732 12.45 -2.77 -30.49
C SER A 732 11.00 -3.19 -30.25
N GLY A 733 10.14 -2.18 -30.31
CA GLY A 733 8.74 -2.28 -30.00
C GLY A 733 7.97 -3.27 -30.82
N MET A 734 8.35 -3.45 -32.07
CA MET A 734 7.70 -4.43 -32.92
C MET A 734 7.91 -5.87 -32.44
N TYR A 735 8.99 -6.16 -31.72
CA TYR A 735 9.40 -7.55 -31.49
C TYR A 735 9.37 -8.07 -30.03
N LEU A 736 9.51 -7.20 -29.04
CA LEU A 736 9.60 -7.64 -27.62
C LEU A 736 8.42 -8.46 -27.21
N GLY A 737 7.22 -7.96 -27.49
CA GLY A 737 5.99 -8.69 -27.22
C GLY A 737 6.05 -10.11 -27.69
N GLU A 738 6.75 -10.32 -28.77
CA GLU A 738 6.83 -11.64 -29.33
C GLU A 738 7.88 -12.49 -28.61
N ILE A 739 8.93 -11.87 -28.09
CA ILE A 739 9.85 -12.58 -27.24
C ILE A 739 9.01 -13.06 -26.04
N VAL A 740 8.37 -12.12 -25.35
CA VAL A 740 7.48 -12.40 -24.23
C VAL A 740 6.45 -13.51 -24.55
N ARG A 741 5.70 -13.32 -25.61
CA ARG A 741 4.63 -14.24 -25.96
C ARG A 741 5.16 -15.64 -26.18
N ASN A 742 6.26 -15.77 -26.93
CA ASN A 742 6.88 -17.09 -27.11
C ASN A 742 7.35 -17.71 -25.79
N ILE A 743 7.71 -16.88 -24.83
CA ILE A 743 8.13 -17.36 -23.52
C ILE A 743 6.92 -17.87 -22.76
N LEU A 744 5.93 -17.00 -22.61
CA LEU A 744 4.71 -17.33 -21.91
C LEU A 744 4.12 -18.61 -22.43
N ILE A 745 4.10 -18.74 -23.75
CA ILE A 745 3.66 -19.96 -24.40
C ILE A 745 4.53 -21.13 -24.02
N ASP A 746 5.85 -21.00 -24.06
CA ASP A 746 6.69 -22.10 -23.59
C ASP A 746 6.33 -22.48 -22.14
N PHE A 747 6.20 -21.51 -21.25
CA PHE A 747 5.92 -21.82 -19.85
C PHE A 747 4.65 -22.58 -19.72
N THR A 748 3.58 -22.07 -20.30
CA THR A 748 2.30 -22.78 -20.21
C THR A 748 2.42 -24.22 -20.76
N LYS A 749 3.04 -24.44 -21.90
CA LYS A 749 3.12 -25.83 -22.33
C LYS A 749 4.07 -26.71 -21.47
N ARG A 750 4.85 -26.10 -20.55
CA ARG A 750 5.60 -26.88 -19.55
C ARG A 750 4.85 -26.92 -18.22
N GLY A 751 3.57 -26.53 -18.23
CA GLY A 751 2.76 -26.52 -17.03
C GLY A 751 3.10 -25.46 -15.98
N LEU A 752 3.87 -24.44 -16.35
CA LEU A 752 4.31 -23.43 -15.39
C LEU A 752 3.51 -22.10 -15.38
N LEU A 753 2.41 -22.03 -16.11
CA LEU A 753 1.64 -20.78 -16.24
C LEU A 753 0.35 -21.09 -16.93
N PHE A 754 -0.69 -20.30 -16.65
CA PHE A 754 -2.02 -20.43 -17.30
C PHE A 754 -2.67 -21.82 -17.18
N ARG A 755 -2.51 -22.43 -16.02
CA ARG A 755 -2.98 -23.79 -15.81
C ARG A 755 -2.67 -24.72 -17.01
N GLY A 756 -1.65 -24.40 -17.80
CA GLY A 756 -1.20 -25.28 -18.88
C GLY A 756 -2.02 -25.37 -20.16
N ARG A 757 -2.99 -24.46 -20.31
CA ARG A 757 -3.82 -24.37 -21.52
C ARG A 757 -3.47 -23.09 -22.27
N ILE A 758 -3.14 -23.27 -23.56
CA ILE A 758 -2.72 -22.19 -24.45
C ILE A 758 -3.96 -21.60 -25.13
N SER A 759 -4.50 -20.57 -24.49
CA SER A 759 -5.57 -19.72 -25.04
C SER A 759 -5.27 -19.49 -26.53
N GLU A 760 -6.24 -19.70 -27.42
CA GLU A 760 -6.00 -19.55 -28.90
C GLU A 760 -5.68 -18.09 -29.29
N ARG A 761 -5.81 -17.22 -28.30
CA ARG A 761 -5.52 -15.81 -28.40
C ARG A 761 -4.10 -15.45 -27.86
N LEU A 762 -3.44 -16.41 -27.22
CA LEU A 762 -2.01 -16.28 -26.91
C LEU A 762 -1.28 -16.78 -28.13
N LYS A 763 -1.93 -17.64 -28.92
CA LYS A 763 -1.39 -18.11 -30.20
C LYS A 763 -1.37 -16.97 -31.24
N THR A 764 -1.84 -15.80 -30.83
CA THR A 764 -2.08 -14.66 -31.70
C THR A 764 -0.98 -13.61 -31.71
N ARG A 765 -0.40 -13.38 -32.88
CA ARG A 765 0.67 -12.40 -33.07
C ARG A 765 0.35 -10.96 -32.64
N GLY A 766 1.34 -10.30 -32.04
CA GLY A 766 1.32 -8.85 -31.85
C GLY A 766 0.42 -8.31 -30.78
N ILE A 767 -0.15 -9.20 -29.95
CA ILE A 767 -1.01 -8.76 -28.86
C ILE A 767 -0.23 -7.93 -27.82
N PHE A 768 1.06 -8.23 -27.63
CA PHE A 768 1.86 -7.54 -26.62
C PHE A 768 2.56 -6.30 -27.16
N GLU A 769 1.77 -5.25 -27.30
CA GLU A 769 2.21 -4.07 -28.00
C GLU A 769 2.90 -3.17 -27.02
N THR A 770 3.69 -2.23 -27.52
CA THR A 770 4.48 -1.36 -26.67
C THR A 770 3.69 -0.70 -25.54
N LYS A 771 2.42 -0.35 -25.77
CA LYS A 771 1.60 0.33 -24.75
C LYS A 771 1.28 -0.61 -23.58
N PHE A 772 0.96 -1.87 -23.93
CA PHE A 772 0.57 -2.89 -22.96
C PHE A 772 1.76 -3.67 -22.43
N LEU A 773 2.97 -3.23 -22.74
CA LEU A 773 4.20 -3.73 -22.10
C LEU A 773 4.70 -2.67 -21.16
N SER A 774 4.48 -1.42 -21.52
CA SER A 774 4.97 -0.30 -20.76
C SER A 774 4.05 -0.04 -19.57
N GLN A 775 2.82 -0.52 -19.67
CA GLN A 775 1.81 -0.37 -18.64
C GLN A 775 2.08 -1.46 -17.61
N ILE A 776 2.12 -2.70 -18.08
CA ILE A 776 2.30 -3.91 -17.23
C ILE A 776 3.48 -3.80 -16.27
N GLU A 777 4.49 -3.02 -16.61
CA GLU A 777 5.69 -2.93 -15.81
C GLU A 777 5.76 -1.59 -15.09
N SER A 778 4.65 -0.87 -14.99
CA SER A 778 4.69 0.44 -14.30
C SER A 778 4.72 0.22 -12.81
N ASP A 779 5.61 0.92 -12.10
CA ASP A 779 5.80 0.59 -10.67
C ASP A 779 5.05 1.53 -9.72
N CYS A 780 4.19 2.37 -10.29
CA CYS A 780 3.17 3.02 -9.50
C CYS A 780 1.95 2.07 -9.40
N LEU A 781 2.04 0.89 -10.05
CA LEU A 781 0.92 -0.09 -9.99
C LEU A 781 1.05 -1.17 -8.90
N ALA A 782 -0.12 -1.51 -8.33
CA ALA A 782 -0.34 -2.73 -7.55
C ALA A 782 -0.84 -3.87 -8.47
N LEU A 783 -0.91 -5.07 -7.91
CA LEU A 783 -0.89 -6.33 -8.69
C LEU A 783 -2.23 -6.66 -9.36
N LEU A 784 -3.32 -6.40 -8.66
CA LEU A 784 -4.66 -6.50 -9.26
C LEU A 784 -4.76 -5.51 -10.40
N GLN A 785 -4.08 -4.36 -10.22
CA GLN A 785 -4.02 -3.32 -11.25
C GLN A 785 -3.39 -3.91 -12.52
N VAL A 786 -2.18 -4.47 -12.37
CA VAL A 786 -1.51 -5.25 -13.46
C VAL A 786 -2.39 -6.37 -13.96
N ARG A 787 -3.10 -7.00 -13.07
CA ARG A 787 -4.00 -8.04 -13.44
C ARG A 787 -5.12 -7.47 -14.27
N ALA A 788 -5.53 -6.24 -13.95
CA ALA A 788 -6.57 -5.51 -14.72
C ALA A 788 -6.20 -5.46 -16.22
N ILE A 789 -4.95 -5.05 -16.48
CA ILE A 789 -4.45 -4.82 -17.84
C ILE A 789 -4.37 -6.09 -18.66
N LEU A 790 -3.95 -7.18 -18.02
CA LEU A 790 -3.86 -8.51 -18.67
C LEU A 790 -5.22 -9.05 -18.94
N GLN A 791 -6.07 -8.91 -17.93
CA GLN A 791 -7.50 -9.15 -18.06
C GLN A 791 -8.00 -8.37 -19.29
N HIS A 792 -7.73 -7.07 -19.30
CA HIS A 792 -8.19 -6.12 -20.35
C HIS A 792 -7.71 -6.47 -21.80
N LEU A 793 -6.57 -7.18 -21.88
CA LEU A 793 -5.97 -7.63 -23.18
C LEU A 793 -6.60 -8.91 -23.68
N GLY A 794 -7.47 -9.51 -22.87
CA GLY A 794 -8.18 -10.72 -23.25
C GLY A 794 -7.42 -12.01 -22.99
N LEU A 795 -6.56 -11.98 -21.97
CA LEU A 795 -5.89 -13.18 -21.47
C LEU A 795 -6.37 -13.36 -20.05
N GLU A 796 -6.91 -14.55 -19.71
CA GLU A 796 -7.45 -14.73 -18.36
C GLU A 796 -6.41 -15.29 -17.39
N SER A 797 -6.10 -14.45 -16.40
CA SER A 797 -4.90 -14.56 -15.58
C SER A 797 -5.25 -14.38 -14.11
N THR A 798 -4.65 -15.21 -13.27
CA THR A 798 -4.80 -15.06 -11.85
C THR A 798 -3.73 -14.09 -11.39
N CYS A 799 -3.85 -13.55 -10.19
CA CYS A 799 -2.78 -12.72 -9.62
C CYS A 799 -1.38 -13.40 -9.65
N ASP A 800 -1.38 -14.74 -9.76
CA ASP A 800 -0.14 -15.54 -9.82
C ASP A 800 0.40 -15.58 -11.26
N ASP A 801 -0.46 -15.88 -12.22
CA ASP A 801 -0.15 -15.73 -13.65
C ASP A 801 0.33 -14.33 -14.00
N SER A 802 -0.09 -13.34 -13.24
CA SER A 802 0.17 -11.95 -13.59
C SER A 802 1.47 -11.42 -13.02
N ILE A 803 1.96 -12.02 -11.94
CA ILE A 803 3.29 -11.63 -11.44
C ILE A 803 4.36 -12.26 -12.30
N ILE A 804 3.98 -13.32 -13.03
CA ILE A 804 4.90 -14.08 -13.85
C ILE A 804 5.06 -13.31 -15.14
N VAL A 805 3.97 -13.20 -15.89
CA VAL A 805 3.89 -12.30 -17.04
C VAL A 805 4.58 -10.96 -16.79
N LYS A 806 4.32 -10.29 -15.67
CA LYS A 806 5.02 -9.04 -15.38
C LYS A 806 6.54 -9.19 -15.28
N GLU A 807 7.01 -10.29 -14.72
CA GLU A 807 8.47 -10.52 -14.59
C GLU A 807 9.04 -10.88 -15.97
N VAL A 808 8.40 -11.79 -16.70
CA VAL A 808 8.78 -12.08 -18.09
C VAL A 808 8.98 -10.80 -18.91
N CYS A 809 8.10 -9.82 -18.78
CA CYS A 809 8.22 -8.53 -19.49
C CYS A 809 9.34 -7.67 -18.93
N THR A 810 9.37 -7.51 -17.63
CA THR A 810 10.43 -6.71 -17.00
C THR A 810 11.75 -7.18 -17.51
N VAL A 811 11.90 -8.51 -17.57
CA VAL A 811 13.15 -9.16 -18.00
C VAL A 811 13.50 -8.90 -19.48
N VAL A 812 12.51 -9.01 -20.36
CA VAL A 812 12.70 -8.85 -21.81
C VAL A 812 13.04 -7.42 -22.11
N ALA A 813 12.37 -6.49 -21.43
CA ALA A 813 12.60 -5.05 -21.62
C ALA A 813 13.85 -4.62 -20.95
N ARG A 814 14.19 -5.22 -19.83
CA ARG A 814 15.50 -4.87 -19.21
C ARG A 814 16.64 -5.23 -20.13
N ARG A 815 16.61 -6.42 -20.73
CA ARG A 815 17.67 -6.87 -21.66
C ARG A 815 17.76 -5.95 -22.87
N ALA A 816 16.62 -5.53 -23.40
CA ALA A 816 16.54 -4.61 -24.54
C ALA A 816 17.21 -3.30 -24.19
N ALA A 817 16.81 -2.73 -23.08
CA ALA A 817 17.40 -1.49 -22.57
C ALA A 817 18.90 -1.62 -22.46
N GLN A 818 19.37 -2.75 -21.95
CA GLN A 818 20.79 -2.93 -21.67
C GLN A 818 21.59 -3.25 -22.89
N LEU A 819 21.03 -4.00 -23.82
CA LEU A 819 21.68 -4.21 -25.12
C LEU A 819 21.77 -2.89 -25.88
N CYS A 820 20.67 -2.18 -25.95
CA CYS A 820 20.70 -0.85 -26.55
C CYS A 820 21.79 -0.01 -25.91
N GLY A 821 21.90 -0.10 -24.59
CA GLY A 821 22.88 0.65 -23.79
C GLY A 821 24.28 0.25 -24.10
N ALA A 822 24.50 -1.02 -24.36
CA ALA A 822 25.83 -1.54 -24.71
C ALA A 822 26.22 -1.17 -26.14
N GLY A 823 25.23 -1.12 -27.02
CA GLY A 823 25.46 -0.67 -28.37
C GLY A 823 25.88 0.77 -28.37
N MET A 824 25.17 1.58 -27.59
CA MET A 824 25.43 3.01 -27.49
C MET A 824 26.77 3.28 -26.81
N ALA A 825 27.03 2.60 -25.71
CA ALA A 825 28.35 2.62 -25.11
C ALA A 825 29.45 2.52 -26.16
N ALA A 826 29.29 1.58 -27.09
CA ALA A 826 30.26 1.35 -28.19
C ALA A 826 30.43 2.59 -29.03
N VAL A 827 29.33 3.32 -29.23
CA VAL A 827 29.27 4.49 -30.11
C VAL A 827 29.92 5.69 -29.52
N VAL A 828 29.72 5.90 -28.24
CA VAL A 828 30.32 7.04 -27.58
C VAL A 828 31.83 6.82 -27.40
N ASP A 829 32.26 5.66 -26.92
CA ASP A 829 33.70 5.38 -26.78
C ASP A 829 34.41 5.38 -28.10
N ARG A 830 33.69 5.10 -29.19
CA ARG A 830 34.24 5.22 -30.55
C ARG A 830 34.50 6.68 -30.88
N ILE A 831 33.50 7.54 -30.72
CA ILE A 831 33.69 8.95 -31.03
C ILE A 831 34.87 9.49 -30.21
N ARG A 832 34.95 9.08 -28.95
CA ARG A 832 36.00 9.54 -28.03
C ARG A 832 37.37 9.06 -28.46
N GLU A 833 37.48 7.81 -28.88
CA GLU A 833 38.78 7.24 -29.33
C GLU A 833 39.23 7.77 -30.71
N ASN A 834 38.24 8.12 -31.53
CA ASN A 834 38.41 8.74 -32.86
C ASN A 834 39.01 10.15 -32.78
N ARG A 835 38.77 10.84 -31.66
CA ARG A 835 39.25 12.18 -31.41
C ARG A 835 40.41 12.18 -30.41
N GLY A 836 40.95 11.00 -30.10
CA GLY A 836 42.05 10.85 -29.12
C GLY A 836 41.77 11.38 -27.72
N LEU A 837 40.55 11.86 -27.48
CA LEU A 837 40.17 12.51 -26.23
C LEU A 837 40.28 11.51 -25.09
N ASP A 838 40.50 12.02 -23.88
CA ASP A 838 40.52 11.19 -22.68
C ASP A 838 39.13 11.12 -22.08
N ALA A 839 38.32 12.16 -22.29
CA ALA A 839 36.91 12.14 -21.90
C ALA A 839 36.06 12.84 -22.96
N LEU A 840 34.78 12.45 -23.04
CA LEU A 840 33.86 13.01 -24.05
C LEU A 840 32.55 13.50 -23.43
N LYS A 841 32.21 14.76 -23.69
CA LYS A 841 30.89 15.28 -23.38
C LYS A 841 30.12 15.16 -24.69
N VAL A 842 28.93 14.59 -24.65
CA VAL A 842 28.13 14.34 -25.86
C VAL A 842 26.67 14.15 -25.50
N THR A 843 25.80 14.59 -26.41
CA THR A 843 24.38 14.39 -26.28
C THR A 843 23.96 13.40 -27.39
N VAL A 844 22.91 12.63 -27.10
CA VAL A 844 22.31 11.69 -28.04
C VAL A 844 20.89 12.14 -28.17
N GLY A 845 20.47 12.56 -29.37
CA GLY A 845 19.04 12.85 -29.62
C GLY A 845 18.28 11.54 -29.79
N VAL A 846 17.10 11.43 -29.17
CA VAL A 846 16.41 10.16 -29.13
C VAL A 846 14.95 10.31 -29.40
N ASP A 847 14.37 9.29 -30.05
CA ASP A 847 12.92 9.25 -30.31
C ASP A 847 12.51 7.77 -30.38
N GLY A 848 11.19 7.53 -30.33
CA GLY A 848 10.61 6.21 -30.57
C GLY A 848 9.60 5.87 -29.51
N THR A 849 8.53 5.18 -29.85
CA THR A 849 7.46 5.06 -28.91
C THR A 849 7.82 4.19 -27.68
N LEU A 850 8.67 3.18 -27.85
CA LEU A 850 9.17 2.40 -26.70
C LEU A 850 9.96 3.29 -25.76
N TYR A 851 10.97 3.97 -26.28
CA TYR A 851 11.76 4.83 -25.45
C TYR A 851 10.91 5.78 -24.62
N LYS A 852 9.81 6.32 -25.16
CA LYS A 852 9.10 7.38 -24.43
C LYS A 852 7.84 6.97 -23.68
N LEU A 853 7.36 5.76 -23.92
CA LEU A 853 6.25 5.23 -23.14
C LEU A 853 6.74 4.37 -21.94
N HIS A 854 7.84 3.66 -22.11
CA HIS A 854 8.23 2.62 -21.18
C HIS A 854 8.78 3.27 -19.93
N PRO A 855 8.30 2.82 -18.73
CA PRO A 855 8.72 3.38 -17.45
C PRO A 855 10.24 3.30 -17.09
N HIS A 856 10.92 2.26 -17.56
CA HIS A 856 12.30 2.00 -17.12
C HIS A 856 13.37 1.99 -18.22
N PHE A 857 12.99 1.57 -19.43
CA PHE A 857 13.92 1.46 -20.57
C PHE A 857 14.90 2.61 -20.64
N ALA A 858 14.37 3.81 -20.61
CA ALA A 858 15.20 5.01 -20.71
C ALA A 858 16.30 5.04 -19.65
N LYS A 859 15.94 4.71 -18.42
CA LYS A 859 16.91 4.78 -17.30
C LYS A 859 17.88 3.61 -17.30
N VAL A 860 17.36 2.41 -17.50
CA VAL A 860 18.21 1.21 -17.60
C VAL A 860 19.29 1.37 -18.67
N MET A 861 18.97 2.08 -19.73
CA MET A 861 19.87 2.23 -20.82
C MET A 861 20.88 3.30 -20.48
N HIS A 862 20.40 4.42 -19.95
CA HIS A 862 21.29 5.51 -19.54
C HIS A 862 22.26 5.02 -18.49
N GLU A 863 21.76 4.22 -17.54
CA GLU A 863 22.61 3.55 -16.52
C GLU A 863 23.62 2.63 -17.13
N THR A 864 23.22 1.89 -18.15
CA THR A 864 24.07 0.90 -18.78
C THR A 864 25.20 1.60 -19.46
N VAL A 865 24.91 2.74 -20.06
CA VAL A 865 25.93 3.50 -20.79
C VAL A 865 26.92 4.09 -19.82
N LYS A 866 26.39 4.56 -18.71
CA LYS A 866 27.19 5.14 -17.66
C LYS A 866 28.20 4.10 -17.19
N ASP A 867 27.75 2.86 -16.93
CA ASP A 867 28.65 1.79 -16.47
C ASP A 867 29.65 1.30 -17.51
N LEU A 868 29.22 1.19 -18.75
CA LEU A 868 30.03 0.58 -19.77
C LEU A 868 30.90 1.59 -20.50
N ALA A 869 30.59 2.87 -20.42
CA ALA A 869 31.44 3.88 -21.04
C ALA A 869 31.85 4.96 -20.03
N PRO A 870 32.68 4.60 -19.04
CA PRO A 870 33.06 5.47 -17.92
C PRO A 870 33.66 6.81 -18.32
N LYS A 871 34.49 6.82 -19.36
CA LYS A 871 35.19 8.05 -19.74
C LYS A 871 34.34 8.96 -20.67
N CYS A 872 33.00 8.80 -20.63
CA CYS A 872 32.08 9.56 -21.51
C CYS A 872 30.95 10.13 -20.69
N ASP A 873 30.59 11.38 -20.97
CA ASP A 873 29.47 12.03 -20.26
C ASP A 873 28.27 12.22 -21.21
N VAL A 874 27.45 11.17 -21.31
CA VAL A 874 26.38 11.13 -22.32
C VAL A 874 25.07 11.67 -21.77
N SER A 875 24.48 12.58 -22.53
CA SER A 875 23.20 13.10 -22.17
C SER A 875 22.20 12.77 -23.28
N PHE A 876 21.01 12.34 -22.91
CA PHE A 876 20.03 11.88 -23.87
C PHE A 876 18.86 12.86 -24.02
N LEU A 877 18.80 13.59 -25.14
CA LEU A 877 17.75 14.56 -25.32
C LEU A 877 16.58 13.91 -26.10
N GLN A 878 15.42 13.79 -25.45
CA GLN A 878 14.25 13.26 -26.11
C GLN A 878 13.63 14.27 -27.10
N SER A 879 13.46 13.83 -28.35
CA SER A 879 12.98 14.69 -29.45
C SER A 879 11.48 14.92 -29.29
N GLU A 880 11.08 16.19 -29.29
CA GLU A 880 9.68 16.49 -29.06
C GLU A 880 8.94 16.89 -30.37
N ASP A 881 9.71 17.07 -31.45
CA ASP A 881 9.21 17.56 -32.75
C ASP A 881 9.33 16.57 -33.94
N GLY A 882 9.86 15.37 -33.67
CA GLY A 882 10.01 14.34 -34.69
C GLY A 882 11.11 14.63 -35.66
N SER A 883 11.41 13.64 -36.50
CA SER A 883 12.49 13.70 -37.49
C SER A 883 12.27 14.77 -38.57
N GLY A 884 11.02 15.11 -38.85
CA GLY A 884 10.71 16.08 -39.92
C GLY A 884 11.31 17.48 -39.77
N LYS A 885 11.59 17.88 -38.55
CA LYS A 885 12.22 19.18 -38.28
C LYS A 885 13.69 19.17 -38.70
N GLY A 886 14.44 18.19 -38.22
CA GLY A 886 15.83 18.03 -38.59
C GLY A 886 16.05 17.73 -40.07
N ALA A 887 15.10 17.04 -40.69
CA ALA A 887 15.12 16.82 -42.13
C ALA A 887 15.00 18.17 -42.84
N ALA A 888 14.05 18.98 -42.40
CA ALA A 888 13.88 20.36 -42.92
C ALA A 888 15.17 21.15 -42.82
N LEU A 889 15.97 20.90 -41.79
CA LEU A 889 17.20 21.68 -41.58
C LEU A 889 18.40 21.24 -42.45
N ILE A 890 18.42 19.98 -42.89
CA ILE A 890 19.53 19.51 -43.78
C ILE A 890 19.23 19.90 -45.23
N THR A 891 17.93 20.00 -45.55
CA THR A 891 17.43 20.50 -46.84
C THR A 891 17.71 22.00 -46.97
N ALA A 892 17.42 22.74 -45.91
CA ALA A 892 17.72 24.16 -45.84
C ALA A 892 19.23 24.39 -45.96
N VAL A 893 20.04 23.58 -45.29
CA VAL A 893 21.51 23.60 -45.47
C VAL A 893 21.94 23.26 -46.90
N ALA A 894 21.33 22.21 -47.47
CA ALA A 894 21.65 21.78 -48.83
C ALA A 894 21.26 22.83 -49.85
N CYS A 895 20.09 23.43 -49.64
CA CYS A 895 19.60 24.51 -50.50
C CYS A 895 20.56 25.69 -50.50
N ARG A 896 20.84 26.29 -49.33
CA ARG A 896 21.81 27.41 -49.24
C ARG A 896 23.17 27.06 -49.88
N ILE A 897 23.60 25.80 -49.74
CA ILE A 897 24.79 25.30 -50.43
C ILE A 897 24.69 25.51 -51.94
N ARG A 898 23.59 25.08 -52.54
CA ARG A 898 23.50 25.12 -54.01
C ARG A 898 23.05 26.49 -54.58
N GLU A 899 23.40 27.58 -53.88
CA GLU A 899 23.01 28.95 -54.26
C GLU A 899 24.15 29.94 -53.96
N ASP B 3 -35.28 21.51 -48.58
CA ASP B 3 -35.31 20.03 -48.85
C ASP B 3 -33.93 19.45 -49.27
N GLN B 4 -32.90 20.31 -49.26
CA GLN B 4 -31.49 19.87 -49.05
C GLN B 4 -31.46 19.39 -47.61
N VAL B 5 -32.08 20.18 -46.71
CA VAL B 5 -32.28 19.84 -45.29
C VAL B 5 -32.52 18.33 -45.00
N GLN B 6 -33.33 17.66 -45.83
CA GLN B 6 -33.53 16.19 -45.69
C GLN B 6 -32.45 15.37 -46.42
N LYS B 7 -31.89 15.94 -47.50
CA LYS B 7 -30.77 15.31 -48.21
C LYS B 7 -29.47 15.38 -47.39
N VAL B 8 -29.36 16.41 -46.54
CA VAL B 8 -28.24 16.57 -45.60
C VAL B 8 -28.35 15.54 -44.48
N ASP B 9 -29.52 15.49 -43.83
CA ASP B 9 -29.81 14.54 -42.74
C ASP B 9 -29.55 13.06 -43.04
N GLN B 10 -29.75 12.62 -44.27
CA GLN B 10 -29.55 11.20 -44.63
C GLN B 10 -28.07 10.92 -44.90
N TYR B 11 -27.35 11.96 -45.29
CA TYR B 11 -25.92 11.87 -45.54
C TYR B 11 -25.15 12.02 -44.22
N LEU B 12 -25.57 12.99 -43.39
CA LEU B 12 -25.04 13.22 -42.04
C LEU B 12 -25.93 12.53 -41.01
N TYR B 13 -26.14 11.25 -41.26
CA TYR B 13 -27.11 10.46 -40.51
C TYR B 13 -26.49 10.04 -39.18
N HIS B 14 -25.29 9.48 -39.24
CA HIS B 14 -24.62 9.02 -38.03
C HIS B 14 -24.23 10.17 -37.10
N MET B 15 -24.52 11.41 -37.53
CA MET B 15 -24.26 12.59 -36.72
C MET B 15 -25.52 13.15 -36.07
N ARG B 16 -26.66 12.50 -36.28
CA ARG B 16 -27.90 12.92 -35.62
C ARG B 16 -28.33 11.84 -34.60
N LEU B 17 -28.23 12.21 -33.32
CA LEU B 17 -28.30 11.23 -32.22
C LEU B 17 -29.66 11.15 -31.53
N SER B 18 -30.28 10.00 -31.74
CA SER B 18 -31.50 9.63 -31.08
C SER B 18 -31.23 9.48 -29.59
N ASP B 19 -32.28 9.67 -28.78
CA ASP B 19 -32.22 9.39 -27.32
C ASP B 19 -31.84 7.92 -27.02
N GLU B 20 -32.07 7.01 -27.94
CA GLU B 20 -31.66 5.64 -27.76
C GLU B 20 -30.13 5.53 -27.70
N THR B 21 -29.44 6.28 -28.57
CA THR B 21 -27.96 6.28 -28.58
C THR B 21 -27.33 7.31 -27.62
N LEU B 22 -28.10 8.26 -27.13
CA LEU B 22 -27.60 9.11 -26.07
C LEU B 22 -27.66 8.36 -24.75
N LEU B 23 -28.69 7.54 -24.59
CA LEU B 23 -28.86 6.72 -23.39
C LEU B 23 -27.77 5.68 -23.29
N GLU B 24 -27.45 5.05 -24.41
CA GLU B 24 -26.33 4.12 -24.45
C GLU B 24 -25.06 4.87 -24.04
N ILE B 25 -24.78 5.97 -24.72
CA ILE B 25 -23.59 6.76 -24.43
C ILE B 25 -23.45 6.97 -22.95
N SER B 26 -24.55 7.38 -22.31
CA SER B 26 -24.55 7.67 -20.86
C SER B 26 -24.35 6.44 -19.98
N LYS B 27 -24.95 5.31 -20.35
CA LYS B 27 -24.68 4.04 -19.67
C LYS B 27 -23.18 3.69 -19.77
N ARG B 28 -22.59 3.97 -20.93
CA ARG B 28 -21.17 3.71 -21.15
C ARG B 28 -20.33 4.61 -20.29
N PHE B 29 -20.79 5.83 -20.10
CA PHE B 29 -20.03 6.84 -19.43
C PHE B 29 -20.04 6.58 -17.97
N ARG B 30 -21.20 6.24 -17.46
CA ARG B 30 -21.33 5.73 -16.11
C ARG B 30 -20.39 4.57 -15.85
N LYS B 31 -20.27 3.64 -16.77
CA LYS B 31 -19.30 2.56 -16.62
C LYS B 31 -17.83 3.07 -16.57
N GLU B 32 -17.53 4.11 -17.33
CA GLU B 32 -16.20 4.71 -17.37
C GLU B 32 -15.93 5.55 -16.15
N MET B 33 -16.97 6.20 -15.64
CA MET B 33 -16.91 6.81 -14.36
C MET B 33 -16.48 5.79 -13.31
N GLU B 34 -17.17 4.67 -13.22
CA GLU B 34 -16.80 3.67 -12.22
C GLU B 34 -15.42 3.05 -12.51
N LYS B 35 -15.03 2.95 -13.75
CA LYS B 35 -13.70 2.46 -14.07
C LYS B 35 -12.61 3.40 -13.51
N GLY B 36 -12.82 4.70 -13.63
CA GLY B 36 -11.80 5.67 -13.25
C GLY B 36 -11.73 5.92 -11.78
N LEU B 37 -12.84 5.78 -11.09
CA LEU B 37 -12.89 5.93 -9.64
C LEU B 37 -12.32 4.72 -8.88
N GLY B 38 -12.38 3.53 -9.49
CA GLY B 38 -11.97 2.29 -8.85
C GLY B 38 -10.47 2.12 -8.83
N ALA B 39 -9.93 1.70 -7.68
CA ALA B 39 -8.49 1.66 -7.49
C ALA B 39 -7.82 0.71 -8.46
N THR B 40 -8.39 -0.47 -8.67
CA THR B 40 -7.71 -1.45 -9.53
C THR B 40 -7.81 -1.08 -11.00
N THR B 41 -8.89 -0.39 -11.41
CA THR B 41 -9.12 -0.06 -12.83
C THR B 41 -8.72 1.36 -13.23
N HIS B 42 -8.42 2.19 -12.26
CA HIS B 42 -8.08 3.57 -12.55
C HIS B 42 -6.94 3.75 -13.57
N PRO B 43 -5.79 3.04 -13.35
CA PRO B 43 -4.63 3.14 -14.20
C PRO B 43 -4.90 3.09 -15.67
N THR B 44 -5.78 2.21 -16.07
CA THR B 44 -6.15 2.00 -17.46
C THR B 44 -7.49 2.69 -17.88
N ALA B 45 -8.15 3.39 -16.96
CA ALA B 45 -9.36 4.19 -17.31
C ALA B 45 -9.02 5.35 -18.22
N ALA B 46 -9.73 5.42 -19.35
CA ALA B 46 -9.72 6.57 -20.28
C ALA B 46 -10.29 7.85 -19.65
N VAL B 47 -11.33 7.71 -18.82
CA VAL B 47 -11.90 8.82 -18.03
C VAL B 47 -11.27 8.71 -16.63
N LYS B 48 -10.44 9.70 -16.29
CA LYS B 48 -9.48 9.57 -15.21
C LYS B 48 -10.11 9.79 -13.88
N MET B 49 -11.12 10.61 -13.82
CA MET B 49 -11.85 10.83 -12.58
C MET B 49 -10.90 11.25 -11.51
N LEU B 50 -10.24 12.38 -11.76
CA LEU B 50 -9.12 12.83 -10.94
C LEU B 50 -9.55 13.60 -9.69
N PRO B 51 -9.02 13.23 -8.52
CA PRO B 51 -9.28 14.00 -7.32
C PRO B 51 -8.74 15.44 -7.37
N THR B 52 -9.49 16.37 -6.78
CA THR B 52 -9.17 17.81 -6.80
C THR B 52 -8.87 18.37 -5.43
N PHE B 53 -9.18 17.57 -4.44
CA PHE B 53 -9.09 17.95 -3.04
C PHE B 53 -9.95 19.12 -2.63
N VAL B 54 -10.98 19.41 -3.41
CA VAL B 54 -12.06 20.32 -3.00
C VAL B 54 -13.17 19.45 -2.46
N ARG B 55 -13.44 19.59 -1.18
CA ARG B 55 -14.46 18.77 -0.51
C ARG B 55 -15.79 19.52 -0.32
N SER B 56 -15.82 20.78 -0.72
CA SER B 56 -16.90 21.71 -0.39
C SER B 56 -16.93 22.98 -1.25
N THR B 57 -18.15 23.40 -1.62
CA THR B 57 -18.40 24.71 -2.25
C THR B 57 -18.15 25.73 -1.18
N PRO B 58 -18.03 27.03 -1.54
CA PRO B 58 -17.72 28.04 -0.54
C PRO B 58 -18.68 28.09 0.65
N ASP B 59 -18.22 28.81 1.66
CA ASP B 59 -18.63 28.63 3.04
C ASP B 59 -19.11 29.93 3.69
N GLY B 60 -18.83 31.06 3.03
CA GLY B 60 -18.88 32.37 3.68
C GLY B 60 -17.73 32.65 4.66
N THR B 61 -16.91 31.65 4.96
CA THR B 61 -15.80 31.79 5.91
C THR B 61 -14.51 32.21 5.24
N GLU B 62 -14.56 32.28 3.91
CA GLU B 62 -13.41 32.58 3.09
C GLU B 62 -13.14 34.07 3.14
N HIS B 63 -11.87 34.44 3.27
CA HIS B 63 -11.47 35.85 3.30
C HIS B 63 -9.97 35.97 3.09
N GLY B 64 -9.56 37.10 2.52
CA GLY B 64 -8.12 37.36 2.26
C GLY B 64 -7.91 38.13 0.99
N GLU B 65 -6.64 38.36 0.66
CA GLU B 65 -6.28 39.00 -0.61
C GLU B 65 -5.43 38.05 -1.43
N PHE B 66 -6.02 37.52 -2.50
CA PHE B 66 -5.37 36.53 -3.35
C PHE B 66 -5.04 37.12 -4.71
N LEU B 67 -3.91 36.72 -5.27
CA LEU B 67 -3.69 36.80 -6.71
C LEU B 67 -4.36 35.59 -7.34
N ALA B 68 -4.54 35.60 -8.67
CA ALA B 68 -5.06 34.42 -9.38
C ALA B 68 -4.56 34.40 -10.83
N LEU B 69 -4.33 33.20 -11.38
CA LEU B 69 -3.99 33.02 -12.82
C LEU B 69 -5.07 32.16 -13.41
N ASP B 70 -5.45 32.43 -14.65
CA ASP B 70 -6.51 31.65 -15.30
C ASP B 70 -5.94 31.27 -16.65
N LEU B 71 -5.71 29.97 -16.89
CA LEU B 71 -4.88 29.53 -18.04
C LEU B 71 -5.38 28.25 -18.68
N GLY B 72 -5.54 28.28 -20.00
CA GLY B 72 -5.86 27.10 -20.82
C GLY B 72 -7.16 27.26 -21.60
N GLY B 73 -7.85 28.38 -21.37
CA GLY B 73 -9.02 28.76 -22.12
C GLY B 73 -8.62 29.76 -23.19
N THR B 74 -9.60 30.41 -23.81
CA THR B 74 -9.33 31.33 -24.92
C THR B 74 -8.54 32.55 -24.48
N ASN B 75 -8.74 32.96 -23.23
CA ASN B 75 -8.09 34.15 -22.67
C ASN B 75 -7.32 33.88 -21.36
N PHE B 76 -6.00 34.00 -21.41
CA PHE B 76 -5.15 33.92 -20.24
C PHE B 76 -5.31 35.18 -19.45
N ARG B 77 -5.66 35.04 -18.18
CA ARG B 77 -5.97 36.17 -17.35
C ARG B 77 -5.14 36.15 -16.05
N VAL B 78 -4.82 37.34 -15.55
CA VAL B 78 -4.24 37.50 -14.23
C VAL B 78 -5.28 38.25 -13.46
N LEU B 79 -5.56 37.83 -12.22
CA LEU B 79 -6.62 38.46 -11.43
C LEU B 79 -6.16 38.79 -9.98
N TRP B 80 -7.00 39.57 -9.30
CA TRP B 80 -6.78 39.97 -7.91
C TRP B 80 -8.14 39.80 -7.32
N VAL B 81 -8.23 39.01 -6.25
CA VAL B 81 -9.52 38.76 -5.62
C VAL B 81 -9.40 39.07 -4.13
N LYS B 82 -10.43 39.74 -3.59
CA LYS B 82 -10.50 40.08 -2.17
C LYS B 82 -11.87 39.73 -1.65
N VAL B 83 -11.96 38.95 -0.57
CA VAL B 83 -13.28 38.68 0.06
C VAL B 83 -13.32 39.19 1.52
N VAL B 91 -17.39 40.14 -2.91
CA VAL B 91 -16.12 39.94 -3.61
C VAL B 91 -15.70 41.07 -4.56
N GLU B 92 -14.52 41.64 -4.31
CA GLU B 92 -13.88 42.60 -5.23
C GLU B 92 -12.94 41.85 -6.18
N MET B 93 -13.03 42.13 -7.47
CA MET B 93 -12.15 41.53 -8.48
C MET B 93 -11.61 42.58 -9.43
N GLU B 94 -10.40 42.35 -9.91
CA GLU B 94 -9.81 43.15 -10.99
C GLU B 94 -8.90 42.24 -11.82
N ASN B 95 -8.95 42.37 -13.14
CA ASN B 95 -8.25 41.44 -14.02
C ASN B 95 -7.64 42.10 -15.26
N GLN B 96 -6.69 41.40 -15.88
CA GLN B 96 -6.19 41.77 -17.19
C GLN B 96 -5.87 40.55 -18.03
N ILE B 97 -6.31 40.57 -19.29
CA ILE B 97 -6.01 39.51 -20.26
C ILE B 97 -4.62 39.76 -20.86
N TYR B 98 -3.90 38.69 -21.11
CA TYR B 98 -2.59 38.75 -21.74
C TYR B 98 -2.55 37.70 -22.83
N ALA B 99 -2.05 38.08 -23.99
CA ALA B 99 -1.83 37.13 -25.05
C ALA B 99 -0.70 36.16 -24.64
N ILE B 100 -0.91 34.86 -24.90
CA ILE B 100 0.20 33.90 -24.98
C ILE B 100 0.37 33.57 -26.45
N PRO B 101 1.48 34.05 -27.04
CA PRO B 101 1.78 33.74 -28.43
C PRO B 101 1.70 32.26 -28.76
N GLU B 102 1.41 31.96 -30.02
CA GLU B 102 1.35 30.58 -30.51
C GLU B 102 2.70 29.81 -30.39
N ASP B 103 3.83 30.51 -30.45
CA ASP B 103 5.16 29.86 -30.34
C ASP B 103 5.57 29.62 -28.91
N ILE B 104 4.94 30.34 -28.00
CA ILE B 104 5.17 30.21 -26.56
C ILE B 104 4.29 29.08 -26.03
N MET B 105 3.01 29.10 -26.41
CA MET B 105 2.07 28.00 -26.13
C MET B 105 2.63 26.65 -26.52
N ARG B 106 3.45 26.65 -27.56
CA ARG B 106 4.01 25.46 -28.13
C ARG B 106 5.55 25.44 -28.07
N GLY B 107 6.13 26.37 -27.31
CA GLY B 107 7.58 26.45 -27.12
C GLY B 107 8.05 25.52 -26.02
N SER B 108 8.81 26.05 -25.05
CA SER B 108 9.33 25.26 -23.93
C SER B 108 8.64 25.64 -22.63
N GLY B 109 8.62 24.71 -21.66
CA GLY B 109 8.12 25.00 -20.30
C GLY B 109 8.70 26.30 -19.73
N THR B 110 10.02 26.35 -19.54
CA THR B 110 10.69 27.57 -19.06
C THR B 110 10.10 28.81 -19.72
N GLN B 111 10.04 28.82 -21.02
CA GLN B 111 9.59 30.00 -21.74
C GLN B 111 8.14 30.34 -21.43
N LEU B 112 7.29 29.31 -21.33
CA LEU B 112 5.88 29.56 -21.03
C LEU B 112 5.76 30.13 -19.62
N PHE B 113 6.56 29.61 -18.70
CA PHE B 113 6.43 30.02 -17.33
C PHE B 113 6.99 31.42 -17.09
N ASP B 114 8.16 31.75 -17.65
CA ASP B 114 8.68 33.15 -17.62
C ASP B 114 7.64 34.17 -18.05
N HIS B 115 6.96 33.85 -19.13
CA HIS B 115 5.95 34.72 -19.68
C HIS B 115 4.81 34.93 -18.70
N ILE B 116 4.37 33.84 -18.03
CA ILE B 116 3.30 33.91 -17.00
C ILE B 116 3.84 34.70 -15.81
N ALA B 117 5.07 34.41 -15.38
CA ALA B 117 5.75 35.22 -14.34
C ALA B 117 5.81 36.73 -14.70
N GLU B 118 6.12 37.04 -15.96
CA GLU B 118 6.18 38.43 -16.42
C GLU B 118 4.83 39.08 -16.35
N CYS B 119 3.84 38.47 -16.98
CA CYS B 119 2.49 39.01 -16.97
C CYS B 119 1.95 39.18 -15.55
N LEU B 120 2.32 38.28 -14.66
CA LEU B 120 1.99 38.40 -13.24
C LEU B 120 2.66 39.66 -12.68
N ALA B 121 3.99 39.68 -12.71
CA ALA B 121 4.77 40.88 -12.36
C ALA B 121 4.12 42.18 -12.89
N ASN B 122 3.76 42.20 -14.17
CA ASN B 122 3.19 43.41 -14.73
C ASN B 122 1.87 43.76 -14.08
N PHE B 123 1.04 42.76 -13.82
CA PHE B 123 -0.28 43.00 -13.25
C PHE B 123 -0.14 43.59 -11.85
N MET B 124 0.86 43.13 -11.13
CA MET B 124 1.14 43.62 -9.79
C MET B 124 1.58 45.10 -9.80
N ASP B 125 2.36 45.47 -10.83
CA ASP B 125 2.73 46.87 -11.10
C ASP B 125 1.49 47.72 -11.43
N LYS B 126 0.66 47.24 -12.35
CA LYS B 126 -0.64 47.88 -12.62
C LYS B 126 -1.36 48.23 -11.33
N LEU B 127 -1.58 47.22 -10.47
CA LEU B 127 -2.35 47.42 -9.20
C LEU B 127 -1.46 47.97 -8.04
N GLN B 128 -0.18 48.19 -8.34
CA GLN B 128 0.81 48.75 -7.37
C GLN B 128 1.16 47.83 -6.20
N ILE B 129 0.63 46.60 -6.24
CA ILE B 129 0.68 45.64 -5.12
C ILE B 129 1.87 44.70 -5.22
N LYS B 130 3.03 45.21 -5.60
CA LYS B 130 4.20 44.38 -5.88
C LYS B 130 5.04 43.99 -4.69
N ASP B 131 5.05 44.84 -3.67
CA ASP B 131 5.81 44.56 -2.42
C ASP B 131 5.21 43.36 -1.69
N LYS B 132 3.89 43.24 -1.78
CA LYS B 132 3.13 42.17 -1.14
C LYS B 132 3.53 40.73 -1.55
N LYS B 133 3.43 39.83 -0.56
CA LYS B 133 3.58 38.37 -0.75
C LYS B 133 2.22 37.70 -0.53
N LEU B 134 1.43 37.60 -1.61
CA LEU B 134 0.06 37.08 -1.53
C LEU B 134 -0.05 35.62 -1.98
N PRO B 135 -1.05 34.88 -1.44
CA PRO B 135 -1.34 33.56 -1.93
C PRO B 135 -2.00 33.68 -3.27
N LEU B 136 -2.01 32.60 -4.05
CA LEU B 136 -2.43 32.63 -5.44
C LEU B 136 -3.26 31.40 -5.85
N GLY B 137 -4.44 31.63 -6.42
CA GLY B 137 -5.25 30.55 -7.01
C GLY B 137 -4.98 30.36 -8.50
N PHE B 138 -4.44 29.19 -8.86
CA PHE B 138 -4.00 28.94 -10.21
C PHE B 138 -4.97 28.03 -10.91
N THR B 139 -5.93 28.59 -11.66
CA THR B 139 -6.79 27.77 -12.55
C THR B 139 -5.92 27.37 -13.73
N PHE B 140 -5.70 26.07 -13.86
CA PHE B 140 -4.85 25.52 -14.88
C PHE B 140 -5.69 24.46 -15.55
N SER B 141 -6.14 24.72 -16.78
CA SER B 141 -7.22 23.98 -17.41
C SER B 141 -6.78 22.71 -18.11
N PHE B 142 -6.14 21.81 -17.38
CA PHE B 142 -5.60 20.56 -17.94
C PHE B 142 -5.63 19.47 -16.92
N PRO B 143 -5.54 18.18 -17.37
CA PRO B 143 -5.49 17.08 -16.45
C PRO B 143 -4.25 17.11 -15.61
N CYS B 144 -4.42 17.14 -14.30
CA CYS B 144 -3.31 17.19 -13.38
C CYS B 144 -3.49 16.16 -12.30
N HIS B 145 -2.40 15.52 -11.90
CA HIS B 145 -2.36 14.68 -10.68
C HIS B 145 -2.07 15.54 -9.47
N GLN B 146 -2.94 15.52 -8.45
CA GLN B 146 -2.64 16.18 -7.19
C GLN B 146 -3.15 15.37 -6.02
N THR B 147 -2.40 15.40 -4.91
CA THR B 147 -2.77 14.77 -3.63
C THR B 147 -2.97 15.84 -2.57
N LYS B 148 -2.86 17.09 -2.96
CA LYS B 148 -3.23 18.19 -2.09
C LYS B 148 -3.59 19.33 -2.99
N LEU B 149 -4.23 20.34 -2.43
CA LEU B 149 -4.59 21.55 -3.19
C LEU B 149 -3.41 22.34 -3.72
N ASP B 150 -2.26 22.23 -3.05
CA ASP B 150 -1.12 23.08 -3.35
C ASP B 150 -0.03 22.41 -4.17
N GLU B 151 -0.44 21.53 -5.06
CA GLU B 151 0.45 20.94 -6.05
C GLU B 151 -0.41 20.57 -7.23
N SER B 152 0.21 20.35 -8.39
CA SER B 152 -0.48 19.70 -9.54
C SER B 152 0.54 19.32 -10.60
N PHE B 153 0.69 18.01 -10.82
CA PHE B 153 1.59 17.46 -11.80
C PHE B 153 0.80 17.28 -13.06
N LEU B 154 1.17 18.02 -14.11
CA LEU B 154 0.53 17.93 -15.41
C LEU B 154 0.68 16.52 -15.89
N VAL B 155 -0.47 15.88 -16.12
CA VAL B 155 -0.55 14.57 -16.77
C VAL B 155 -0.32 14.72 -18.27
N SER B 156 -1.00 15.68 -18.89
CA SER B 156 -0.93 15.88 -20.35
C SER B 156 -1.48 17.26 -20.80
N TRP B 157 -0.83 17.87 -21.77
CA TRP B 157 -1.36 19.02 -22.46
C TRP B 157 -2.53 18.54 -23.30
N THR B 158 -3.50 19.42 -23.50
CA THR B 158 -4.61 19.14 -24.37
C THR B 158 -4.89 20.42 -25.09
N LYS B 159 -5.89 20.40 -25.98
CA LYS B 159 -6.27 21.59 -26.75
C LYS B 159 -5.06 22.11 -27.57
N GLY B 160 -4.69 23.39 -27.45
CA GLY B 160 -3.66 23.98 -28.30
C GLY B 160 -2.29 24.10 -27.69
N PHE B 161 -2.15 23.60 -26.47
CA PHE B 161 -0.89 23.70 -25.75
C PHE B 161 0.04 22.53 -26.03
N LYS B 162 1.34 22.83 -26.18
CA LYS B 162 2.36 21.79 -26.23
C LYS B 162 3.79 22.24 -25.79
N SER B 163 3.95 22.80 -24.58
CA SER B 163 5.27 23.15 -24.02
C SER B 163 6.02 21.95 -23.50
N SER B 164 7.25 21.80 -23.92
CA SER B 164 8.09 20.72 -23.44
C SER B 164 8.47 20.93 -21.98
N GLY B 165 8.83 19.82 -21.33
CA GLY B 165 9.37 19.85 -19.96
C GLY B 165 8.37 20.25 -18.88
N VAL B 166 7.07 20.25 -19.21
CA VAL B 166 6.03 20.49 -18.21
C VAL B 166 5.25 19.19 -17.83
N GLU B 167 4.91 18.35 -18.78
CA GLU B 167 4.22 17.11 -18.43
C GLU B 167 5.06 16.37 -17.43
N GLY B 168 4.44 15.99 -16.32
CA GLY B 168 5.10 15.22 -15.26
C GLY B 168 5.61 16.05 -14.11
N ARG B 169 5.66 17.38 -14.30
CA ARG B 169 6.17 18.28 -13.30
C ARG B 169 5.05 18.98 -12.58
N ASP B 170 5.40 19.52 -11.43
CA ASP B 170 4.50 20.25 -10.57
C ASP B 170 4.44 21.66 -11.06
N VAL B 171 3.32 22.07 -11.66
CA VAL B 171 3.18 23.45 -12.17
C VAL B 171 3.36 24.50 -11.05
N VAL B 172 3.14 24.12 -9.80
CA VAL B 172 3.42 25.07 -8.71
C VAL B 172 4.93 25.23 -8.56
N ALA B 173 5.70 24.15 -8.69
CA ALA B 173 7.16 24.23 -8.65
C ALA B 173 7.71 25.03 -9.83
N LEU B 174 7.15 24.81 -11.00
CA LEU B 174 7.60 25.52 -12.20
C LEU B 174 7.35 27.01 -12.12
N ILE B 175 6.19 27.39 -11.62
CA ILE B 175 5.85 28.81 -11.52
C ILE B 175 6.70 29.51 -10.45
N ARG B 176 6.98 28.81 -9.36
CA ARG B 176 7.89 29.29 -8.34
C ARG B 176 9.32 29.56 -8.90
N LYS B 177 9.95 28.59 -9.59
CA LYS B 177 11.26 28.85 -10.24
C LYS B 177 11.26 30.03 -11.21
N ALA B 178 10.15 30.25 -11.90
CA ALA B 178 9.98 31.39 -12.78
C ALA B 178 10.06 32.72 -12.04
N ILE B 179 9.44 32.79 -10.87
CA ILE B 179 9.35 34.04 -10.12
C ILE B 179 10.63 34.38 -9.38
N GLN B 180 11.42 33.36 -9.03
CA GLN B 180 12.65 33.60 -8.28
C GLN B 180 13.79 33.88 -9.24
N ARG B 181 13.67 33.35 -10.46
CA ARG B 181 14.53 33.77 -11.54
C ARG B 181 14.32 35.26 -11.83
N ARG B 182 13.13 35.79 -11.52
CA ARG B 182 12.96 37.24 -11.47
C ARG B 182 13.62 37.90 -10.23
N GLY B 183 13.22 37.53 -9.01
CA GLY B 183 13.59 38.29 -7.79
C GLY B 183 12.69 39.52 -7.63
N ASP B 184 12.22 40.02 -8.77
CA ASP B 184 11.16 41.00 -8.87
C ASP B 184 10.09 41.04 -7.72
N PHE B 185 9.66 39.86 -7.23
CA PHE B 185 8.52 39.73 -6.29
C PHE B 185 8.42 38.34 -5.68
N ASP B 186 7.47 38.15 -4.77
CA ASP B 186 7.16 36.79 -4.30
C ASP B 186 5.68 36.55 -4.06
N ILE B 187 5.35 35.26 -3.95
CA ILE B 187 4.00 34.78 -3.65
C ILE B 187 4.02 33.80 -2.50
N ASP B 188 2.87 33.64 -1.88
CA ASP B 188 2.74 32.77 -0.73
C ASP B 188 2.37 31.31 -1.16
N ILE B 189 1.18 30.85 -0.79
CA ILE B 189 0.75 29.50 -1.02
C ILE B 189 0.01 29.54 -2.34
N VAL B 190 0.23 28.51 -3.17
CA VAL B 190 -0.47 28.39 -4.43
C VAL B 190 -1.33 27.16 -4.40
N ALA B 191 -2.61 27.33 -4.71
CA ALA B 191 -3.52 26.25 -4.86
C ALA B 191 -3.90 26.15 -6.33
N VAL B 192 -3.99 24.93 -6.87
CA VAL B 192 -4.30 24.74 -8.26
C VAL B 192 -5.62 23.99 -8.45
N VAL B 193 -6.45 24.53 -9.36
CA VAL B 193 -7.76 23.95 -9.70
C VAL B 193 -7.97 23.82 -11.23
N ASN B 194 -8.65 22.79 -11.68
CA ASN B 194 -9.04 22.74 -13.06
C ASN B 194 -10.06 23.87 -13.16
N ASP B 195 -10.40 24.25 -14.39
CA ASP B 195 -11.35 25.33 -14.60
C ASP B 195 -12.77 24.88 -14.36
N THR B 196 -13.07 23.58 -14.48
CA THR B 196 -14.37 23.06 -14.08
C THR B 196 -14.56 23.26 -12.56
N VAL B 197 -13.52 23.00 -11.81
CA VAL B 197 -13.55 23.09 -10.38
C VAL B 197 -13.69 24.55 -9.99
N GLY B 198 -12.93 25.43 -10.64
CA GLY B 198 -13.06 26.87 -10.34
C GLY B 198 -14.43 27.40 -10.71
N THR B 199 -14.93 26.99 -11.86
CA THR B 199 -16.25 27.37 -12.32
C THR B 199 -17.35 26.76 -11.41
N MET B 200 -17.11 25.58 -10.85
CA MET B 200 -18.08 25.05 -9.91
C MET B 200 -18.07 25.95 -8.67
N MET B 201 -16.88 26.40 -8.31
CA MET B 201 -16.67 27.14 -7.10
C MET B 201 -17.03 28.63 -7.18
N THR B 202 -17.04 29.26 -8.37
CA THR B 202 -17.44 30.67 -8.44
C THR B 202 -18.97 30.72 -8.37
N CYS B 203 -19.63 29.76 -9.00
CA CYS B 203 -21.09 29.64 -8.90
C CYS B 203 -21.54 29.15 -7.53
N GLY B 204 -20.74 28.32 -6.89
CA GLY B 204 -21.02 27.86 -5.54
C GLY B 204 -20.99 28.95 -4.49
N TYR B 205 -20.32 30.06 -4.80
CA TYR B 205 -20.35 31.21 -3.93
C TYR B 205 -21.73 31.81 -3.92
N ASP B 206 -22.28 32.02 -5.10
CA ASP B 206 -23.67 32.47 -5.24
C ASP B 206 -24.65 31.38 -4.71
N ASP B 207 -24.70 30.22 -5.39
CA ASP B 207 -25.60 29.11 -5.04
C ASP B 207 -24.82 27.97 -4.36
N HIS B 208 -25.01 27.77 -3.06
CA HIS B 208 -24.24 26.75 -2.35
C HIS B 208 -24.65 25.28 -2.70
N ASN B 209 -25.75 25.13 -3.45
CA ASN B 209 -26.21 23.81 -3.95
C ASN B 209 -25.58 23.39 -5.28
N CYS B 210 -24.56 24.14 -5.72
CA CYS B 210 -23.86 23.87 -6.99
C CYS B 210 -22.93 22.68 -6.78
N GLU B 211 -23.14 21.65 -7.60
CA GLU B 211 -22.47 20.35 -7.46
C GLU B 211 -21.83 19.85 -8.72
N ILE B 212 -21.91 20.61 -9.79
CA ILE B 212 -21.30 20.24 -11.05
C ILE B 212 -20.65 21.48 -11.58
N GLY B 213 -19.61 21.31 -12.37
CA GLY B 213 -18.91 22.41 -12.97
C GLY B 213 -18.73 21.92 -14.38
N LEU B 214 -19.12 22.73 -15.35
CA LEU B 214 -19.09 22.29 -16.76
C LEU B 214 -18.39 23.34 -17.54
N ILE B 215 -17.75 22.92 -18.60
CA ILE B 215 -17.05 23.81 -19.49
C ILE B 215 -17.33 23.32 -20.87
N VAL B 216 -17.91 24.19 -21.71
CA VAL B 216 -17.94 23.94 -23.17
C VAL B 216 -17.40 25.19 -23.89
N GLY B 217 -16.12 25.13 -24.30
CA GLY B 217 -15.40 26.28 -24.82
C GLY B 217 -14.33 25.81 -25.74
N THR B 218 -13.08 26.22 -25.54
CA THR B 218 -11.99 25.64 -26.34
C THR B 218 -12.01 24.09 -26.22
N GLY B 219 -12.13 23.59 -25.00
CA GLY B 219 -12.26 22.14 -24.78
C GLY B 219 -13.54 21.91 -24.03
N SER B 220 -13.83 20.65 -23.70
CA SER B 220 -14.98 20.37 -22.85
C SER B 220 -14.63 19.39 -21.79
N ASN B 221 -15.16 19.65 -20.61
CA ASN B 221 -14.86 18.84 -19.48
C ASN B 221 -15.87 19.22 -18.42
N ALA B 222 -16.11 18.31 -17.49
CA ALA B 222 -16.99 18.57 -16.34
C ALA B 222 -16.37 17.94 -15.08
N CYS B 223 -16.71 18.49 -13.93
CA CYS B 223 -16.34 17.93 -12.64
C CYS B 223 -17.59 17.84 -11.79
N TYR B 224 -17.62 16.95 -10.79
CA TYR B 224 -18.79 16.87 -9.86
C TYR B 224 -18.39 16.51 -8.45
N MET B 225 -19.29 16.77 -7.48
CA MET B 225 -19.05 16.34 -6.12
C MET B 225 -19.42 14.86 -5.95
N GLU B 226 -18.42 14.00 -5.72
CA GLU B 226 -18.63 12.56 -5.54
C GLU B 226 -18.46 12.17 -4.07
N GLU B 227 -19.11 11.08 -3.65
CA GLU B 227 -18.96 10.61 -2.28
C GLU B 227 -17.58 10.04 -2.08
N MET B 228 -16.88 10.49 -1.04
CA MET B 228 -15.53 10.02 -0.74
C MET B 228 -15.44 8.49 -0.64
N ARG B 229 -16.52 7.87 -0.21
CA ARG B 229 -16.58 6.41 -0.15
C ARG B 229 -16.49 5.74 -1.51
N HIS B 230 -16.74 6.48 -2.59
CA HIS B 230 -16.60 5.93 -3.95
C HIS B 230 -15.29 6.31 -4.62
N ILE B 231 -14.55 7.22 -4.00
CA ILE B 231 -13.26 7.66 -4.53
C ILE B 231 -12.18 6.76 -3.93
N ASP B 232 -12.00 5.61 -4.55
CA ASP B 232 -11.02 4.64 -4.09
C ASP B 232 -9.66 5.26 -4.11
N MET B 233 -9.44 6.20 -5.05
CA MET B 233 -8.10 6.80 -5.18
C MET B 233 -7.70 7.76 -4.05
N VAL B 234 -8.62 8.12 -3.17
CA VAL B 234 -8.26 8.94 -1.99
C VAL B 234 -8.66 8.19 -0.69
N GLU B 235 -7.68 8.03 0.22
CA GLU B 235 -7.94 7.39 1.51
C GLU B 235 -8.96 8.19 2.32
N GLY B 236 -10.14 7.59 2.48
CA GLY B 236 -11.21 8.16 3.26
C GLY B 236 -12.56 7.88 2.65
N ASP B 237 -13.59 7.96 3.48
CA ASP B 237 -14.96 7.79 3.04
C ASP B 237 -15.91 8.82 3.63
N GLU B 238 -15.40 9.79 4.39
CA GLU B 238 -16.27 10.77 5.04
C GLU B 238 -16.51 11.91 4.09
N GLY B 239 -17.76 12.18 3.80
CA GLY B 239 -18.13 13.38 3.07
C GLY B 239 -18.00 13.20 1.58
N ARG B 240 -17.69 14.29 0.90
CA ARG B 240 -17.58 14.29 -0.54
C ARG B 240 -16.32 14.97 -1.01
N MET B 241 -16.07 14.83 -2.30
CA MET B 241 -14.95 15.49 -2.92
C MET B 241 -15.26 15.66 -4.36
N CYS B 242 -14.87 16.80 -4.89
CA CYS B 242 -15.01 17.13 -6.30
C CYS B 242 -14.04 16.33 -7.14
N ILE B 243 -14.56 15.64 -8.14
CA ILE B 243 -13.76 14.85 -9.06
C ILE B 243 -13.74 15.51 -10.42
N ASN B 244 -12.54 15.84 -10.92
CA ASN B 244 -12.35 16.33 -12.31
C ASN B 244 -12.32 15.15 -13.28
N MET B 245 -13.47 14.87 -13.87
CA MET B 245 -13.65 13.69 -14.70
C MET B 245 -12.68 13.59 -15.86
N GLU B 246 -12.31 14.73 -16.44
CA GLU B 246 -11.56 14.78 -17.73
C GLU B 246 -12.27 13.95 -18.75
N TRP B 247 -13.51 14.33 -19.03
CA TRP B 247 -14.32 13.55 -19.95
C TRP B 247 -14.04 13.78 -21.41
N GLY B 248 -13.22 14.79 -21.73
CA GLY B 248 -12.77 15.00 -23.11
C GLY B 248 -12.13 13.76 -23.72
N ALA B 249 -11.49 12.96 -22.86
CA ALA B 249 -10.78 11.72 -23.24
C ALA B 249 -11.65 10.47 -23.29
N PHE B 250 -12.91 10.58 -22.86
CA PHE B 250 -13.92 9.55 -23.11
C PHE B 250 -13.81 9.10 -24.56
N GLY B 251 -13.70 7.80 -24.77
CA GLY B 251 -13.62 7.25 -26.13
C GLY B 251 -12.22 7.01 -26.63
N ASP B 252 -11.22 7.45 -25.86
CA ASP B 252 -9.82 7.35 -26.33
C ASP B 252 -9.35 5.92 -26.50
N ASP B 253 -10.02 5.00 -25.81
CA ASP B 253 -9.74 3.59 -25.96
C ASP B 253 -10.65 2.92 -26.99
N GLY B 254 -11.34 3.72 -27.78
CA GLY B 254 -12.17 3.17 -28.87
C GLY B 254 -13.58 2.80 -28.43
N SER B 255 -13.93 3.17 -27.20
CA SER B 255 -15.23 2.89 -26.64
C SER B 255 -16.38 3.68 -27.28
N LEU B 256 -16.07 4.65 -28.13
CA LEU B 256 -17.11 5.40 -28.86
C LEU B 256 -16.92 5.33 -30.40
N ASN B 257 -16.17 4.35 -30.87
CA ASN B 257 -15.86 4.22 -32.31
C ASN B 257 -17.04 3.88 -33.24
N ASP B 258 -18.19 3.55 -32.67
CA ASP B 258 -19.40 3.34 -33.48
C ASP B 258 -20.30 4.59 -33.47
N ILE B 259 -19.89 5.61 -32.74
CA ILE B 259 -20.52 6.94 -32.75
C ILE B 259 -19.66 7.87 -33.62
N ARG B 260 -18.36 7.89 -33.32
CA ARG B 260 -17.43 8.68 -34.04
C ARG B 260 -17.54 8.32 -35.49
N THR B 261 -17.40 9.35 -36.34
CA THR B 261 -17.56 9.28 -37.80
C THR B 261 -16.19 9.45 -38.51
N GLU B 262 -16.20 9.51 -39.82
CA GLU B 262 -14.99 9.67 -40.62
C GLU B 262 -14.41 11.10 -40.55
N PHE B 263 -15.25 12.04 -40.17
CA PHE B 263 -14.85 13.44 -40.04
C PHE B 263 -14.16 13.67 -38.71
N ASP B 264 -14.59 12.92 -37.71
CA ASP B 264 -14.02 12.95 -36.38
C ASP B 264 -12.67 12.35 -36.44
N GLN B 265 -12.54 11.38 -37.31
CA GLN B 265 -11.28 10.72 -37.55
C GLN B 265 -10.32 11.68 -38.23
N GLU B 266 -10.78 12.46 -39.18
CA GLU B 266 -9.88 13.36 -39.90
C GLU B 266 -9.53 14.57 -39.05
N ILE B 267 -10.44 15.00 -38.20
CA ILE B 267 -10.07 16.05 -37.24
C ILE B 267 -8.84 15.60 -36.39
N ASP B 268 -8.88 14.34 -35.95
CA ASP B 268 -7.87 13.74 -35.07
C ASP B 268 -6.51 13.56 -35.76
N MET B 269 -6.52 13.27 -37.03
CA MET B 269 -5.27 13.10 -37.81
C MET B 269 -4.59 14.42 -38.04
N GLY B 270 -5.34 15.51 -38.03
CA GLY B 270 -4.75 16.84 -38.21
C GLY B 270 -4.50 17.61 -36.92
N SER B 271 -4.80 17.00 -35.76
CA SER B 271 -4.73 17.65 -34.46
C SER B 271 -3.34 17.54 -33.87
N LEU B 272 -3.10 18.41 -32.88
CA LEU B 272 -1.81 18.53 -32.19
C LEU B 272 -1.61 17.35 -31.25
N ASN B 273 -2.69 16.73 -30.80
CA ASN B 273 -2.70 15.60 -29.88
C ASN B 273 -3.44 14.40 -30.43
N PRO B 274 -2.89 13.80 -31.49
CA PRO B 274 -3.62 12.73 -32.16
C PRO B 274 -3.89 11.54 -31.28
N GLY B 275 -5.13 11.10 -31.27
CA GLY B 275 -5.55 9.90 -30.58
C GLY B 275 -6.07 10.19 -29.19
N LYS B 276 -6.04 11.46 -28.77
CA LYS B 276 -6.41 11.84 -27.41
C LYS B 276 -7.58 12.83 -27.44
N GLN B 277 -8.29 12.96 -26.35
CA GLN B 277 -9.42 13.89 -26.27
C GLN B 277 -10.45 13.66 -27.39
N LEU B 278 -10.69 12.40 -27.71
CA LEU B 278 -11.59 12.05 -28.82
C LEU B 278 -13.04 12.50 -28.67
N PHE B 279 -13.53 12.54 -27.43
CA PHE B 279 -14.88 12.98 -27.13
C PHE B 279 -15.01 14.53 -27.18
N GLU B 280 -14.01 15.19 -26.62
CA GLU B 280 -13.83 16.62 -26.73
C GLU B 280 -13.85 17.08 -28.20
N LYS B 281 -13.17 16.35 -29.07
CA LYS B 281 -13.00 16.72 -30.48
C LYS B 281 -14.31 16.68 -31.31
N MET B 282 -15.33 16.05 -30.74
CA MET B 282 -16.69 16.01 -31.28
C MET B 282 -17.59 17.15 -30.78
N ILE B 283 -17.09 17.90 -29.80
CA ILE B 283 -17.93 18.80 -29.02
C ILE B 283 -17.43 20.24 -29.08
N SER B 284 -16.15 20.45 -28.80
CA SER B 284 -15.77 21.75 -28.29
C SER B 284 -15.48 22.66 -29.44
N GLY B 285 -15.23 23.91 -29.07
CA GLY B 285 -15.15 25.01 -30.00
C GLY B 285 -13.91 24.97 -30.83
N MET B 286 -12.86 24.38 -30.30
CA MET B 286 -11.64 24.35 -31.03
C MET B 286 -11.86 23.50 -32.29
N TYR B 287 -12.86 22.63 -32.27
CA TYR B 287 -13.00 21.56 -33.28
C TYR B 287 -14.25 21.65 -34.19
N MET B 288 -15.31 22.30 -33.69
CA MET B 288 -16.64 22.35 -34.37
C MET B 288 -16.62 23.06 -35.72
N GLY B 289 -15.99 24.23 -35.82
CA GLY B 289 -15.78 24.85 -37.14
C GLY B 289 -15.05 23.96 -38.14
N GLU B 290 -13.91 23.42 -37.75
CA GLU B 290 -13.17 22.50 -38.61
C GLU B 290 -13.98 21.28 -38.97
N LEU B 291 -14.78 20.79 -38.05
CA LEU B 291 -15.68 19.65 -38.32
C LEU B 291 -16.62 19.97 -39.53
N VAL B 292 -17.30 21.13 -39.45
CA VAL B 292 -18.21 21.65 -40.50
C VAL B 292 -17.48 21.89 -41.84
N ARG B 293 -16.28 22.48 -41.80
CA ARG B 293 -15.45 22.58 -42.98
C ARG B 293 -15.12 21.21 -43.62
N LEU B 294 -14.91 20.17 -42.83
CA LEU B 294 -14.54 18.84 -43.39
C LEU B 294 -15.75 18.17 -44.07
N ILE B 295 -16.94 18.40 -43.51
CA ILE B 295 -18.23 17.97 -44.10
C ILE B 295 -18.53 18.70 -45.45
N LEU B 296 -18.32 20.02 -45.49
CA LEU B 296 -18.42 20.81 -46.75
C LEU B 296 -17.41 20.36 -47.77
N VAL B 297 -16.20 20.00 -47.34
CA VAL B 297 -15.13 19.64 -48.27
C VAL B 297 -15.33 18.27 -48.86
N LYS B 298 -16.01 17.37 -48.14
CA LYS B 298 -16.30 16.04 -48.66
C LYS B 298 -17.48 16.09 -49.63
N MET B 299 -18.54 16.76 -49.22
CA MET B 299 -19.75 16.90 -50.03
C MET B 299 -19.43 17.54 -51.38
N ALA B 300 -18.73 18.68 -51.36
CA ALA B 300 -18.24 19.30 -52.58
C ALA B 300 -17.45 18.30 -53.47
N LYS B 301 -16.54 17.56 -52.88
CA LYS B 301 -15.74 16.63 -53.65
C LYS B 301 -16.60 15.56 -54.32
N GLU B 302 -17.69 15.16 -53.68
CA GLU B 302 -18.60 14.15 -54.27
C GLU B 302 -19.66 14.76 -55.21
N GLU B 303 -19.44 16.02 -55.60
CA GLU B 303 -20.31 16.83 -56.48
C GLU B 303 -21.75 16.94 -55.94
N LEU B 304 -21.85 17.10 -54.62
CA LEU B 304 -23.15 17.21 -53.91
C LEU B 304 -23.49 18.65 -53.47
N LEU B 305 -22.49 19.53 -53.61
CA LEU B 305 -22.61 20.95 -53.24
C LEU B 305 -21.60 21.76 -54.06
N PHE B 306 -21.92 23.05 -54.26
CA PHE B 306 -21.07 23.98 -55.04
C PHE B 306 -20.76 23.45 -56.44
N GLY B 307 -21.66 22.61 -56.97
CA GLY B 307 -21.45 21.92 -58.23
C GLY B 307 -20.08 21.27 -58.32
N GLY B 308 -19.55 20.87 -57.16
CA GLY B 308 -18.23 20.25 -57.07
C GLY B 308 -17.06 21.19 -57.36
N LYS B 309 -17.32 22.50 -57.32
CA LYS B 309 -16.28 23.51 -57.58
C LYS B 309 -15.69 23.99 -56.24
N LEU B 310 -14.43 23.57 -55.95
CA LEU B 310 -13.76 23.75 -54.62
C LEU B 310 -12.63 24.80 -54.53
N SER B 311 -12.88 25.85 -53.71
CA SER B 311 -11.94 26.97 -53.49
C SER B 311 -10.80 26.58 -52.55
N PRO B 312 -9.63 27.24 -52.69
CA PRO B 312 -8.48 26.98 -51.79
C PRO B 312 -8.74 27.34 -50.31
N GLU B 313 -9.40 28.47 -50.09
CA GLU B 313 -9.91 28.83 -48.79
C GLU B 313 -10.67 27.67 -48.14
N LEU B 314 -11.71 27.15 -48.81
CA LEU B 314 -12.46 25.98 -48.29
C LEU B 314 -11.52 24.81 -47.96
N LEU B 315 -10.57 24.50 -48.83
CA LEU B 315 -9.65 23.41 -48.58
C LEU B 315 -8.58 23.74 -47.46
N ASN B 316 -8.47 25.02 -47.09
CA ASN B 316 -7.48 25.48 -46.11
C ASN B 316 -7.95 25.20 -44.71
N THR B 317 -7.11 24.57 -43.92
CA THR B 317 -7.49 24.27 -42.53
C THR B 317 -7.81 25.54 -41.71
N GLY B 318 -8.97 25.49 -41.03
CA GLY B 318 -9.32 26.48 -40.01
C GLY B 318 -10.03 27.72 -40.53
N ARG B 319 -10.44 27.69 -41.80
CA ARG B 319 -11.10 28.82 -42.44
C ARG B 319 -12.58 28.92 -42.11
N PHE B 320 -13.18 27.80 -41.76
CA PHE B 320 -14.55 27.79 -41.26
C PHE B 320 -14.42 27.74 -39.74
N GLU B 321 -14.82 28.82 -39.09
CA GLU B 321 -14.64 28.98 -37.66
C GLU B 321 -15.89 28.52 -36.92
N THR B 322 -15.78 28.46 -35.60
CA THR B 322 -16.94 28.12 -34.75
C THR B 322 -17.81 29.36 -34.55
N LYS B 323 -17.17 30.54 -34.65
CA LYS B 323 -17.90 31.81 -34.72
C LYS B 323 -18.81 31.84 -35.95
N ASP B 324 -18.33 31.29 -37.07
CA ASP B 324 -19.16 31.16 -38.26
C ASP B 324 -20.41 30.29 -38.03
N ILE B 325 -20.26 29.20 -37.28
CA ILE B 325 -21.41 28.35 -36.92
C ILE B 325 -22.37 29.17 -36.06
N SER B 326 -21.84 29.78 -35.00
CA SER B 326 -22.62 30.67 -34.12
C SER B 326 -23.39 31.78 -34.86
N ASP B 327 -22.68 32.55 -35.68
CA ASP B 327 -23.28 33.61 -36.50
C ASP B 327 -24.42 33.10 -37.40
N ILE B 328 -24.13 32.05 -38.16
CA ILE B 328 -25.12 31.48 -39.09
C ILE B 328 -26.42 31.09 -38.37
N GLU B 329 -26.29 30.27 -37.33
CA GLU B 329 -27.46 29.79 -36.57
C GLU B 329 -28.27 30.86 -35.86
N GLY B 330 -27.66 32.01 -35.59
CA GLY B 330 -28.24 33.05 -34.71
C GLY B 330 -28.74 34.37 -35.33
N GLU B 331 -28.20 34.78 -36.50
CA GLU B 331 -28.68 35.99 -37.20
C GLU B 331 -30.03 35.71 -37.88
N ASP B 333 -31.57 35.82 -40.48
CA ASP B 333 -31.64 35.07 -41.74
C ASP B 333 -30.47 34.11 -41.81
N GLY B 334 -30.72 32.86 -41.43
CA GLY B 334 -29.69 31.84 -41.42
C GLY B 334 -28.98 31.81 -42.74
N ILE B 335 -29.76 31.84 -43.83
CA ILE B 335 -29.26 31.56 -45.18
C ILE B 335 -28.50 32.75 -45.89
N ARG B 336 -28.74 34.01 -45.49
CA ARG B 336 -27.98 35.16 -46.03
C ARG B 336 -26.61 35.27 -45.34
N LYS B 337 -26.55 34.79 -44.09
CA LYS B 337 -25.28 34.76 -43.34
C LYS B 337 -24.39 33.63 -43.86
N ALA B 338 -24.97 32.47 -44.16
CA ALA B 338 -24.21 31.36 -44.75
C ALA B 338 -23.62 31.75 -46.11
N ARG B 339 -24.43 32.38 -46.94
CA ARG B 339 -23.99 32.92 -48.24
C ARG B 339 -22.74 33.78 -48.05
N GLU B 340 -22.87 34.77 -47.18
CA GLU B 340 -21.79 35.73 -46.84
C GLU B 340 -20.49 35.04 -46.36
N VAL B 341 -20.62 34.05 -45.47
CA VAL B 341 -19.48 33.27 -44.98
C VAL B 341 -18.87 32.37 -46.09
N LEU B 342 -19.70 31.56 -46.76
CA LEU B 342 -19.25 30.72 -47.90
C LEU B 342 -18.53 31.59 -48.99
N MET B 343 -19.06 32.79 -49.22
CA MET B 343 -18.49 33.74 -50.17
C MET B 343 -17.12 34.21 -49.73
N ARG B 344 -16.97 34.49 -48.44
CA ARG B 344 -15.65 34.87 -47.87
C ARG B 344 -14.60 33.76 -48.00
N LEU B 345 -15.08 32.52 -48.05
CA LEU B 345 -14.23 31.34 -48.30
C LEU B 345 -14.07 31.08 -49.79
N GLY B 346 -14.23 32.13 -50.61
CA GLY B 346 -14.02 32.09 -52.07
C GLY B 346 -14.95 31.18 -52.85
N LEU B 347 -16.13 30.93 -52.30
CA LEU B 347 -17.10 30.07 -52.96
C LEU B 347 -18.19 30.93 -53.61
N ASP B 348 -18.94 30.26 -54.48
CA ASP B 348 -20.02 30.86 -55.26
C ASP B 348 -21.29 29.98 -55.03
N PRO B 349 -21.96 30.19 -53.86
CA PRO B 349 -22.99 29.27 -53.38
C PRO B 349 -24.37 29.58 -53.92
N THR B 350 -25.14 28.54 -54.21
CA THR B 350 -26.53 28.67 -54.57
C THR B 350 -27.29 28.84 -53.26
N GLN B 351 -28.58 29.23 -53.33
CA GLN B 351 -29.43 29.30 -52.12
C GLN B 351 -29.66 27.89 -51.46
N GLU B 352 -29.48 26.81 -52.24
CA GLU B 352 -29.51 25.42 -51.72
C GLU B 352 -28.22 25.04 -50.95
N ASP B 353 -27.07 25.41 -51.49
CA ASP B 353 -25.77 25.27 -50.78
C ASP B 353 -25.85 25.99 -49.46
N CYS B 354 -26.30 27.23 -49.51
CA CYS B 354 -26.51 28.01 -48.28
C CYS B 354 -27.48 27.36 -47.30
N VAL B 355 -28.41 26.53 -47.79
CA VAL B 355 -29.35 25.79 -46.89
C VAL B 355 -28.66 24.60 -46.23
N ALA B 356 -27.87 23.84 -47.02
CA ALA B 356 -27.08 22.74 -46.51
C ALA B 356 -26.16 23.28 -45.42
N THR B 357 -25.17 24.06 -45.83
CA THR B 357 -24.25 24.72 -44.89
C THR B 357 -24.91 25.07 -43.53
N HIS B 358 -26.08 25.67 -43.57
CA HIS B 358 -26.73 26.13 -42.34
C HIS B 358 -27.23 24.96 -41.51
N ARG B 359 -27.57 23.87 -42.19
CA ARG B 359 -28.08 22.67 -41.53
C ARG B 359 -26.94 21.83 -40.95
N ILE B 360 -25.92 21.59 -41.78
CA ILE B 360 -24.64 21.06 -41.32
C ILE B 360 -24.20 21.72 -39.98
N CYS B 361 -24.21 23.05 -39.96
CA CYS B 361 -23.89 23.81 -38.75
C CYS B 361 -24.76 23.40 -37.57
N GLN B 362 -26.04 23.20 -37.84
CA GLN B 362 -27.00 22.84 -36.78
C GLN B 362 -26.74 21.45 -36.22
N ILE B 363 -26.66 20.50 -37.14
CA ILE B 363 -26.41 19.09 -36.85
C ILE B 363 -25.17 18.88 -35.96
N VAL B 364 -24.07 19.52 -36.36
CA VAL B 364 -22.77 19.48 -35.67
C VAL B 364 -22.75 20.21 -34.32
N SER B 365 -23.44 21.33 -34.25
CA SER B 365 -23.53 22.04 -32.99
C SER B 365 -24.61 21.43 -32.10
N THR B 366 -25.50 20.64 -32.69
CA THR B 366 -26.56 19.98 -31.91
C THR B 366 -26.08 18.64 -31.39
N ARG B 367 -25.31 17.90 -32.19
CA ARG B 367 -24.61 16.73 -31.67
C ARG B 367 -23.66 17.11 -30.50
N SER B 368 -22.93 18.18 -30.65
CA SER B 368 -22.15 18.70 -29.58
C SER B 368 -22.97 18.79 -28.29
N ALA B 369 -24.03 19.59 -28.30
CA ALA B 369 -24.87 19.77 -27.10
C ALA B 369 -25.43 18.44 -26.56
N SER B 370 -25.79 17.55 -27.48
CA SER B 370 -26.36 16.25 -27.14
C SER B 370 -25.36 15.29 -26.56
N LEU B 371 -24.13 15.35 -27.07
CA LEU B 371 -23.09 14.52 -26.50
C LEU B 371 -22.90 14.94 -25.04
N CYS B 372 -22.81 16.24 -24.80
CA CYS B 372 -22.67 16.71 -23.43
C CYS B 372 -23.83 16.29 -22.57
N ALA B 373 -25.04 16.39 -23.11
CA ALA B 373 -26.24 16.06 -22.33
C ALA B 373 -26.16 14.61 -21.83
N ALA B 374 -25.75 13.73 -22.73
CA ALA B 374 -25.65 12.29 -22.48
C ALA B 374 -24.71 11.93 -21.32
N THR B 375 -23.53 12.54 -21.29
CA THR B 375 -22.54 12.28 -20.20
C THR B 375 -22.99 12.97 -18.93
N LEU B 376 -23.60 14.13 -19.11
CA LEU B 376 -24.13 14.93 -18.00
C LEU B 376 -25.37 14.32 -17.37
N ALA B 377 -26.12 13.58 -18.18
CA ALA B 377 -27.25 12.78 -17.73
C ALA B 377 -26.78 11.80 -16.65
N ALA B 378 -25.84 10.94 -17.05
CA ALA B 378 -25.14 9.97 -16.18
C ALA B 378 -24.54 10.59 -14.89
N VAL B 379 -24.02 11.81 -14.99
CA VAL B 379 -23.48 12.49 -13.81
C VAL B 379 -24.58 12.75 -12.80
N LEU B 380 -25.74 13.13 -13.33
CA LEU B 380 -26.89 13.50 -12.51
C LEU B 380 -27.59 12.30 -11.93
N GLN B 381 -27.68 11.23 -12.71
CA GLN B 381 -28.22 9.97 -12.20
C GLN B 381 -27.38 9.47 -11.01
N ARG B 382 -26.06 9.59 -11.13
CA ARG B 382 -25.15 9.16 -10.12
C ARG B 382 -25.31 10.01 -8.87
N ILE B 383 -25.46 11.31 -9.04
CA ILE B 383 -25.66 12.19 -7.90
C ILE B 383 -26.99 11.91 -7.22
N LYS B 384 -28.01 11.62 -8.04
CA LYS B 384 -29.32 11.15 -7.56
C LYS B 384 -29.18 9.97 -6.59
N GLU B 385 -28.64 8.85 -7.11
CA GLU B 385 -28.34 7.66 -6.29
C GLU B 385 -27.57 7.97 -5.03
N ASN B 386 -26.52 8.77 -5.14
CA ASN B 386 -25.73 9.14 -3.97
C ASN B 386 -26.61 9.73 -2.87
N LYS B 387 -27.43 10.69 -3.23
CA LYS B 387 -28.25 11.38 -2.24
C LYS B 387 -29.38 10.49 -1.73
N GLY B 388 -30.07 9.82 -2.66
CA GLY B 388 -31.14 8.85 -2.33
C GLY B 388 -32.55 9.22 -2.77
N GLU B 389 -32.67 10.03 -3.84
CA GLU B 389 -33.97 10.62 -4.24
C GLU B 389 -34.19 10.75 -5.75
N LEU B 392 -34.27 14.91 -7.18
CA LEU B 392 -32.92 15.47 -7.38
C LEU B 392 -32.92 16.98 -7.70
N ARG B 393 -32.56 17.83 -6.73
CA ARG B 393 -32.43 19.29 -6.96
C ARG B 393 -30.94 19.71 -6.99
N SER B 394 -30.33 19.68 -8.19
CA SER B 394 -28.92 20.08 -8.35
C SER B 394 -28.74 21.37 -9.17
N THR B 395 -27.78 22.20 -8.76
CA THR B 395 -27.32 23.30 -9.61
C THR B 395 -26.00 22.90 -10.33
N ILE B 396 -25.93 23.22 -11.63
CA ILE B 396 -24.72 23.05 -12.44
C ILE B 396 -24.10 24.42 -12.76
N GLY B 397 -22.85 24.65 -12.33
CA GLY B 397 -22.10 25.86 -12.75
C GLY B 397 -21.45 25.72 -14.14
N VAL B 398 -21.69 26.67 -15.04
CA VAL B 398 -21.23 26.56 -16.46
C VAL B 398 -20.46 27.75 -16.97
N ASP B 399 -19.66 27.53 -18.02
CA ASP B 399 -18.82 28.57 -18.63
C ASP B 399 -18.26 28.01 -19.95
N GLY B 400 -17.47 28.81 -20.66
CA GLY B 400 -16.92 28.41 -21.95
C GLY B 400 -17.62 29.08 -23.13
N SER B 401 -16.85 29.42 -24.15
CA SER B 401 -17.34 30.17 -25.31
C SER B 401 -18.58 29.60 -26.00
N VAL B 402 -18.56 28.30 -26.30
CA VAL B 402 -19.67 27.66 -27.02
C VAL B 402 -20.98 27.82 -26.27
N TYR B 403 -20.98 27.68 -24.95
CA TYR B 403 -22.23 27.75 -24.17
C TYR B 403 -22.68 29.20 -24.02
N LYS B 404 -21.77 30.03 -23.53
CA LYS B 404 -21.96 31.48 -23.42
C LYS B 404 -22.40 32.16 -24.73
N LYS B 405 -21.67 31.90 -25.83
CA LYS B 405 -21.84 32.64 -27.06
C LYS B 405 -22.83 32.00 -28.05
N HIS B 406 -22.62 30.76 -28.47
CA HIS B 406 -23.53 30.10 -29.43
C HIS B 406 -24.99 30.35 -29.06
N PRO B 407 -25.84 30.65 -30.05
CA PRO B 407 -27.28 30.91 -29.84
C PRO B 407 -28.15 29.81 -29.16
N HIS B 408 -28.13 28.57 -29.66
CA HIS B 408 -29.04 27.49 -29.13
C HIS B 408 -28.39 26.34 -28.33
N PHE B 409 -27.09 26.41 -28.10
CA PHE B 409 -26.38 25.29 -27.50
C PHE B 409 -26.94 25.04 -26.10
N ALA B 410 -26.92 26.09 -25.26
CA ALA B 410 -27.42 25.97 -23.89
C ALA B 410 -28.82 25.34 -23.83
N LYS B 411 -29.75 25.87 -24.62
CA LYS B 411 -31.15 25.44 -24.59
C LYS B 411 -31.31 24.01 -25.08
N ARG B 412 -30.66 23.67 -26.18
CA ARG B 412 -30.55 22.26 -26.62
C ARG B 412 -30.10 21.33 -25.48
N LEU B 413 -29.20 21.83 -24.64
CA LEU B 413 -28.59 21.01 -23.61
C LEU B 413 -29.54 20.87 -22.45
N HIS B 414 -30.07 22.00 -22.00
CA HIS B 414 -31.00 22.00 -20.87
C HIS B 414 -32.20 21.12 -21.18
N LYS B 415 -32.62 21.14 -22.43
CA LYS B 415 -33.75 20.38 -22.91
C LYS B 415 -33.38 18.91 -23.00
N THR B 416 -32.30 18.60 -23.70
CA THR B 416 -31.87 17.21 -23.88
C THR B 416 -31.61 16.51 -22.56
N VAL B 417 -31.08 17.25 -21.60
CA VAL B 417 -30.67 16.66 -20.34
C VAL B 417 -31.87 16.54 -19.39
N ARG B 418 -32.67 17.62 -19.26
CA ARG B 418 -33.93 17.59 -18.45
C ARG B 418 -34.89 16.52 -19.02
N ARG B 419 -34.82 16.29 -20.33
CA ARG B 419 -35.55 15.18 -20.94
C ARG B 419 -34.91 13.85 -20.59
N LEU B 420 -33.58 13.83 -20.55
CA LEU B 420 -32.81 12.59 -20.31
C LEU B 420 -32.88 12.11 -18.84
N VAL B 421 -32.83 13.05 -17.90
CA VAL B 421 -33.07 12.81 -16.47
C VAL B 421 -34.41 13.48 -16.04
N PRO B 422 -35.56 12.75 -16.15
CA PRO B 422 -36.89 13.37 -15.87
C PRO B 422 -37.16 13.78 -14.39
N GLY B 423 -36.78 12.91 -13.44
CA GLY B 423 -36.94 13.17 -11.98
C GLY B 423 -35.84 14.04 -11.38
N CYS B 424 -35.82 15.29 -11.82
CA CYS B 424 -34.72 16.23 -11.50
C CYS B 424 -35.15 17.70 -11.62
N ASP B 425 -34.70 18.50 -10.65
CA ASP B 425 -34.92 19.93 -10.64
C ASP B 425 -33.54 20.59 -10.74
N VAL B 426 -33.09 20.80 -11.98
CA VAL B 426 -31.70 21.17 -12.29
C VAL B 426 -31.53 22.63 -12.81
N ARG B 427 -31.30 23.56 -11.89
CA ARG B 427 -30.91 24.92 -12.25
C ARG B 427 -29.50 24.93 -12.88
N PHE B 428 -29.38 25.47 -14.10
CA PHE B 428 -28.08 25.72 -14.74
C PHE B 428 -27.71 27.12 -14.42
N LEU B 429 -26.53 27.33 -13.85
CA LEU B 429 -26.09 28.66 -13.43
C LEU B 429 -24.86 29.10 -14.23
N ARG B 430 -25.02 30.18 -14.99
CA ARG B 430 -23.95 30.70 -15.82
C ARG B 430 -23.01 31.49 -14.95
N SER B 431 -21.72 31.32 -15.19
CA SER B 431 -20.70 32.00 -14.42
C SER B 431 -20.37 33.31 -15.12
N GLU B 432 -20.41 34.43 -14.40
CA GLU B 432 -20.08 35.72 -15.03
C GLU B 432 -18.71 36.23 -14.60
N ASP B 433 -18.20 35.71 -13.49
CA ASP B 433 -16.93 36.17 -12.95
C ASP B 433 -15.72 35.33 -13.39
N GLY B 434 -15.99 34.13 -13.92
CA GLY B 434 -14.94 33.20 -14.32
C GLY B 434 -14.29 32.49 -13.13
N SER B 435 -13.48 31.50 -13.46
CA SER B 435 -12.91 30.56 -12.47
C SER B 435 -12.16 31.22 -11.33
N GLY B 436 -11.50 32.34 -11.59
CA GLY B 436 -10.65 33.01 -10.59
C GLY B 436 -11.26 33.26 -9.23
N LYS B 437 -12.55 33.59 -9.22
CA LYS B 437 -13.30 33.86 -8.00
C LYS B 437 -13.28 32.57 -7.17
N GLY B 438 -13.70 31.49 -7.80
CA GLY B 438 -13.78 30.18 -7.15
C GLY B 438 -12.44 29.54 -6.82
N ALA B 439 -11.41 29.91 -7.56
CA ALA B 439 -10.08 29.45 -7.28
C ALA B 439 -9.45 30.19 -6.07
N ALA B 440 -9.85 31.45 -5.87
CA ALA B 440 -9.44 32.22 -4.68
C ALA B 440 -10.11 31.64 -3.49
N MET B 441 -11.33 31.13 -3.65
CA MET B 441 -12.06 30.52 -2.53
C MET B 441 -11.37 29.30 -2.03
N VAL B 442 -10.95 28.43 -2.96
CA VAL B 442 -10.21 27.20 -2.68
C VAL B 442 -8.87 27.53 -2.09
N THR B 443 -8.25 28.58 -2.59
CA THR B 443 -6.97 29.03 -2.05
C THR B 443 -7.11 29.52 -0.62
N ALA B 444 -8.24 30.15 -0.30
CA ALA B 444 -8.55 30.57 1.08
C ALA B 444 -8.43 29.40 2.02
N VAL B 445 -8.96 28.25 1.55
CA VAL B 445 -8.94 26.99 2.31
C VAL B 445 -7.52 26.39 2.40
N ALA B 446 -6.79 26.36 1.29
CA ALA B 446 -5.41 25.88 1.31
C ALA B 446 -4.60 26.68 2.31
N TYR B 447 -4.78 27.98 2.31
CA TYR B 447 -4.01 28.84 3.17
C TYR B 447 -4.31 28.50 4.62
N ARG B 448 -5.60 28.38 4.90
CA ARG B 448 -6.14 28.03 6.20
C ARG B 448 -5.52 26.71 6.68
N LEU B 449 -5.65 25.66 5.89
CA LEU B 449 -5.04 24.38 6.22
C LEU B 449 -3.56 24.44 6.48
N ALA B 450 -2.86 25.36 5.83
CA ALA B 450 -1.40 25.50 5.98
C ALA B 450 -1.14 26.10 7.31
N ASP B 451 -2.03 26.99 7.67
CA ASP B 451 -1.97 27.77 8.88
C ASP B 451 -2.29 26.90 10.11
N GLN B 452 -3.31 26.08 9.97
CA GLN B 452 -3.71 25.16 11.02
C GLN B 452 -2.64 24.16 11.24
N HIS B 453 -2.08 23.60 10.18
CA HIS B 453 -0.94 22.69 10.30
C HIS B 453 0.24 23.37 10.95
N ARG B 454 0.48 24.62 10.62
CA ARG B 454 1.60 25.34 11.20
C ARG B 454 1.37 25.56 12.70
N ALA B 455 0.14 25.84 13.11
CA ALA B 455 -0.15 26.01 14.53
C ALA B 455 0.08 24.70 15.31
N ARG B 456 -0.49 23.61 14.79
CA ARG B 456 -0.25 22.27 15.35
C ARG B 456 1.21 21.91 15.51
N GLN B 457 1.98 22.04 14.46
CA GLN B 457 3.41 21.80 14.54
C GLN B 457 4.04 22.62 15.64
N LYS B 458 3.65 23.89 15.74
CA LYS B 458 4.26 24.80 16.69
C LYS B 458 4.05 24.33 18.11
N THR B 459 2.86 23.77 18.35
CA THR B 459 2.51 23.21 19.66
C THR B 459 3.34 22.02 19.96
N LEU B 460 3.38 21.07 19.05
CA LEU B 460 4.14 19.86 19.26
C LEU B 460 5.65 20.11 19.40
N GLU B 461 6.15 21.24 18.90
CA GLU B 461 7.58 21.56 19.03
C GLU B 461 7.94 21.61 20.49
N HIS B 462 6.95 21.95 21.31
CA HIS B 462 7.15 21.99 22.74
C HIS B 462 7.37 20.63 23.38
N LEU B 463 7.08 19.54 22.66
CA LEU B 463 7.30 18.22 23.19
C LEU B 463 8.44 17.51 22.52
N GLN B 464 9.27 18.25 21.79
CA GLN B 464 10.39 17.67 21.06
C GLN B 464 11.66 18.22 21.63
N LEU B 465 12.56 17.33 22.04
CA LEU B 465 13.72 17.69 22.80
C LEU B 465 15.00 17.36 22.05
N SER B 466 15.90 18.33 22.01
CA SER B 466 17.14 18.22 21.27
C SER B 466 18.11 17.36 22.02
N HIS B 467 19.22 17.04 21.37
CA HIS B 467 20.28 16.27 22.00
C HIS B 467 20.80 17.01 23.20
N ASP B 468 20.90 18.32 23.10
CA ASP B 468 21.45 19.11 24.18
C ASP B 468 20.50 19.17 25.34
N GLN B 469 19.22 19.38 25.03
CA GLN B 469 18.16 19.38 26.08
C GLN B 469 18.20 18.11 26.86
N LEU B 470 18.31 16.99 26.16
CA LEU B 470 18.42 15.70 26.78
C LEU B 470 19.70 15.48 27.59
N LEU B 471 20.79 16.13 27.21
CA LEU B 471 22.02 16.08 28.01
C LEU B 471 21.78 16.87 29.27
N GLU B 472 20.97 17.90 29.17
CA GLU B 472 20.66 18.71 30.33
C GLU B 472 19.77 17.96 31.31
N VAL B 473 18.84 17.14 30.81
CA VAL B 473 18.00 16.28 31.65
C VAL B 473 18.84 15.21 32.32
N LYS B 474 19.76 14.64 31.56
CA LYS B 474 20.74 13.71 32.11
C LYS B 474 21.56 14.34 33.24
N ARG B 475 21.96 15.59 33.05
CA ARG B 475 22.78 16.28 34.01
C ARG B 475 22.00 16.50 35.26
N ARG B 476 20.82 17.09 35.10
CA ARG B 476 19.92 17.39 36.19
C ARG B 476 19.54 16.16 36.98
N MET B 477 19.44 15.01 36.32
CA MET B 477 19.22 13.79 37.05
C MET B 477 20.45 13.49 37.87
N LYS B 478 21.61 13.69 37.29
CA LYS B 478 22.86 13.38 37.99
C LYS B 478 22.97 14.12 39.30
N VAL B 479 22.57 15.38 39.30
CA VAL B 479 22.65 16.21 40.50
C VAL B 479 21.62 15.82 41.54
N GLU B 480 20.42 15.38 41.10
CA GLU B 480 19.36 14.90 42.03
C GLU B 480 19.70 13.54 42.57
N MET B 481 20.41 12.75 41.79
CA MET B 481 20.93 11.47 42.27
C MET B 481 21.92 11.67 43.41
N GLU B 482 22.83 12.62 43.26
CA GLU B 482 23.79 12.94 44.33
C GLU B 482 23.02 13.50 45.51
N ARG B 483 22.10 14.41 45.22
CA ARG B 483 21.32 15.08 46.26
C ARG B 483 20.64 14.08 47.14
N GLY B 484 19.97 13.08 46.57
CA GLY B 484 19.21 12.13 47.40
C GLY B 484 20.03 11.11 48.17
N LEU B 485 21.17 10.74 47.63
CA LEU B 485 22.06 9.76 48.25
C LEU B 485 22.73 10.29 49.52
N SER B 486 22.99 11.61 49.55
CA SER B 486 23.66 12.32 50.64
C SER B 486 22.76 12.54 51.87
N LYS B 487 23.25 12.24 53.08
CA LYS B 487 22.45 12.45 54.31
C LYS B 487 22.19 13.95 54.57
N GLU B 488 23.16 14.77 54.21
CA GLU B 488 23.02 16.22 54.39
C GLU B 488 21.88 16.84 53.55
N THR B 489 21.46 16.17 52.47
CA THR B 489 20.44 16.73 51.55
C THR B 489 19.22 15.85 51.26
N HIS B 490 19.28 14.58 51.69
CA HIS B 490 18.30 13.57 51.31
C HIS B 490 16.88 13.84 51.73
N ALA B 491 16.68 14.53 52.85
CA ALA B 491 15.33 14.92 53.30
C ALA B 491 14.72 16.00 52.39
N SER B 492 15.57 16.85 51.79
CA SER B 492 15.14 17.84 50.79
C SER B 492 14.87 17.24 49.38
N ALA B 493 15.59 16.16 49.03
CA ALA B 493 15.65 15.58 47.69
C ALA B 493 14.33 15.02 47.18
N PRO B 494 13.92 15.39 45.95
CA PRO B 494 12.78 14.73 45.31
C PRO B 494 13.09 13.32 44.83
N VAL B 495 14.31 13.12 44.32
CA VAL B 495 14.81 11.79 43.93
C VAL B 495 15.52 11.19 45.14
N LYS B 496 14.94 10.15 45.69
CA LYS B 496 15.13 9.78 47.06
C LYS B 496 16.29 8.80 47.25
N MET B 497 16.61 8.04 46.22
CA MET B 497 17.76 7.18 46.27
C MET B 497 17.68 6.32 47.50
N LEU B 498 16.62 5.55 47.57
CA LEU B 498 16.31 4.77 48.76
C LEU B 498 17.09 3.48 48.85
N PRO B 499 17.91 3.31 49.93
CA PRO B 499 18.56 2.02 50.24
C PRO B 499 17.55 0.91 50.34
N THR B 500 17.87 -0.24 49.76
CA THR B 500 16.93 -1.36 49.69
C THR B 500 17.32 -2.50 50.62
N TYR B 501 18.58 -2.50 51.05
CA TYR B 501 19.15 -3.60 51.82
C TYR B 501 19.14 -4.85 50.99
N VAL B 502 19.56 -4.70 49.73
CA VAL B 502 19.85 -5.84 48.85
C VAL B 502 21.29 -5.64 48.34
N CYS B 503 22.14 -6.66 48.60
CA CYS B 503 23.58 -6.61 48.33
C CYS B 503 24.07 -7.96 47.73
N GLY B 512 15.10 -23.66 48.37
CA GLY B 512 13.75 -24.18 48.75
C GLY B 512 12.48 -23.50 48.12
N ASP B 513 11.32 -23.71 48.76
CA ASP B 513 10.04 -23.13 48.29
C ASP B 513 9.65 -21.80 48.93
N PHE B 514 9.30 -20.80 48.11
CA PHE B 514 8.98 -19.46 48.59
C PHE B 514 7.64 -18.96 48.09
N LEU B 515 6.96 -18.16 48.91
CA LEU B 515 5.88 -17.33 48.42
C LEU B 515 6.45 -16.01 47.90
N ALA B 516 5.73 -15.39 46.97
CA ALA B 516 5.98 -14.00 46.64
C ALA B 516 4.64 -13.27 46.50
N LEU B 517 4.64 -11.97 46.64
CA LEU B 517 3.49 -11.17 46.21
C LEU B 517 3.99 -10.18 45.17
N ASP B 518 3.10 -9.79 44.28
CA ASP B 518 3.42 -8.78 43.28
C ASP B 518 2.31 -7.73 43.26
N LEU B 519 2.54 -6.61 43.96
CA LEU B 519 1.52 -5.56 44.15
C LEU B 519 1.92 -4.14 43.67
N GLY B 520 1.11 -3.55 42.80
CA GLY B 520 1.32 -2.18 42.36
C GLY B 520 1.43 -2.00 40.85
N GLY B 521 1.65 -3.12 40.14
CA GLY B 521 1.52 -3.16 38.70
C GLY B 521 0.07 -3.34 38.24
N THR B 522 -0.13 -3.78 36.99
CA THR B 522 -1.50 -3.84 36.43
C THR B 522 -2.29 -4.94 37.12
N ASN B 523 -1.59 -6.00 37.54
CA ASN B 523 -2.19 -7.18 38.17
C ASN B 523 -1.53 -7.53 39.46
N PHE B 524 -2.35 -7.75 40.48
CA PHE B 524 -1.90 -8.28 41.77
C PHE B 524 -1.79 -9.80 41.70
N ARG B 525 -0.61 -10.31 42.01
CA ARG B 525 -0.34 -11.72 41.96
C ARG B 525 0.19 -12.22 43.29
N VAL B 526 -0.23 -13.43 43.65
CA VAL B 526 0.43 -14.25 44.63
C VAL B 526 1.13 -15.37 43.90
N LEU B 527 2.35 -15.70 44.34
CA LEU B 527 3.19 -16.67 43.65
C LEU B 527 3.77 -17.76 44.58
N LEU B 528 4.02 -18.92 43.98
CA LEU B 528 4.77 -19.97 44.64
C LEU B 528 5.96 -20.13 43.78
N VAL B 529 7.14 -19.99 44.35
CA VAL B 529 8.37 -20.05 43.58
C VAL B 529 9.18 -21.21 44.15
N ARG B 530 9.45 -22.22 43.33
CA ARG B 530 10.19 -23.40 43.76
C ARG B 530 11.57 -23.39 43.16
N VAL B 531 12.56 -23.24 44.04
CA VAL B 531 13.98 -23.24 43.68
C VAL B 531 14.64 -24.61 44.00
N VAL B 539 14.19 -22.69 38.01
CA VAL B 539 13.20 -22.21 38.99
C VAL B 539 11.76 -22.38 38.51
N GLU B 540 10.94 -23.07 39.29
CA GLU B 540 9.54 -23.30 38.92
C GLU B 540 8.63 -22.24 39.55
N MET B 541 7.69 -21.71 38.77
CA MET B 541 6.85 -20.60 39.23
C MET B 541 5.38 -20.81 38.90
N HIS B 542 4.54 -20.59 39.89
CA HIS B 542 3.12 -20.60 39.67
C HIS B 542 2.57 -19.33 40.25
N ASN B 543 1.45 -18.90 39.70
CA ASN B 543 0.81 -17.73 40.18
C ASN B 543 -0.66 -17.74 39.87
N LYS B 544 -1.39 -16.93 40.64
CA LYS B 544 -2.77 -16.62 40.36
C LYS B 544 -2.98 -15.11 40.55
N ILE B 545 -3.66 -14.47 39.59
CA ILE B 545 -4.08 -13.08 39.73
C ILE B 545 -5.32 -13.02 40.62
N TYR B 546 -5.35 -12.01 41.48
CA TYR B 546 -6.54 -11.69 42.24
C TYR B 546 -6.88 -10.24 42.01
N ALA B 547 -8.17 -9.96 41.77
CA ALA B 547 -8.65 -8.63 41.55
C ALA B 547 -8.60 -7.87 42.87
N ILE B 548 -8.34 -6.57 42.79
CA ILE B 548 -8.48 -5.69 43.95
C ILE B 548 -9.58 -4.72 43.56
N PRO B 549 -10.81 -5.01 44.03
CA PRO B 549 -11.95 -4.14 43.75
C PRO B 549 -11.78 -2.69 44.22
N GLN B 550 -12.58 -1.79 43.65
CA GLN B 550 -12.54 -0.36 44.02
C GLN B 550 -12.87 -0.13 45.48
N GLU B 551 -13.86 -0.87 45.99
CA GLU B 551 -14.09 -0.94 47.42
C GLU B 551 -12.73 -0.92 48.16
N VAL B 552 -11.94 -1.97 47.95
CA VAL B 552 -10.66 -2.14 48.66
C VAL B 552 -9.63 -1.13 48.22
N MET B 553 -9.65 -0.74 46.96
CA MET B 553 -8.56 0.08 46.42
C MET B 553 -8.52 1.43 47.08
N HIS B 554 -9.70 1.97 47.32
CA HIS B 554 -9.87 3.26 47.95
C HIS B 554 -10.44 3.12 49.39
N GLY B 555 -10.44 1.89 49.92
CA GLY B 555 -10.85 1.58 51.29
C GLY B 555 -9.80 1.93 52.31
N THR B 556 -9.65 1.13 53.35
CA THR B 556 -8.66 1.38 54.40
C THR B 556 -7.53 0.39 54.31
N GLY B 557 -6.42 0.73 54.94
CA GLY B 557 -5.28 -0.15 55.03
C GLY B 557 -5.68 -1.51 55.52
N ASP B 558 -6.44 -1.52 56.60
CA ASP B 558 -6.94 -2.78 57.16
C ASP B 558 -7.68 -3.64 56.11
N GLU B 559 -8.61 -3.06 55.38
CA GLU B 559 -9.38 -3.80 54.36
C GLU B 559 -8.52 -4.35 53.20
N LEU B 560 -7.49 -3.57 52.84
CA LEU B 560 -6.61 -3.92 51.74
C LEU B 560 -5.78 -5.10 52.13
N PHE B 561 -5.14 -5.00 53.29
CA PHE B 561 -4.29 -6.09 53.77
C PHE B 561 -5.07 -7.32 54.18
N ASP B 562 -6.30 -7.11 54.64
CA ASP B 562 -7.27 -8.20 54.86
C ASP B 562 -7.50 -8.93 53.56
N HIS B 563 -7.68 -8.15 52.49
CA HIS B 563 -7.87 -8.68 51.14
C HIS B 563 -6.64 -9.44 50.71
N ILE B 564 -5.50 -8.79 50.81
CA ILE B 564 -4.25 -9.42 50.46
C ILE B 564 -4.11 -10.73 51.19
N VAL B 565 -4.47 -10.80 52.47
CA VAL B 565 -4.27 -12.05 53.26
C VAL B 565 -5.30 -13.14 52.90
N GLN B 566 -6.50 -12.71 52.49
CA GLN B 566 -7.54 -13.64 52.02
C GLN B 566 -7.06 -14.34 50.73
N CYS B 567 -6.39 -13.57 49.88
CA CYS B 567 -5.83 -14.07 48.64
C CYS B 567 -4.64 -14.96 48.88
N ILE B 568 -3.76 -14.57 49.80
CA ILE B 568 -2.61 -15.43 50.15
C ILE B 568 -3.12 -16.80 50.58
N ALA B 569 -4.13 -16.76 51.44
CA ALA B 569 -4.76 -17.96 52.00
C ALA B 569 -5.43 -18.80 50.92
N ASP B 570 -6.17 -18.14 50.04
CA ASP B 570 -6.69 -18.81 48.87
C ASP B 570 -5.54 -19.49 48.10
N PHE B 571 -4.43 -18.79 47.93
CA PHE B 571 -3.41 -19.28 47.03
C PHE B 571 -2.81 -20.55 47.52
N LEU B 572 -2.51 -20.62 48.81
CA LEU B 572 -1.94 -21.83 49.43
C LEU B 572 -2.84 -23.05 49.22
N GLU B 573 -4.15 -22.86 49.35
CA GLU B 573 -5.12 -23.93 49.09
C GLU B 573 -5.03 -24.39 47.64
N TYR B 574 -5.23 -23.43 46.74
CA TYR B 574 -5.01 -23.56 45.30
C TYR B 574 -3.70 -24.29 44.98
N MET B 575 -2.61 -23.86 45.63
CA MET B 575 -1.32 -24.50 45.42
C MET B 575 -1.19 -25.76 46.28
N GLY B 576 -2.27 -26.14 46.96
CA GLY B 576 -2.32 -27.40 47.70
C GLY B 576 -1.30 -27.48 48.82
N MET B 577 -1.33 -26.48 49.70
CA MET B 577 -0.52 -26.46 50.89
C MET B 577 -1.14 -25.58 51.98
N LYS B 578 -2.46 -25.70 52.13
CA LYS B 578 -3.27 -24.82 53.00
C LYS B 578 -2.58 -24.58 54.34
N GLY B 579 -2.65 -23.33 54.82
CA GLY B 579 -2.04 -22.90 56.11
C GLY B 579 -0.54 -23.11 56.36
N VAL B 580 0.20 -23.69 55.39
CA VAL B 580 1.65 -23.92 55.54
C VAL B 580 2.38 -22.60 55.48
N SER B 581 3.35 -22.43 56.39
CA SER B 581 3.97 -21.12 56.60
C SER B 581 5.30 -21.05 55.83
N LEU B 582 5.28 -20.31 54.72
CA LEU B 582 6.44 -20.23 53.79
C LEU B 582 7.01 -18.86 53.95
N PRO B 583 8.33 -18.69 53.62
CA PRO B 583 8.96 -17.39 53.68
C PRO B 583 8.59 -16.61 52.44
N LEU B 584 8.14 -15.39 52.64
CA LEU B 584 7.47 -14.61 51.62
C LEU B 584 8.30 -13.41 51.19
N GLY B 585 8.33 -13.21 49.87
CA GLY B 585 8.95 -12.02 49.25
C GLY B 585 7.88 -11.09 48.68
N PHE B 586 7.84 -9.87 49.18
CA PHE B 586 6.74 -8.99 48.90
C PHE B 586 7.26 -7.93 47.95
N THR B 587 6.77 -7.97 46.71
CA THR B 587 7.11 -6.95 45.72
C THR B 587 6.08 -5.89 45.87
N PHE B 588 6.51 -4.72 46.28
CA PHE B 588 5.62 -3.64 46.66
C PHE B 588 6.05 -2.36 45.91
N SER B 589 5.31 -2.02 44.86
CA SER B 589 5.80 -1.09 43.83
C SER B 589 5.55 0.36 44.19
N PHE B 590 5.99 0.75 45.40
CA PHE B 590 5.75 2.11 45.90
C PHE B 590 6.95 2.58 46.66
N PRO B 591 7.08 3.89 46.85
CA PRO B 591 8.25 4.39 47.55
C PRO B 591 8.17 4.05 49.01
N CYS B 592 9.17 3.34 49.51
CA CYS B 592 9.18 2.84 50.88
C CYS B 592 10.52 3.14 51.49
N GLN B 593 10.57 3.63 52.72
CA GLN B 593 11.84 3.72 53.44
C GLN B 593 12.12 2.37 54.04
N GLN B 594 13.24 1.78 53.65
CA GLN B 594 13.54 0.43 54.08
C GLN B 594 14.58 0.59 55.15
N ASN B 595 14.19 0.32 56.40
CA ASN B 595 15.16 0.37 57.54
C ASN B 595 15.96 -0.93 57.64
N SER B 596 15.35 -2.00 57.17
CA SER B 596 16.02 -3.23 56.80
C SER B 596 15.24 -3.88 55.62
N LEU B 597 15.62 -5.07 55.23
CA LEU B 597 14.90 -5.81 54.19
C LEU B 597 13.43 -6.02 54.60
N ASP B 598 13.21 -6.32 55.88
CA ASP B 598 11.87 -6.69 56.37
C ASP B 598 11.19 -5.60 57.17
N GLU B 599 11.56 -4.34 56.90
CA GLU B 599 10.92 -3.17 57.49
C GLU B 599 10.92 -2.04 56.50
N SER B 600 9.77 -1.82 55.87
CA SER B 600 9.63 -0.76 54.87
C SER B 600 8.39 0.08 55.08
N ILE B 601 8.62 1.37 55.23
CA ILE B 601 7.60 2.34 55.60
C ILE B 601 7.12 3.08 54.33
N LEU B 602 5.82 2.97 54.02
CA LEU B 602 5.27 3.54 52.79
C LEU B 602 5.37 5.05 52.86
N LEU B 603 6.14 5.66 51.97
CA LEU B 603 6.35 7.09 52.04
C LEU B 603 5.15 7.83 51.48
N LYS B 604 4.71 7.45 50.28
CA LYS B 604 3.52 8.03 49.62
C LYS B 604 2.93 6.98 48.68
N TRP B 605 1.62 6.95 48.51
CA TRP B 605 1.06 6.18 47.42
C TRP B 605 1.43 6.90 46.12
N THR B 606 1.45 6.13 45.03
CA THR B 606 1.66 6.70 43.73
C THR B 606 0.76 5.93 42.81
N LYS B 607 0.76 6.29 41.55
CA LYS B 607 -0.14 5.68 40.60
C LYS B 607 -1.56 5.84 41.12
N GLY B 608 -2.34 4.77 41.12
CA GLY B 608 -3.79 4.90 41.42
C GLY B 608 -4.20 4.39 42.79
N PHE B 609 -3.22 4.01 43.59
CA PHE B 609 -3.46 3.54 44.94
C PHE B 609 -3.72 4.71 45.89
N LYS B 610 -4.66 4.49 46.82
CA LYS B 610 -5.17 5.55 47.71
C LYS B 610 -5.76 5.06 49.04
N ALA B 611 -5.40 3.85 49.49
CA ALA B 611 -6.00 3.28 50.71
C ALA B 611 -5.56 4.04 51.95
N SER B 612 -6.47 4.21 52.90
CA SER B 612 -6.26 5.15 54.00
C SER B 612 -5.40 4.53 55.09
N GLY B 613 -4.61 5.37 55.72
CA GLY B 613 -3.86 4.99 56.89
C GLY B 613 -2.77 4.03 56.60
N CYS B 614 -2.10 4.25 55.46
CA CYS B 614 -1.04 3.39 54.98
C CYS B 614 0.26 4.17 54.87
N GLU B 615 0.20 5.35 54.30
CA GLU B 615 1.37 6.16 54.14
C GLU B 615 1.92 6.48 55.49
N GLY B 616 3.21 6.26 55.70
CA GLY B 616 3.85 6.55 56.98
C GLY B 616 3.95 5.32 57.87
N GLU B 617 3.24 4.24 57.49
CA GLU B 617 3.24 2.98 58.25
C GLU B 617 4.21 1.94 57.66
N ASP B 618 4.54 0.95 58.49
CA ASP B 618 5.40 -0.15 58.09
C ASP B 618 4.47 -1.18 57.48
N VAL B 619 4.67 -1.46 56.20
CA VAL B 619 3.77 -2.36 55.46
C VAL B 619 3.93 -3.83 55.91
N VAL B 620 5.07 -4.16 56.53
CA VAL B 620 5.27 -5.49 57.13
C VAL B 620 4.34 -5.68 58.35
N THR B 621 4.26 -4.62 59.16
CA THR B 621 3.41 -4.60 60.33
C THR B 621 1.98 -4.62 59.92
N LEU B 622 1.57 -3.79 58.99
CA LEU B 622 0.19 -3.87 58.49
C LEU B 622 -0.12 -5.23 57.87
N LEU B 623 0.88 -5.92 57.34
CA LEU B 623 0.64 -7.22 56.77
C LEU B 623 0.44 -8.21 57.89
N LYS B 624 1.43 -8.25 58.79
CA LYS B 624 1.39 -9.16 59.97
C LYS B 624 0.07 -9.05 60.75
N GLU B 625 -0.38 -7.82 61.01
CA GLU B 625 -1.63 -7.58 61.73
C GLU B 625 -2.82 -8.25 61.07
N ALA B 626 -2.93 -8.14 59.76
CA ALA B 626 -4.05 -8.70 59.01
C ALA B 626 -3.97 -10.20 58.92
N ILE B 627 -2.75 -10.72 59.05
CA ILE B 627 -2.52 -12.16 59.20
C ILE B 627 -3.03 -12.64 60.55
N HIS B 628 -2.78 -11.87 61.60
CA HIS B 628 -3.27 -12.19 62.93
C HIS B 628 -4.78 -12.26 62.99
N ARG B 629 -5.46 -11.35 62.32
CA ARG B 629 -6.95 -11.39 62.28
C ARG B 629 -7.47 -12.73 61.70
N ARG B 630 -6.67 -13.42 60.90
CA ARG B 630 -6.98 -14.78 60.43
C ARG B 630 -6.20 -15.81 61.26
N ASP B 636 5.55 -15.91 57.46
CA ASP B 636 6.96 -15.49 57.59
C ASP B 636 7.46 -14.45 56.53
N VAL B 637 7.05 -13.19 56.71
CA VAL B 637 7.49 -12.07 55.84
C VAL B 637 8.99 -11.73 55.96
N VAL B 638 9.77 -12.38 55.13
CA VAL B 638 11.19 -12.20 55.18
C VAL B 638 11.64 -10.91 54.51
N ALA B 639 10.96 -10.47 53.44
CA ALA B 639 11.47 -9.31 52.61
C ALA B 639 10.43 -8.51 51.81
N VAL B 640 10.64 -7.18 51.77
CA VAL B 640 9.88 -6.26 50.94
C VAL B 640 10.84 -5.61 49.94
N VAL B 641 10.53 -5.76 48.64
CA VAL B 641 11.33 -5.17 47.56
C VAL B 641 10.44 -4.39 46.59
N ASN B 642 10.99 -3.34 45.98
CA ASN B 642 10.34 -2.60 44.91
C ASN B 642 10.31 -3.50 43.64
N ASP B 643 9.48 -3.20 42.65
CA ASP B 643 9.47 -3.97 41.40
C ASP B 643 10.75 -3.79 40.55
N THR B 644 11.34 -2.60 40.57
CA THR B 644 12.60 -2.39 39.86
C THR B 644 13.65 -3.36 40.37
N VAL B 645 13.67 -3.50 41.69
CA VAL B 645 14.63 -4.33 42.41
C VAL B 645 14.40 -5.83 42.17
N GLY B 646 13.15 -6.28 42.22
CA GLY B 646 12.82 -7.67 41.88
C GLY B 646 13.10 -8.02 40.43
N THR B 647 12.87 -7.06 39.56
CA THR B 647 13.15 -7.18 38.13
C THR B 647 14.65 -7.15 37.88
N MET B 648 15.36 -6.23 38.48
CA MET B 648 16.82 -6.36 38.48
C MET B 648 17.26 -7.76 38.77
N MET B 649 16.71 -8.40 39.80
CA MET B 649 17.11 -9.76 40.22
C MET B 649 16.56 -10.90 39.37
N THR B 650 15.33 -10.78 38.88
CA THR B 650 14.77 -11.76 37.95
C THR B 650 15.64 -11.86 36.74
N CYS B 651 16.15 -10.71 36.31
CA CYS B 651 16.98 -10.63 35.12
C CYS B 651 18.41 -11.02 35.39
N GLY B 652 18.95 -10.61 36.53
CA GLY B 652 20.29 -11.00 36.94
C GLY B 652 20.49 -12.50 37.21
N PHE B 653 19.42 -13.22 37.48
CA PHE B 653 19.48 -14.67 37.60
C PHE B 653 20.14 -15.26 36.37
N GLU B 654 19.87 -14.69 35.21
CA GLU B 654 20.41 -15.23 33.97
C GLU B 654 21.53 -14.38 33.33
N ASP B 655 21.82 -13.20 33.88
CA ASP B 655 22.90 -12.33 33.34
C ASP B 655 23.67 -11.65 34.46
N PRO B 656 24.88 -12.13 34.78
CA PRO B 656 25.78 -11.52 35.79
C PRO B 656 25.97 -10.01 35.70
N HIS B 657 25.81 -9.43 34.51
CA HIS B 657 26.08 -8.00 34.30
C HIS B 657 24.88 -7.10 34.56
N CYS B 658 23.75 -7.70 34.87
CA CYS B 658 22.55 -6.97 35.19
C CYS B 658 22.61 -6.36 36.59
N GLU B 659 22.87 -5.07 36.64
CA GLU B 659 22.96 -4.34 37.89
C GLU B 659 22.04 -3.13 37.91
N VAL B 660 21.06 -3.10 37.01
CA VAL B 660 20.10 -2.00 36.95
C VAL B 660 18.75 -2.58 36.72
N GLY B 661 17.73 -1.91 37.22
CA GLY B 661 16.35 -2.34 37.07
C GLY B 661 15.60 -1.17 36.56
N LEU B 662 14.65 -1.41 35.64
CA LEU B 662 13.87 -0.34 35.05
C LEU B 662 12.50 -0.82 34.90
N ILE B 663 11.53 0.06 35.14
CA ILE B 663 10.14 -0.24 34.93
C ILE B 663 9.54 0.88 34.14
N VAL B 664 8.90 0.53 33.03
CA VAL B 664 8.05 1.48 32.28
C VAL B 664 6.76 0.77 32.04
N GLY B 665 5.86 0.89 32.99
CA GLY B 665 4.55 0.31 32.89
C GLY B 665 3.55 1.37 33.31
N THR B 666 2.79 1.10 34.35
CA THR B 666 1.82 2.04 34.88
C THR B 666 2.56 3.30 35.36
N GLY B 667 3.66 3.08 36.08
CA GLY B 667 4.61 4.14 36.44
C GLY B 667 5.98 3.85 35.88
N SER B 668 6.93 4.72 36.17
CA SER B 668 8.34 4.49 35.81
C SER B 668 9.27 4.72 36.97
N ASN B 669 10.28 3.87 37.08
CA ASN B 669 11.22 3.89 38.17
C ASN B 669 12.44 3.07 37.73
N ALA B 670 13.58 3.35 38.33
CA ALA B 670 14.78 2.56 38.11
C ALA B 670 15.45 2.33 39.47
N CYS B 671 16.20 1.24 39.56
CA CYS B 671 17.12 0.98 40.68
C CYS B 671 18.44 0.47 40.12
N TYR B 672 19.49 0.54 40.94
CA TYR B 672 20.80 0.10 40.52
C TYR B 672 21.76 -0.12 41.70
N MET B 673 22.82 -0.88 41.45
CA MET B 673 23.81 -1.16 42.50
C MET B 673 24.79 0.01 42.74
N GLU B 674 24.64 0.64 43.89
CA GLU B 674 25.51 1.73 44.33
C GLU B 674 26.64 1.23 45.28
N GLU B 675 27.68 2.03 45.39
CA GLU B 675 28.80 1.78 46.28
C GLU B 675 28.42 2.22 47.66
N MET B 676 28.43 1.29 48.61
CA MET B 676 28.09 1.62 50.00
C MET B 676 28.70 2.93 50.49
N ARG B 677 29.88 3.30 49.99
CA ARG B 677 30.50 4.54 50.41
C ARG B 677 29.79 5.78 49.82
N ASN B 678 28.98 5.56 48.76
CA ASN B 678 28.05 6.59 48.25
C ASN B 678 26.71 6.61 49.01
N VAL B 679 26.30 5.47 49.55
CA VAL B 679 25.08 5.37 50.35
C VAL B 679 25.39 5.87 51.79
N GLU B 680 25.18 7.16 52.00
CA GLU B 680 25.45 7.81 53.29
C GLU B 680 24.42 7.45 54.34
N LEU B 681 23.21 7.16 53.92
CA LEU B 681 22.15 6.81 54.85
C LEU B 681 22.36 5.45 55.48
N VAL B 682 23.31 4.68 54.99
CA VAL B 682 23.63 3.38 55.60
C VAL B 682 25.11 3.36 55.94
N GLU B 683 25.40 3.14 57.21
CA GLU B 683 26.78 3.21 57.70
C GLU B 683 27.53 2.00 57.20
N GLY B 684 28.73 2.25 56.70
CA GLY B 684 29.47 1.23 55.98
C GLY B 684 29.94 1.86 54.70
N GLU B 685 31.14 1.46 54.29
CA GLU B 685 31.74 1.97 53.05
C GLU B 685 32.29 0.87 52.19
N GLU B 686 32.04 -0.37 52.59
CA GLU B 686 32.49 -1.53 51.86
C GLU B 686 31.30 -2.15 51.17
N GLY B 687 31.53 -2.65 49.96
CA GLY B 687 30.50 -3.37 49.22
C GLY B 687 29.55 -2.46 48.45
N ARG B 688 28.46 -3.07 48.00
CA ARG B 688 27.48 -2.40 47.18
C ARG B 688 26.08 -2.69 47.69
N MET B 689 25.21 -1.69 47.53
CA MET B 689 23.83 -1.86 47.84
C MET B 689 22.97 -1.32 46.73
N CYS B 690 21.88 -2.03 46.47
CA CYS B 690 20.89 -1.57 45.51
C CYS B 690 20.20 -0.34 46.06
N VAL B 691 19.99 0.63 45.20
CA VAL B 691 19.29 1.85 45.55
C VAL B 691 18.07 2.00 44.62
N ASN B 692 16.89 2.07 45.23
CA ASN B 692 15.66 2.35 44.54
C ASN B 692 15.49 3.85 44.40
N MET B 693 15.82 4.37 43.23
CA MET B 693 15.89 5.80 42.97
C MET B 693 14.59 6.54 43.17
N GLU B 694 13.49 5.88 42.87
CA GLU B 694 12.18 6.51 42.85
C GLU B 694 12.24 7.71 41.96
N TRP B 695 12.64 7.48 40.72
CA TRP B 695 12.89 8.58 39.80
C TRP B 695 11.66 9.24 39.25
N GLY B 696 10.50 8.62 39.43
CA GLY B 696 9.26 9.23 39.00
C GLY B 696 9.08 10.61 39.57
N ALA B 697 9.66 10.87 40.73
CA ALA B 697 9.49 12.16 41.47
C ALA B 697 10.52 13.21 41.10
N PHE B 698 11.44 12.85 40.23
CA PHE B 698 12.34 13.80 39.60
C PHE B 698 11.47 14.89 39.07
N GLY B 699 11.82 16.13 39.33
CA GLY B 699 11.05 17.25 38.85
C GLY B 699 10.03 17.77 39.83
N ASP B 700 9.79 17.04 40.91
CA ASP B 700 8.88 17.50 41.97
C ASP B 700 9.38 18.75 42.73
N ASN B 701 10.69 19.03 42.66
CA ASN B 701 11.25 20.33 43.17
C ASN B 701 11.19 21.49 42.19
N GLY B 702 10.63 21.25 41.00
CA GLY B 702 10.52 22.28 39.93
C GLY B 702 11.60 22.24 38.85
N CYS B 703 12.47 21.25 38.94
CA CYS B 703 13.69 21.19 38.14
C CYS B 703 13.47 20.73 36.68
N LEU B 704 12.24 20.43 36.28
CA LEU B 704 11.95 20.10 34.88
C LEU B 704 10.91 21.02 34.28
N ASP B 705 10.52 22.06 35.00
CA ASP B 705 9.39 22.88 34.62
C ASP B 705 9.64 23.67 33.35
N ASP B 706 10.89 23.78 32.93
CA ASP B 706 11.18 24.37 31.65
C ASP B 706 10.92 23.40 30.51
N PHE B 707 10.85 22.11 30.80
CA PHE B 707 10.55 21.09 29.81
C PHE B 707 9.12 20.65 29.87
N ARG B 708 8.37 21.17 30.84
CA ARG B 708 7.01 20.72 31.05
C ARG B 708 6.07 21.70 30.42
N THR B 709 5.06 21.16 29.75
CA THR B 709 4.16 21.93 28.93
C THR B 709 2.87 22.15 29.68
N GLU B 710 1.96 22.94 29.12
CA GLU B 710 0.66 23.19 29.72
C GLU B 710 -0.15 21.90 29.83
N PHE B 711 0.12 20.92 29.00
CA PHE B 711 -0.64 19.66 29.04
C PHE B 711 -0.06 18.70 30.06
N ASP B 712 1.22 18.84 30.36
CA ASP B 712 1.80 18.15 31.50
C ASP B 712 1.23 18.73 32.79
N VAL B 713 1.06 20.04 32.83
CA VAL B 713 0.58 20.72 34.02
C VAL B 713 -0.83 20.22 34.27
N ALA B 714 -1.64 20.16 33.22
CA ALA B 714 -3.01 19.70 33.34
C ALA B 714 -3.11 18.26 33.79
N VAL B 715 -2.25 17.40 33.28
CA VAL B 715 -2.30 15.99 33.69
C VAL B 715 -1.97 15.90 35.19
N ASP B 716 -0.97 16.65 35.63
CA ASP B 716 -0.57 16.65 37.02
C ASP B 716 -1.71 17.13 37.92
N GLU B 717 -2.30 18.24 37.55
CA GLU B 717 -3.24 18.92 38.41
C GLU B 717 -4.59 18.28 38.49
N LEU B 718 -4.88 17.35 37.59
CA LEU B 718 -6.12 16.59 37.71
C LEU B 718 -5.82 15.19 38.12
N SER B 719 -4.60 14.95 38.61
CA SER B 719 -4.22 13.62 39.10
C SER B 719 -4.57 13.49 40.57
N LEU B 720 -4.64 12.24 41.03
CA LEU B 720 -4.75 11.94 42.45
C LEU B 720 -3.63 12.55 43.30
N ASN B 721 -2.41 12.61 42.76
CA ASN B 721 -1.22 13.11 43.48
C ASN B 721 -0.64 14.38 42.87
N PRO B 722 -1.43 15.49 42.86
CA PRO B 722 -0.97 16.70 42.21
C PRO B 722 0.29 17.17 42.85
N GLY B 723 1.25 17.57 42.01
CA GLY B 723 2.55 18.04 42.47
C GLY B 723 3.60 16.97 42.62
N LYS B 724 3.21 15.71 42.41
CA LYS B 724 4.09 14.54 42.62
C LYS B 724 4.27 13.68 41.38
N GLN B 725 5.35 12.94 41.36
CA GLN B 725 5.65 11.97 40.32
C GLN B 725 5.61 12.61 38.95
N ARG B 726 6.23 13.77 38.83
CA ARG B 726 6.14 14.60 37.59
C ARG B 726 6.92 14.08 36.39
N PHE B 727 8.10 13.49 36.65
CA PHE B 727 8.88 12.81 35.63
C PHE B 727 8.13 11.64 35.08
N GLU B 728 7.71 10.75 35.98
CA GLU B 728 6.89 9.60 35.66
C GLU B 728 5.68 9.99 34.85
N LYS B 729 5.07 11.14 35.14
CA LYS B 729 3.87 11.53 34.47
C LYS B 729 4.15 11.95 33.00
N MET B 730 5.42 12.08 32.65
CA MET B 730 5.83 12.39 31.26
C MET B 730 6.33 11.15 30.51
N ILE B 731 6.32 10.01 31.20
CA ILE B 731 6.91 8.80 30.72
C ILE B 731 5.93 7.62 30.71
N SER B 732 5.20 7.39 31.81
CA SER B 732 4.55 6.09 32.01
C SER B 732 3.17 5.92 31.40
N GLY B 733 2.75 4.67 31.33
CA GLY B 733 1.56 4.28 30.60
C GLY B 733 0.23 4.72 31.16
N MET B 734 0.19 4.99 32.44
CA MET B 734 -0.99 5.56 33.06
C MET B 734 -1.24 7.01 32.65
N TYR B 735 -0.19 7.71 32.18
CA TYR B 735 -0.23 9.15 31.95
C TYR B 735 -0.08 9.55 30.52
N LEU B 736 0.74 8.84 29.75
CA LEU B 736 1.02 9.29 28.37
C LEU B 736 -0.25 9.60 27.60
N GLY B 737 -1.31 8.81 27.80
CA GLY B 737 -2.56 8.95 27.06
C GLY B 737 -3.38 10.17 27.44
N GLU B 738 -3.26 10.53 28.69
CA GLU B 738 -3.82 11.76 29.22
C GLU B 738 -3.14 13.01 28.70
N ILE B 739 -1.84 12.93 28.42
CA ILE B 739 -1.14 14.05 27.76
C ILE B 739 -1.62 14.17 26.34
N VAL B 740 -1.66 13.05 25.62
CA VAL B 740 -2.23 13.03 24.27
C VAL B 740 -3.61 13.66 24.29
N ARG B 741 -4.47 13.21 25.16
CA ARG B 741 -5.89 13.61 25.18
C ARG B 741 -6.02 15.10 25.38
N ASN B 742 -5.26 15.59 26.33
CA ASN B 742 -5.15 17.01 26.56
C ASN B 742 -4.67 17.83 25.38
N ILE B 743 -3.73 17.28 24.60
CA ILE B 743 -3.28 17.96 23.37
C ILE B 743 -4.39 17.91 22.37
N LEU B 744 -5.09 16.80 22.28
CA LEU B 744 -6.15 16.70 21.30
C LEU B 744 -7.28 17.63 21.64
N ILE B 745 -7.59 17.77 22.93
CA ILE B 745 -8.64 18.71 23.33
C ILE B 745 -8.21 20.15 23.01
N ASP B 746 -6.98 20.51 23.32
CA ASP B 746 -6.52 21.85 23.00
C ASP B 746 -6.57 22.17 21.49
N PHE B 747 -6.14 21.22 20.67
CA PHE B 747 -6.26 21.36 19.21
C PHE B 747 -7.67 21.53 18.80
N THR B 748 -8.53 20.69 19.35
CA THR B 748 -9.90 20.68 18.93
C THR B 748 -10.52 22.01 19.21
N LYS B 749 -10.43 22.47 20.45
CA LYS B 749 -11.10 23.72 20.80
C LYS B 749 -10.52 24.90 20.07
N ARG B 750 -9.28 24.76 19.58
CA ARG B 750 -8.63 25.76 18.72
C ARG B 750 -8.94 25.65 17.24
N GLY B 751 -9.91 24.81 16.87
CA GLY B 751 -10.28 24.65 15.47
C GLY B 751 -9.33 23.78 14.67
N LEU B 752 -8.34 23.17 15.31
CA LEU B 752 -7.29 22.48 14.57
C LEU B 752 -7.51 20.98 14.42
N LEU B 753 -8.64 20.47 14.91
CA LEU B 753 -8.92 19.02 14.85
C LEU B 753 -10.38 18.78 15.11
N PHE B 754 -10.83 17.61 14.67
CA PHE B 754 -12.19 17.11 14.86
C PHE B 754 -13.29 18.08 14.49
N ARG B 755 -13.02 18.98 13.54
CA ARG B 755 -13.93 20.09 13.23
C ARG B 755 -14.25 20.96 14.48
N GLY B 756 -13.30 21.12 15.40
CA GLY B 756 -13.56 21.86 16.66
C GLY B 756 -14.71 21.35 17.53
N ARG B 757 -15.11 20.10 17.35
CA ARG B 757 -16.14 19.44 18.14
C ARG B 757 -15.51 18.58 19.26
N ILE B 758 -15.67 18.98 20.53
CA ILE B 758 -15.08 18.18 21.63
C ILE B 758 -16.03 17.05 21.97
N SER B 759 -15.89 16.00 21.16
CA SER B 759 -16.49 14.70 21.38
C SER B 759 -16.51 14.43 22.90
N GLU B 760 -17.62 13.99 23.43
CA GLU B 760 -17.76 13.74 24.88
C GLU B 760 -16.85 12.63 25.39
N ARG B 761 -16.54 11.73 24.48
CA ARG B 761 -15.71 10.60 24.77
C ARG B 761 -14.27 11.12 24.92
N LEU B 762 -13.93 12.17 24.16
CA LEU B 762 -12.65 12.85 24.29
C LEU B 762 -12.40 13.37 25.71
N LYS B 763 -13.48 13.60 26.46
CA LYS B 763 -13.46 14.15 27.83
C LYS B 763 -13.38 13.05 28.89
N THR B 764 -13.30 11.81 28.44
CA THR B 764 -13.26 10.67 29.32
C THR B 764 -11.80 10.31 29.64
N ARG B 765 -11.41 10.40 30.90
CA ARG B 765 -10.06 10.04 31.33
C ARG B 765 -9.76 8.62 30.96
N GLY B 766 -8.53 8.35 30.57
CA GLY B 766 -8.05 6.99 30.48
C GLY B 766 -8.30 6.27 29.19
N ILE B 767 -8.97 6.89 28.22
CA ILE B 767 -9.28 6.20 26.97
C ILE B 767 -8.04 5.77 26.15
N PHE B 768 -6.96 6.53 26.24
CA PHE B 768 -5.80 6.21 25.44
C PHE B 768 -4.91 5.31 26.22
N GLU B 769 -5.33 4.07 26.30
CA GLU B 769 -4.64 3.11 27.07
C GLU B 769 -3.40 2.82 26.37
N THR B 770 -2.53 2.11 27.05
CA THR B 770 -1.24 1.79 26.55
C THR B 770 -1.32 0.86 25.38
N LYS B 771 -2.28 -0.06 25.35
CA LYS B 771 -2.37 -0.99 24.23
C LYS B 771 -2.78 -0.24 22.98
N PHE B 772 -3.53 0.85 23.12
CA PHE B 772 -3.99 1.63 21.98
C PHE B 772 -2.96 2.58 21.50
N LEU B 773 -2.27 3.26 22.41
CA LEU B 773 -1.16 4.10 22.04
C LEU B 773 -0.14 3.33 21.21
N SER B 774 0.13 2.09 21.62
CA SER B 774 1.07 1.20 20.95
C SER B 774 0.62 0.77 19.59
N GLN B 775 -0.62 0.30 19.51
CA GLN B 775 -1.25 -0.07 18.25
C GLN B 775 -1.28 1.10 17.24
N ILE B 776 -1.77 2.25 17.67
CA ILE B 776 -1.91 3.43 16.78
C ILE B 776 -0.61 3.78 16.06
N GLU B 777 0.52 3.50 16.66
CA GLU B 777 1.80 3.95 16.16
C GLU B 777 2.50 2.91 15.35
N SER B 778 1.87 1.76 15.13
CA SER B 778 2.49 0.67 14.36
C SER B 778 2.75 1.04 12.95
N ASP B 779 3.94 0.69 12.50
CA ASP B 779 4.33 0.92 11.12
C ASP B 779 3.54 0.03 10.15
N CYS B 780 2.79 -0.96 10.64
CA CYS B 780 2.02 -1.86 9.77
C CYS B 780 0.71 -1.30 9.33
N LEU B 781 0.21 -0.33 10.04
CA LEU B 781 -1.15 0.07 9.84
C LEU B 781 -1.21 1.03 8.71
N ALA B 782 -2.15 0.78 7.80
CA ALA B 782 -2.53 1.81 6.83
C ALA B 782 -3.31 2.81 7.63
N LEU B 783 -3.63 3.94 7.03
CA LEU B 783 -4.28 5.03 7.78
C LEU B 783 -5.76 4.78 8.08
N LEU B 784 -6.42 4.05 7.19
CA LEU B 784 -7.84 3.74 7.37
C LEU B 784 -7.99 2.81 8.54
N GLN B 785 -6.92 2.06 8.82
CA GLN B 785 -6.85 1.16 9.98
C GLN B 785 -6.68 1.93 11.27
N VAL B 786 -5.76 2.90 11.27
CA VAL B 786 -5.57 3.85 12.38
C VAL B 786 -6.90 4.50 12.70
N ARG B 787 -7.52 5.04 11.68
CA ARG B 787 -8.83 5.61 11.84
C ARG B 787 -9.82 4.62 12.47
N ALA B 788 -9.86 3.39 11.95
CA ALA B 788 -10.74 2.34 12.50
C ALA B 788 -10.52 2.08 14.00
N ILE B 789 -9.26 2.11 14.43
CA ILE B 789 -8.89 1.97 15.85
C ILE B 789 -9.48 3.07 16.69
N LEU B 790 -9.57 4.27 16.14
CA LEU B 790 -10.07 5.43 16.88
C LEU B 790 -11.59 5.39 17.02
N GLN B 791 -12.26 4.84 16.02
CA GLN B 791 -13.70 4.79 16.06
C GLN B 791 -14.10 3.68 16.97
N HIS B 792 -13.27 2.66 17.06
CA HIS B 792 -13.39 1.67 18.13
C HIS B 792 -13.24 2.27 19.52
N LEU B 793 -12.27 3.18 19.72
CA LEU B 793 -12.11 3.88 21.03
C LEU B 793 -13.37 4.67 21.28
N GLY B 794 -14.03 5.10 20.22
CA GLY B 794 -15.30 5.83 20.31
C GLY B 794 -15.14 7.27 19.92
N LEU B 795 -14.16 7.54 19.05
CA LEU B 795 -13.83 8.88 18.55
C LEU B 795 -14.07 8.92 17.04
N GLU B 796 -15.04 9.74 16.58
CA GLU B 796 -15.38 9.88 15.16
C GLU B 796 -14.26 10.64 14.49
N SER B 797 -13.60 10.02 13.53
CA SER B 797 -12.40 10.61 12.91
C SER B 797 -12.39 10.52 11.42
N THR B 798 -11.93 11.58 10.74
CA THR B 798 -11.61 11.51 9.31
C THR B 798 -10.20 10.96 9.21
N CYS B 799 -9.76 10.57 8.04
CA CYS B 799 -8.39 10.11 7.88
C CYS B 799 -7.41 11.22 8.25
N ASP B 800 -7.75 12.43 7.87
CA ASP B 800 -6.94 13.62 8.24
C ASP B 800 -6.84 13.84 9.73
N ASP B 801 -7.94 13.62 10.45
CA ASP B 801 -7.92 13.62 11.92
C ASP B 801 -6.91 12.57 12.45
N SER B 802 -6.91 11.41 11.81
CA SER B 802 -6.09 10.27 12.22
C SER B 802 -4.65 10.56 11.97
N ILE B 803 -4.35 11.29 10.91
CA ILE B 803 -2.97 11.68 10.66
C ILE B 803 -2.43 12.46 11.86
N ILE B 804 -3.26 13.36 12.40
CA ILE B 804 -2.88 14.25 13.46
C ILE B 804 -2.79 13.49 14.75
N VAL B 805 -3.73 12.57 14.98
CA VAL B 805 -3.73 11.84 16.24
C VAL B 805 -2.48 10.96 16.36
N LYS B 806 -2.19 10.18 15.34
CA LYS B 806 -1.00 9.35 15.28
C LYS B 806 0.28 10.17 15.56
N GLU B 807 0.35 11.39 15.07
CA GLU B 807 1.55 12.22 15.23
C GLU B 807 1.70 12.69 16.65
N VAL B 808 0.60 13.18 17.22
CA VAL B 808 0.58 13.57 18.63
C VAL B 808 0.99 12.39 19.52
N CYS B 809 0.42 11.20 19.32
CA CYS B 809 0.88 10.04 20.07
C CYS B 809 2.36 9.80 19.80
N THR B 810 2.77 9.95 18.55
CA THR B 810 4.15 9.64 18.19
C THR B 810 5.13 10.56 18.92
N VAL B 811 4.85 11.86 18.88
CA VAL B 811 5.65 12.90 19.57
C VAL B 811 5.70 12.66 21.11
N VAL B 812 4.57 12.26 21.71
CA VAL B 812 4.49 12.06 23.16
C VAL B 812 5.25 10.81 23.61
N ALA B 813 5.07 9.70 22.90
CA ALA B 813 5.82 8.49 23.23
C ALA B 813 7.29 8.64 22.90
N ARG B 814 7.62 9.42 21.90
CA ARG B 814 9.02 9.65 21.58
C ARG B 814 9.70 10.45 22.66
N ARG B 815 9.09 11.53 23.12
CA ARG B 815 9.61 12.28 24.28
C ARG B 815 9.74 11.39 25.51
N ALA B 816 8.72 10.56 25.73
CA ALA B 816 8.70 9.67 26.88
C ALA B 816 9.89 8.74 26.84
N ALA B 817 10.05 8.02 25.73
CA ALA B 817 11.24 7.17 25.48
C ALA B 817 12.55 7.90 25.73
N GLN B 818 12.63 9.13 25.23
CA GLN B 818 13.85 9.91 25.28
C GLN B 818 14.17 10.45 26.66
N LEU B 819 13.16 10.84 27.41
CA LEU B 819 13.36 11.25 28.77
C LEU B 819 13.82 10.07 29.60
N CYS B 820 13.28 8.91 29.32
CA CYS B 820 13.68 7.70 30.00
C CYS B 820 15.13 7.40 29.68
N GLY B 821 15.55 7.71 28.43
CA GLY B 821 16.92 7.50 28.02
C GLY B 821 17.86 8.48 28.70
N ALA B 822 17.46 9.75 28.80
CA ALA B 822 18.27 10.72 29.49
C ALA B 822 18.51 10.24 30.93
N GLY B 823 17.45 9.72 31.54
CA GLY B 823 17.53 9.23 32.89
C GLY B 823 18.44 8.05 33.05
N MET B 824 18.28 7.05 32.18
CA MET B 824 19.11 5.85 32.22
C MET B 824 20.58 6.14 31.89
N ALA B 825 20.79 7.02 30.93
CA ALA B 825 22.11 7.53 30.65
C ALA B 825 22.79 8.07 31.92
N ALA B 826 22.07 8.80 32.76
CA ALA B 826 22.68 9.33 33.98
C ALA B 826 23.12 8.18 34.83
N VAL B 827 22.25 7.19 34.95
CA VAL B 827 22.44 6.09 35.89
C VAL B 827 23.63 5.24 35.51
N VAL B 828 23.74 4.91 34.23
CA VAL B 828 24.84 4.05 33.77
C VAL B 828 26.17 4.80 33.81
N ASP B 829 26.24 6.03 33.32
CA ASP B 829 27.48 6.82 33.45
C ASP B 829 27.93 6.91 34.89
N ARG B 830 26.96 6.99 35.79
CA ARG B 830 27.18 7.06 37.23
C ARG B 830 27.85 5.81 37.80
N ILE B 831 27.30 4.65 37.48
CA ILE B 831 27.91 3.38 37.83
C ILE B 831 29.37 3.28 37.30
N ARG B 832 29.61 3.87 36.13
CA ARG B 832 30.96 3.91 35.55
C ARG B 832 31.86 4.86 36.38
N GLU B 833 31.56 6.15 36.38
CA GLU B 833 32.30 7.13 37.18
C GLU B 833 32.57 6.65 38.62
N ASN B 834 31.60 5.95 39.22
CA ASN B 834 31.76 5.45 40.58
C ASN B 834 32.85 4.44 40.77
N ARG B 835 33.24 3.78 39.70
CA ARG B 835 34.22 2.70 39.75
C ARG B 835 35.49 3.09 39.00
N GLY B 836 35.62 4.40 38.73
CA GLY B 836 36.75 4.98 37.96
C GLY B 836 37.09 4.18 36.72
N LEU B 837 36.06 3.61 36.07
CA LEU B 837 36.22 2.87 34.82
C LEU B 837 36.13 3.89 33.72
N ASP B 838 36.70 3.55 32.57
CA ASP B 838 36.56 4.39 31.40
C ASP B 838 35.58 3.76 30.40
N ALA B 839 35.22 2.51 30.66
CA ALA B 839 34.22 1.82 29.86
C ALA B 839 33.43 0.87 30.74
N LEU B 840 32.10 0.92 30.61
CA LEU B 840 31.22 0.06 31.37
C LEU B 840 30.39 -0.74 30.42
N LYS B 841 30.25 -2.00 30.74
CA LYS B 841 29.41 -2.91 30.03
C LYS B 841 28.39 -3.36 31.06
N VAL B 842 27.10 -3.16 30.77
CA VAL B 842 26.07 -3.33 31.78
C VAL B 842 24.74 -3.68 31.16
N THR B 843 24.03 -4.57 31.84
CA THR B 843 22.68 -4.96 31.50
C THR B 843 21.68 -4.27 32.46
N VAL B 844 20.51 -3.97 31.91
CA VAL B 844 19.40 -3.39 32.61
C VAL B 844 18.33 -4.42 32.46
N GLY B 845 17.70 -4.81 33.56
CA GLY B 845 16.49 -5.66 33.54
C GLY B 845 15.26 -4.78 33.54
N VAL B 846 14.34 -5.05 32.59
CA VAL B 846 13.17 -4.17 32.28
C VAL B 846 11.87 -4.90 32.26
N ASP B 847 10.83 -4.27 32.79
CA ASP B 847 9.49 -4.83 32.69
C ASP B 847 8.54 -3.66 32.59
N GLY B 848 7.26 -3.93 32.38
CA GLY B 848 6.28 -2.88 32.18
C GLY B 848 5.58 -3.07 30.87
N THR B 849 4.28 -2.84 30.81
CA THR B 849 3.50 -3.09 29.61
C THR B 849 3.71 -2.07 28.51
N LEU B 850 4.15 -0.86 28.83
CA LEU B 850 4.45 0.13 27.81
C LEU B 850 5.74 -0.26 27.10
N TYR B 851 6.78 -0.54 27.87
CA TYR B 851 8.03 -0.98 27.28
C TYR B 851 7.84 -2.18 26.34
N LYS B 852 7.01 -3.14 26.72
CA LYS B 852 6.90 -4.36 25.92
C LYS B 852 5.84 -4.38 24.85
N LEU B 853 4.89 -3.43 24.88
CA LEU B 853 3.82 -3.37 23.85
C LEU B 853 4.12 -2.38 22.75
N HIS B 854 4.72 -1.25 23.12
CA HIS B 854 4.91 -0.16 22.19
C HIS B 854 5.94 -0.50 21.12
N PRO B 855 5.66 -0.15 19.87
CA PRO B 855 6.56 -0.51 18.79
C PRO B 855 7.90 0.23 18.77
N HIS B 856 7.98 1.45 19.34
CA HIS B 856 9.19 2.29 19.18
C HIS B 856 9.88 2.77 20.45
N PHE B 857 9.18 2.73 21.59
CA PHE B 857 9.73 3.12 22.90
C PHE B 857 11.07 2.44 23.23
N ALA B 858 11.06 1.13 23.24
CA ALA B 858 12.25 0.37 23.55
C ALA B 858 13.39 0.92 22.68
N LYS B 859 13.23 0.88 21.37
CA LYS B 859 14.27 1.30 20.42
C LYS B 859 14.73 2.73 20.69
N VAL B 860 13.79 3.66 20.75
CA VAL B 860 14.10 5.09 21.00
C VAL B 860 14.84 5.32 22.32
N MET B 861 14.58 4.53 23.34
CA MET B 861 15.34 4.71 24.55
C MET B 861 16.74 4.17 24.41
N HIS B 862 16.86 2.93 23.95
CA HIS B 862 18.17 2.31 23.69
C HIS B 862 19.04 3.26 22.88
N GLU B 863 18.50 3.81 21.79
CA GLU B 863 19.20 4.81 20.97
C GLU B 863 19.70 5.96 21.82
N THR B 864 18.81 6.51 22.62
CA THR B 864 19.08 7.70 23.43
C THR B 864 20.16 7.44 24.44
N VAL B 865 20.15 6.25 25.05
CA VAL B 865 21.16 5.85 26.00
C VAL B 865 22.50 5.77 25.26
N LYS B 866 22.48 5.12 24.10
CA LYS B 866 23.66 5.01 23.26
C LYS B 866 24.25 6.36 22.99
N ASP B 867 23.44 7.30 22.52
CA ASP B 867 23.93 8.64 22.18
C ASP B 867 24.41 9.46 23.39
N LEU B 868 23.71 9.34 24.52
CA LEU B 868 23.97 10.20 25.67
C LEU B 868 25.01 9.62 26.63
N ALA B 869 25.24 8.30 26.56
CA ALA B 869 26.18 7.60 27.47
C ALA B 869 27.15 6.73 26.72
N PRO B 870 28.02 7.34 25.87
CA PRO B 870 28.76 6.56 24.84
C PRO B 870 29.86 5.65 25.38
N LYS B 871 30.34 5.94 26.59
CA LYS B 871 31.40 5.14 27.19
C LYS B 871 30.86 3.87 27.82
N CYS B 872 29.54 3.69 27.75
CA CYS B 872 28.88 2.52 28.34
C CYS B 872 28.25 1.68 27.23
N ASP B 873 28.35 0.38 27.37
CA ASP B 873 27.79 -0.53 26.42
C ASP B 873 26.61 -1.20 27.11
N VAL B 874 25.41 -0.61 26.92
CA VAL B 874 24.18 -0.98 27.66
C VAL B 874 23.27 -1.98 26.92
N SER B 875 23.06 -3.14 27.51
CA SER B 875 22.12 -4.10 26.98
C SER B 875 20.88 -4.09 27.85
N PHE B 876 19.70 -4.22 27.25
CA PHE B 876 18.46 -4.19 28.00
C PHE B 876 17.81 -5.53 27.88
N LEU B 877 17.57 -6.18 29.02
CA LEU B 877 17.01 -7.52 29.05
C LEU B 877 15.59 -7.45 29.56
N GLN B 878 14.65 -7.97 28.80
CA GLN B 878 13.23 -7.94 29.14
C GLN B 878 12.86 -9.11 30.06
N SER B 879 12.26 -8.80 31.21
CA SER B 879 11.95 -9.83 32.19
C SER B 879 10.78 -10.63 31.67
N GLU B 880 10.91 -11.94 31.71
CA GLU B 880 9.88 -12.85 31.20
C GLU B 880 8.99 -13.34 32.31
N ASP B 881 9.52 -13.35 33.53
CA ASP B 881 8.89 -13.98 34.72
C ASP B 881 8.28 -13.06 35.78
N GLY B 882 8.34 -11.76 35.57
CA GLY B 882 7.79 -10.81 36.53
C GLY B 882 8.73 -10.64 37.71
N SER B 883 8.45 -9.60 38.50
CA SER B 883 9.23 -9.29 39.68
C SER B 883 9.23 -10.43 40.68
N GLY B 884 8.16 -11.21 40.76
CA GLY B 884 8.04 -12.23 41.79
C GLY B 884 9.21 -13.20 41.93
N LYS B 885 9.90 -13.46 40.82
CA LYS B 885 11.01 -14.38 40.80
C LYS B 885 12.14 -13.77 41.56
N GLY B 886 12.48 -12.54 41.20
CA GLY B 886 13.56 -11.82 41.84
C GLY B 886 13.32 -11.63 43.32
N ALA B 887 12.10 -11.27 43.69
CA ALA B 887 11.71 -11.09 45.08
C ALA B 887 11.89 -12.37 45.91
N ALA B 888 11.59 -13.52 45.27
CA ALA B 888 11.74 -14.84 45.91
C ALA B 888 13.20 -15.21 46.03
N LEU B 889 14.02 -14.80 45.06
CA LEU B 889 15.46 -15.06 45.08
C LEU B 889 16.16 -14.25 46.18
N ILE B 890 15.79 -12.99 46.32
CA ILE B 890 16.26 -12.16 47.42
C ILE B 890 15.90 -12.81 48.77
N THR B 891 14.64 -13.18 48.94
CA THR B 891 14.20 -13.94 50.12
C THR B 891 15.07 -15.16 50.43
N ALA B 892 15.41 -15.93 49.40
CA ALA B 892 16.23 -17.13 49.57
C ALA B 892 17.67 -16.79 49.97
N VAL B 893 18.15 -15.65 49.51
CA VAL B 893 19.44 -15.17 49.97
C VAL B 893 19.32 -14.56 51.40
N ALA B 894 18.10 -14.11 51.77
CA ALA B 894 17.82 -13.66 53.15
C ALA B 894 17.87 -14.86 54.07
N CYS B 895 17.01 -15.85 53.79
CA CYS B 895 16.95 -17.09 54.57
C CYS B 895 18.33 -17.75 54.73
N ARG B 896 19.26 -17.37 53.88
CA ARG B 896 20.63 -17.80 53.99
C ARG B 896 21.41 -17.00 55.04
N ILE B 897 21.30 -15.68 54.98
CA ILE B 897 21.92 -14.80 55.97
C ILE B 897 21.77 -15.44 57.35
N ARG B 898 20.51 -15.65 57.73
CA ARG B 898 20.18 -16.20 59.05
C ARG B 898 20.34 -17.76 59.12
N GLU B 899 21.53 -18.24 58.71
CA GLU B 899 21.93 -19.67 58.78
C GLU B 899 23.39 -19.86 58.31
C1 GLC C . -5.56 -22.87 20.19
C2 GLC C . -4.51 -22.36 19.19
C3 GLC C . -4.93 -22.67 17.71
C4 GLC C . -5.25 -24.15 17.54
C5 GLC C . -6.06 -24.64 18.74
C6 GLC C . -6.04 -26.22 18.81
O1 GLC C . -6.80 -22.23 19.84
O2 GLC C . -4.33 -20.97 19.47
O3 GLC C . -3.95 -22.38 16.71
O4 GLC C . -5.93 -24.37 16.25
O5 GLC C . -5.52 -24.25 20.00
O6 GLC C . -4.74 -26.78 19.00
C1 BG6 D . -3.84 -34.35 16.79
C2 BG6 D . -3.32 -33.61 15.57
O1 BG6 D . -4.55 -35.48 16.31
O5 BG6 D . -4.81 -33.56 17.49
C3 BG6 D . -2.73 -32.24 16.02
O2 BG6 D . -2.32 -34.38 14.92
C4 BG6 D . -3.75 -31.46 16.87
O3 BG6 D . -2.26 -31.46 14.87
C5 BG6 D . -4.27 -32.35 18.03
O4 BG6 D . -3.12 -30.31 17.39
C6 BG6 D . -5.35 -31.61 18.88
O6 BG6 D . -5.86 -32.41 19.92
P BG6 D . -5.10 -32.62 21.32
O1P BG6 D . -4.83 -31.31 21.98
O2P BG6 D . -3.75 -33.39 21.13
O3P BG6 D . -6.13 -33.42 22.13
C1 GLC E . 14.67 0.08 -38.89
C2 GLC E . 15.34 0.71 -40.09
C3 GLC E . 16.27 1.80 -39.67
C4 GLC E . 15.52 2.81 -38.80
C5 GLC E . 14.94 2.10 -37.64
C6 GLC E . 14.15 3.14 -36.79
O1 GLC E . 15.63 -0.63 -38.16
O2 GLC E . 16.14 -0.26 -40.71
O3 GLC E . 16.78 2.45 -40.81
O4 GLC E . 16.42 3.79 -38.34
O5 GLC E . 14.07 1.06 -38.07
O6 GLC E . 12.81 3.29 -37.24
C1 BG6 F . 8.91 9.45 -34.87
C2 BG6 F . 9.90 10.11 -35.82
O1 BG6 F . 8.87 10.21 -33.70
O5 BG6 F . 9.44 8.27 -34.36
C3 BG6 F . 10.23 9.12 -36.97
O2 BG6 F . 9.33 11.34 -36.32
C4 BG6 F . 10.70 7.78 -36.39
O3 BG6 F . 11.22 9.61 -37.90
C5 BG6 F . 9.73 7.28 -35.32
O4 BG6 F . 10.69 6.87 -37.49
C6 BG6 F . 10.25 6.11 -34.46
O6 BG6 F . 9.23 5.74 -33.54
P BG6 F . 8.08 4.75 -33.95
O1P BG6 F . 8.63 3.61 -34.78
O2P BG6 F . 6.79 5.46 -34.57
O3P BG6 F . 7.57 4.29 -32.63
UNK UNX G . -13.83 -7.96 17.95
UNK UNX H . -13.53 -10.04 15.26
UNK UNX I . 0.47 -32.24 18.77
UNK UNX J . -0.60 -21.73 12.40
UNK UNX K . -20.14 -39.01 21.08
UNK UNX L . 8.93 -15.82 -12.48
UNK UNX M . -10.05 -9.21 -2.11
UNK UNX N . 17.38 -20.73 -24.63
UNK UNX O . -7.88 -20.19 18.93
UNK UNX P . 5.27 -32.19 -4.91
UNK UNX Q . 33.56 -12.78 -30.93
UNK UNX R . -8.92 -11.16 -1.60
C1 GLC S . -9.48 20.23 -21.81
C2 GLC S . -8.65 19.97 -20.55
C3 GLC S . -9.53 19.98 -19.33
C4 GLC S . -10.32 21.28 -19.31
C5 GLC S . -11.10 21.45 -20.61
C6 GLC S . -11.91 22.80 -20.63
O1 GLC S . -10.45 19.21 -21.91
O2 GLC S . -8.06 18.69 -20.66
O3 GLC S . -8.72 19.94 -18.17
O4 GLC S . -11.20 21.35 -18.16
O5 GLC S . -10.17 21.45 -21.70
O6 GLC S . -11.03 23.91 -20.49
C1 BG6 T . -13.33 31.20 -18.59
C2 BG6 T . -12.81 30.62 -17.26
O1 BG6 T . -14.45 32.04 -18.34
O5 BG6 T . -13.82 30.12 -19.39
C3 BG6 T . -11.58 29.75 -17.58
O2 BG6 T . -12.40 31.66 -16.35
C4 BG6 T . -11.96 28.65 -18.59
O3 BG6 T . -10.98 29.18 -16.36
C5 BG6 T . -12.77 29.19 -19.79
O4 BG6 T . -10.72 28.11 -19.07
C6 BG6 T . -13.39 28.08 -20.67
O6 BG6 T . -13.87 28.60 -21.95
P BG6 T . -12.89 29.07 -23.14
O1P BG6 T . -11.85 28.06 -23.51
O2P BG6 T . -12.21 30.46 -22.76
O3P BG6 T . -13.97 29.32 -24.27
C1 GLC U . 5.95 4.09 40.71
C2 GLC U . 6.44 3.75 42.11
C3 GLC U . 7.70 2.93 42.11
C4 GLC U . 7.63 1.80 41.08
C5 GLC U . 7.18 2.33 39.74
C6 GLC U . 7.05 1.09 38.83
O1 GLC U . 6.76 5.12 40.20
O2 GLC U . 6.76 4.95 42.78
O3 GLC U . 7.90 2.33 43.40
O4 GLC U . 8.91 1.14 40.95
O5 GLC U . 5.94 2.96 39.82
O6 GLC U . 5.96 0.24 39.15
C1 BG6 V . 5.07 -6.87 36.30
C2 BG6 V . 6.14 -6.98 37.35
O1 BG6 V . 5.31 -7.82 35.29
O5 BG6 V . 5.28 -5.60 35.77
C3 BG6 V . 5.72 -6.06 38.47
O2 BG6 V . 6.24 -8.33 37.80
C4 BG6 V . 5.79 -4.65 37.91
O3 BG6 V . 6.56 -6.23 39.62
C5 BG6 V . 4.89 -4.56 36.67
O4 BG6 V . 5.35 -3.71 38.92
C6 BG6 V . 5.03 -3.22 35.96
O6 BG6 V . 4.32 -3.18 34.74
P BG6 V . 2.79 -2.74 34.66
O1P BG6 V . 2.55 -1.52 35.52
O2P BG6 V . 1.93 -3.99 34.91
O3P BG6 V . 2.62 -2.48 33.17
UNK UNX W . 7.03 28.21 -24.20
UNK UNX X . -6.93 18.15 -12.69
UNK UNX Y . 27.51 4.08 53.72
UNK UNX Z . -6.08 30.21 -50.04
UNK UNX AA . -12.76 4.72 -0.14
UNK UNX BA . 8.64 -0.89 23.33
UNK UNX CA . 2.21 5.91 21.05
UNK UNX DA . -5.44 -7.15 40.39
UNK UNX EA . 10.16 -8.09 36.21
UNK UNX FA . -10.30 24.49 6.29
UNK UNX GA . -0.28 17.90 12.36
UNK UNX HA . 17.25 14.31 44.68
UNK UNX IA . 3.18 24.60 26.41
UNK UNX JA . -31.68 27.52 -16.34
UNK UNX KA . -12.15 9.85 6.13
UNK UNX LA . -12.03 7.22 -0.55
#